data_6F33
#
_entry.id   6F33
#
_cell.length_a   74.492
_cell.length_b   126.935
_cell.length_c   112.245
_cell.angle_alpha   90.00
_cell.angle_beta   96.75
_cell.angle_gamma   90.00
#
_symmetry.space_group_name_H-M   'P 1 21 1'
#
loop_
_entity.id
_entity.type
_entity.pdbx_description
1 polymer 'Ectonucleotide pyrophosphatase/phosphodiesterase family member 3'
2 branched 2-acetamido-2-deoxy-beta-D-glucopyranose-(1-4)-2-acetamido-2-deoxy-beta-D-glucopyranose
3 non-polymer "5'-O-[(S)-hydroxy{[(S)-hydroxy(phosphonooxy)phosphoryl]amino}phosphoryl]adenosine"
4 non-polymer 'ZINC ION'
5 non-polymer 'CALCIUM ION'
6 non-polymer 2-acetamido-2-deoxy-beta-D-glucopyranose
#
_entity_poly.entity_id   1
_entity_poly.type   'polypeptide(L)'
_entity_poly.pdbx_seq_one_letter_code
;AETGWVTEACASSQEPQCPEGFDQPPVILFSMDGFRAEYLQTWSTLLPNINKLKTCGLHSKYMRAVYPTKAFPNHYTIVT
GLYPESHGIIDNNMYDVYLNKNFSLSSVEKSNPAWWSGQPIWLTAMYQGLKAASYYWPGSDVAVNGSFPNIYRNYSNSVP
YESRIATLLQWLDLPKAERPSFYTIYVEEPDSAGHKSGPVSAGVIKALQLVDDAFGMLMEGLKQRNLHNCVNIIVLADHG
MDQTSCDRVEYMTDYFPEINFYMYQGPAPRIRTRNIPQDFFTFNSEEIVRDLSCRKSDQHFKPYLTPDLPKRLHYAKNVR
IDKVHLMVDRQWLAYRNKGSSNCEGGTHGYNNEFKSMEAIFLAHGPSFKEKTVIEPFENIEVYNLLCDLLHIQPAPNNGS
HGSLNHLLKAPFYQPSHAEELSKSAGCGFTTPLPKDSLNCSCLALQTSGQEEQVNQRLNLNRGEVSATEKTNLPFGRPRV
IQKNKDHCLLYHREYVSGFGKAMKMPMWSSYTVPKPGDTSSLPPTVPDCLRADVRVDPSESQKCSFYLADQNIDHGFLYP
PAIKGNNESQYDALITSNLVPMYKEFKKMWDYFHKVLLIKYAIERNGVNVVSGPIFDYNYDGHFDAPDEITNYVAGTDVP
VPTHYFVVLTSCKNKTHTPDSCPGWLDVLPFVVPHRPTNVESCPENKAEDLWVEERFKAHIARVRDVELLTGLDFYQEKT
QPVSEILQLKTYLPTFETIIGTKHHHHHH
;
_entity_poly.pdbx_strand_id   A,B
#
loop_
_chem_comp.id
_chem_comp.type
_chem_comp.name
_chem_comp.formula
CA non-polymer 'CALCIUM ION' 'Ca 2'
NAG D-saccharide, beta linking 2-acetamido-2-deoxy-beta-D-glucopyranose 'C8 H15 N O6'
ZAN non-polymer 5'-O-[(S)-hydroxy{[(S)-hydroxy(phosphonooxy)phosphoryl]amino}phosphoryl]adenosine 'C10 H17 N6 O12 P3'
ZN non-polymer 'ZINC ION' 'Zn 2'
#
# COMPACT_ATOMS: atom_id res chain seq x y z
N TRP A 5 29.48 27.39 0.53
CA TRP A 5 28.10 27.69 0.17
C TRP A 5 27.11 26.84 0.97
N VAL A 6 27.40 25.53 1.13
CA VAL A 6 26.57 24.55 1.84
C VAL A 6 26.48 24.89 3.36
N THR A 7 27.54 25.50 3.92
CA THR A 7 27.61 25.91 5.33
C THR A 7 27.01 27.31 5.51
N GLU A 8 27.05 28.14 4.46
CA GLU A 8 26.55 29.52 4.44
C GLU A 8 25.05 29.65 4.65
N ALA A 9 24.60 30.86 5.03
CA ALA A 9 23.20 31.22 5.28
C ALA A 9 22.54 31.78 4.01
N CYS A 10 21.20 31.94 4.04
CA CYS A 10 20.42 32.48 2.93
C CYS A 10 20.69 33.98 2.77
N ALA A 11 20.95 34.43 1.53
CA ALA A 11 21.23 35.83 1.21
C ALA A 11 19.97 36.69 1.29
N PRO A 16 19.95 42.07 -6.55
CA PRO A 16 20.97 41.14 -7.07
C PRO A 16 22.38 41.45 -6.55
N GLN A 17 23.12 40.39 -6.21
CA GLN A 17 24.51 40.47 -5.72
C GLN A 17 25.47 40.12 -6.87
N CYS A 18 25.20 40.68 -8.06
CA CYS A 18 25.98 40.45 -9.28
C CYS A 18 27.16 41.41 -9.40
N PRO A 19 28.39 40.95 -9.73
CA PRO A 19 29.54 41.86 -9.81
C PRO A 19 29.66 42.62 -11.14
N GLU A 20 30.71 43.46 -11.29
CA GLU A 20 30.94 44.27 -12.49
C GLU A 20 31.33 43.41 -13.69
N GLY A 21 30.69 43.71 -14.82
CA GLY A 21 30.85 42.98 -16.08
C GLY A 21 29.55 42.35 -16.50
N PHE A 22 28.87 41.69 -15.55
CA PHE A 22 27.57 41.02 -15.73
C PHE A 22 26.44 42.05 -15.45
N ASP A 23 25.59 42.36 -16.47
CA ASP A 23 24.51 43.35 -16.34
C ASP A 23 23.11 42.72 -16.22
N GLN A 24 22.94 41.52 -16.78
CA GLN A 24 21.71 40.74 -16.74
C GLN A 24 21.95 39.40 -16.03
N PRO A 25 20.99 38.87 -15.24
CA PRO A 25 21.24 37.59 -14.55
C PRO A 25 21.25 36.36 -15.46
N PRO A 26 22.31 35.53 -15.42
CA PRO A 26 22.34 34.33 -16.28
C PRO A 26 21.38 33.25 -15.80
N VAL A 27 20.80 32.49 -16.74
CA VAL A 27 19.82 31.44 -16.45
C VAL A 27 20.40 30.07 -16.76
N ILE A 28 20.44 29.18 -15.75
CA ILE A 28 20.93 27.80 -15.89
C ILE A 28 19.77 26.84 -15.62
N LEU A 29 19.50 25.94 -16.57
CA LEU A 29 18.43 24.95 -16.46
C LEU A 29 19.00 23.56 -16.18
N PHE A 30 19.14 23.24 -14.88
CA PHE A 30 19.66 21.97 -14.37
C PHE A 30 18.57 20.91 -14.40
N SER A 31 18.87 19.75 -15.00
CA SER A 31 17.92 18.65 -15.08
C SER A 31 18.48 17.36 -14.50
N MET A 32 17.75 16.79 -13.55
CA MET A 32 18.09 15.54 -12.88
C MET A 32 16.99 14.54 -13.24
N ASP A 33 17.26 13.68 -14.23
CA ASP A 33 16.34 12.67 -14.77
C ASP A 33 15.83 11.73 -13.68
N GLY A 34 14.53 11.48 -13.70
CA GLY A 34 13.85 10.58 -12.76
C GLY A 34 13.83 11.00 -11.31
N PHE A 35 13.95 12.31 -11.03
CA PHE A 35 13.92 12.87 -9.68
C PHE A 35 12.46 13.18 -9.33
N ARG A 36 11.77 12.24 -8.69
CA ARG A 36 10.38 12.41 -8.30
C ARG A 36 10.21 13.39 -7.13
N ALA A 37 8.99 13.93 -6.94
CA ALA A 37 8.63 14.84 -5.86
C ALA A 37 8.80 14.17 -4.49
N GLU A 38 8.56 12.84 -4.43
CA GLU A 38 8.70 11.97 -3.26
C GLU A 38 10.12 12.02 -2.68
N TYR A 39 11.14 12.15 -3.56
CA TYR A 39 12.56 12.22 -3.19
C TYR A 39 12.87 13.50 -2.40
N LEU A 40 12.23 14.62 -2.79
CA LEU A 40 12.38 15.93 -2.16
C LEU A 40 11.51 16.05 -0.90
N GLN A 41 10.35 15.39 -0.86
CA GLN A 41 9.49 15.48 0.32
C GLN A 41 9.89 14.50 1.44
N THR A 42 10.78 13.53 1.14
CA THR A 42 11.22 12.54 2.13
C THR A 42 12.74 12.60 2.41
N TRP A 43 13.58 12.50 1.36
CA TRP A 43 15.04 12.44 1.52
C TRP A 43 15.78 13.77 1.30
N SER A 44 15.09 14.93 1.41
CA SER A 44 15.71 16.25 1.22
C SER A 44 16.84 16.57 2.21
N THR A 45 16.64 16.22 3.50
CA THR A 45 17.59 16.46 4.60
C THR A 45 18.90 15.67 4.44
N LEU A 46 18.87 14.54 3.69
CA LEU A 46 20.05 13.71 3.40
C LEU A 46 20.92 14.37 2.33
N LEU A 47 20.36 15.35 1.59
CA LEU A 47 21.02 16.09 0.52
C LEU A 47 21.36 17.50 1.04
N PRO A 48 22.58 17.74 1.55
CA PRO A 48 22.91 19.06 2.15
C PRO A 48 22.80 20.27 1.22
N ASN A 49 23.25 20.14 -0.04
CA ASN A 49 23.22 21.23 -1.02
C ASN A 49 21.81 21.54 -1.55
N ILE A 50 21.03 20.50 -1.87
CA ILE A 50 19.66 20.61 -2.39
C ILE A 50 18.71 21.17 -1.30
N ASN A 51 18.91 20.75 -0.03
CA ASN A 51 18.13 21.21 1.12
C ASN A 51 18.37 22.69 1.40
N LYS A 52 19.61 23.17 1.14
CA LYS A 52 20.00 24.57 1.30
C LYS A 52 19.34 25.41 0.20
N LEU A 53 19.06 24.80 -0.96
CA LEU A 53 18.42 25.47 -2.09
C LEU A 53 16.89 25.53 -1.92
N LYS A 54 16.26 24.45 -1.40
CA LYS A 54 14.82 24.41 -1.16
C LYS A 54 14.37 25.36 -0.05
N THR A 55 15.23 25.56 0.97
CA THR A 55 14.96 26.44 2.10
C THR A 55 15.13 27.92 1.73
N CYS A 56 16.31 28.30 1.20
CA CYS A 56 16.64 29.67 0.81
C CYS A 56 15.84 30.17 -0.40
N GLY A 57 15.80 29.36 -1.45
CA GLY A 57 15.12 29.70 -2.70
C GLY A 57 13.64 29.41 -2.74
N LEU A 58 13.14 29.07 -3.94
CA LEU A 58 11.75 28.77 -4.24
C LEU A 58 11.61 27.32 -4.75
N HIS A 59 10.50 26.65 -4.39
CA HIS A 59 10.17 25.28 -4.83
C HIS A 59 8.69 24.98 -4.73
N SER A 60 8.20 24.08 -5.61
CA SER A 60 6.80 23.63 -5.61
C SER A 60 6.68 22.30 -4.89
N LYS A 61 5.44 21.90 -4.52
CA LYS A 61 5.16 20.62 -3.87
C LYS A 61 5.52 19.50 -4.85
N TYR A 62 5.15 19.70 -6.14
CA TYR A 62 5.46 18.83 -7.28
C TYR A 62 5.28 19.60 -8.59
N MET A 63 5.99 19.18 -9.65
CA MET A 63 5.84 19.78 -10.97
C MET A 63 5.27 18.70 -11.88
N ARG A 64 4.04 18.94 -12.38
CA ARG A 64 3.31 18.01 -13.25
C ARG A 64 4.03 17.82 -14.59
N ALA A 65 4.35 16.56 -14.91
CA ALA A 65 5.00 16.18 -16.15
C ALA A 65 3.97 16.09 -17.29
N VAL A 66 4.40 15.68 -18.50
CA VAL A 66 3.50 15.56 -19.64
C VAL A 66 3.51 14.12 -20.17
N TYR A 67 2.33 13.56 -20.51
CA TYR A 67 2.19 12.19 -20.99
C TYR A 67 2.73 12.00 -22.43
N PRO A 68 3.56 10.97 -22.70
CA PRO A 68 4.10 9.96 -21.77
C PRO A 68 5.26 10.48 -20.93
N THR A 69 5.30 10.11 -19.63
CA THR A 69 6.34 10.57 -18.70
C THR A 69 7.69 9.89 -18.99
N LYS A 70 8.36 10.36 -20.05
CA LYS A 70 9.67 9.89 -20.52
C LYS A 70 10.59 11.11 -20.74
N ALA A 71 11.91 10.88 -20.89
CA ALA A 71 12.91 11.93 -21.03
C ALA A 71 12.72 12.85 -22.24
N PHE A 72 12.84 12.31 -23.47
CA PHE A 72 12.74 13.06 -24.73
C PHE A 72 11.42 13.86 -24.89
N PRO A 73 10.19 13.35 -24.62
CA PRO A 73 9.01 14.21 -24.77
C PRO A 73 8.97 15.35 -23.75
N ASN A 74 9.27 15.06 -22.47
CA ASN A 74 9.26 16.02 -21.36
C ASN A 74 10.37 17.08 -21.44
N HIS A 75 11.63 16.68 -21.70
CA HIS A 75 12.77 17.60 -21.80
C HIS A 75 12.52 18.61 -22.91
N TYR A 76 12.03 18.14 -24.07
CA TYR A 76 11.73 18.99 -25.21
C TYR A 76 10.48 19.85 -24.95
N THR A 77 9.55 19.40 -24.07
CA THR A 77 8.35 20.14 -23.68
C THR A 77 8.75 21.34 -22.82
N ILE A 78 9.69 21.14 -21.87
CA ILE A 78 10.21 22.17 -20.97
C ILE A 78 10.83 23.34 -21.76
N VAL A 79 11.66 23.03 -22.76
CA VAL A 79 12.34 24.04 -23.58
C VAL A 79 11.45 24.67 -24.66
N THR A 80 10.32 24.05 -25.04
CA THR A 80 9.44 24.61 -26.09
C THR A 80 8.15 25.23 -25.57
N GLY A 81 7.58 24.64 -24.52
CA GLY A 81 6.30 25.03 -23.93
C GLY A 81 5.13 24.44 -24.68
N LEU A 82 5.42 23.47 -25.58
CA LEU A 82 4.46 22.77 -26.42
C LEU A 82 4.22 21.35 -25.92
N TYR A 83 3.04 20.79 -26.22
CA TYR A 83 2.69 19.41 -25.87
C TYR A 83 3.43 18.45 -26.82
N PRO A 84 3.71 17.17 -26.44
CA PRO A 84 4.44 16.25 -27.35
C PRO A 84 3.85 16.14 -28.75
N GLU A 85 2.51 16.22 -28.87
CA GLU A 85 1.76 16.17 -30.12
C GLU A 85 2.06 17.38 -31.03
N SER A 86 2.47 18.51 -30.43
CA SER A 86 2.78 19.75 -31.15
C SER A 86 4.25 19.89 -31.52
N HIS A 87 5.18 19.53 -30.61
CA HIS A 87 6.62 19.62 -30.90
C HIS A 87 7.16 18.38 -31.64
N GLY A 88 6.29 17.39 -31.86
CA GLY A 88 6.61 16.18 -32.60
C GLY A 88 7.16 15.01 -31.83
N ILE A 89 8.06 15.26 -30.84
CA ILE A 89 8.68 14.20 -30.04
C ILE A 89 7.65 13.61 -29.06
N ILE A 90 6.81 12.70 -29.57
CA ILE A 90 5.74 12.05 -28.82
C ILE A 90 6.26 10.88 -27.98
N ASP A 91 7.43 10.32 -28.33
CA ASP A 91 8.06 9.19 -27.65
C ASP A 91 9.56 9.12 -27.97
N ASN A 92 10.33 8.37 -27.14
CA ASN A 92 11.76 8.13 -27.32
C ASN A 92 11.97 7.23 -28.54
N ASN A 93 11.02 6.31 -28.77
CA ASN A 93 10.98 5.37 -29.89
C ASN A 93 9.65 5.56 -30.61
N MET A 94 9.69 6.05 -31.87
CA MET A 94 8.49 6.35 -32.67
C MET A 94 8.76 6.25 -34.17
N TYR A 95 7.68 6.20 -34.98
CA TYR A 95 7.75 6.08 -36.45
C TYR A 95 6.92 7.18 -37.15
N ASP A 96 7.50 7.77 -38.22
CA ASP A 96 6.84 8.78 -39.05
C ASP A 96 6.47 8.14 -40.38
N VAL A 97 5.20 8.25 -40.78
CA VAL A 97 4.66 7.67 -42.01
C VAL A 97 5.15 8.40 -43.27
N TYR A 98 4.98 9.73 -43.31
CA TYR A 98 5.35 10.59 -44.43
C TYR A 98 6.86 10.63 -44.70
N LEU A 99 7.68 10.53 -43.65
CA LEU A 99 9.14 10.52 -43.75
C LEU A 99 9.67 9.10 -43.98
N ASN A 100 8.88 8.08 -43.56
CA ASN A 100 9.17 6.64 -43.64
C ASN A 100 10.52 6.29 -43.00
N LYS A 101 10.68 6.68 -41.72
CA LYS A 101 11.88 6.46 -40.92
C LYS A 101 11.54 6.22 -39.45
N ASN A 102 12.44 5.51 -38.74
CA ASN A 102 12.28 5.19 -37.33
C ASN A 102 13.14 6.09 -36.45
N PHE A 103 12.55 6.66 -35.39
CA PHE A 103 13.25 7.49 -34.42
C PHE A 103 13.60 6.61 -33.22
N SER A 104 14.88 6.58 -32.84
CA SER A 104 15.39 5.80 -31.72
C SER A 104 16.60 6.49 -31.11
N LEU A 105 16.86 6.23 -29.81
CA LEU A 105 17.99 6.79 -29.05
C LEU A 105 19.32 6.25 -29.60
N SER A 106 19.33 4.98 -30.05
CA SER A 106 20.50 4.32 -30.62
C SER A 106 20.72 4.65 -32.11
N SER A 107 19.63 4.94 -32.84
CA SER A 107 19.66 5.28 -34.26
C SER A 107 20.25 6.67 -34.52
N VAL A 108 20.81 6.88 -35.72
CA VAL A 108 21.41 8.15 -36.17
C VAL A 108 20.30 9.19 -36.45
N GLU A 109 19.04 8.71 -36.65
CA GLU A 109 17.84 9.51 -36.93
C GLU A 109 17.48 10.54 -35.84
N LYS A 110 18.09 10.41 -34.64
CA LYS A 110 17.88 11.35 -33.52
C LYS A 110 18.40 12.77 -33.85
N SER A 111 19.37 12.86 -34.80
CA SER A 111 19.99 14.10 -35.25
C SER A 111 19.24 14.76 -36.42
N ASN A 112 18.24 14.04 -37.01
CA ASN A 112 17.45 14.55 -38.13
C ASN A 112 16.52 15.71 -37.72
N PRO A 113 16.69 16.92 -38.33
CA PRO A 113 15.84 18.06 -37.96
C PRO A 113 14.36 17.95 -38.32
N ALA A 114 13.98 16.99 -39.18
CA ALA A 114 12.61 16.75 -39.61
C ALA A 114 11.71 16.23 -38.47
N TRP A 115 12.31 15.53 -37.50
CA TRP A 115 11.60 14.98 -36.32
C TRP A 115 11.26 16.08 -35.32
N TRP A 116 12.15 17.07 -35.16
CA TRP A 116 12.03 18.16 -34.18
C TRP A 116 11.26 19.36 -34.70
N SER A 117 10.06 19.59 -34.12
CA SER A 117 9.16 20.70 -34.47
C SER A 117 9.14 21.77 -33.37
N GLY A 118 8.71 22.97 -33.72
CA GLY A 118 8.64 24.10 -32.79
C GLY A 118 9.94 24.85 -32.63
N GLN A 119 10.00 25.72 -31.61
CA GLN A 119 11.17 26.55 -31.33
C GLN A 119 11.61 26.46 -29.86
N PRO A 120 12.75 25.81 -29.56
CA PRO A 120 13.23 25.73 -28.16
C PRO A 120 13.76 27.07 -27.65
N ILE A 121 13.86 27.20 -26.31
CA ILE A 121 14.30 28.41 -25.59
C ILE A 121 15.70 28.88 -26.04
N TRP A 122 16.65 27.94 -26.28
CA TRP A 122 18.01 28.29 -26.72
C TRP A 122 18.01 28.98 -28.09
N LEU A 123 17.10 28.57 -28.98
CA LEU A 123 16.97 29.18 -30.30
C LEU A 123 16.24 30.51 -30.20
N THR A 124 15.19 30.57 -29.35
CA THR A 124 14.39 31.78 -29.05
C THR A 124 15.31 32.92 -28.55
N ALA A 125 16.35 32.56 -27.78
CA ALA A 125 17.36 33.47 -27.26
C ALA A 125 18.27 33.96 -28.38
N MET A 126 18.73 33.02 -29.26
CA MET A 126 19.61 33.30 -30.40
C MET A 126 18.94 34.18 -31.45
N TYR A 127 17.63 33.96 -31.69
CA TYR A 127 16.84 34.75 -32.64
C TYR A 127 16.57 36.17 -32.12
N GLN A 128 16.85 36.42 -30.83
CA GLN A 128 16.62 37.71 -30.17
C GLN A 128 17.91 38.37 -29.62
N GLY A 129 19.05 37.98 -30.18
CA GLY A 129 20.37 38.54 -29.84
C GLY A 129 20.97 38.14 -28.51
N LEU A 130 20.82 36.86 -28.11
CA LEU A 130 21.40 36.34 -26.88
C LEU A 130 22.03 34.97 -27.11
N LYS A 131 23.31 34.82 -26.72
CA LYS A 131 24.05 33.58 -26.89
C LYS A 131 23.56 32.50 -25.91
N ALA A 132 23.47 31.25 -26.39
CA ALA A 132 23.01 30.11 -25.59
C ALA A 132 23.92 28.88 -25.71
N ALA A 133 24.41 28.41 -24.56
CA ALA A 133 25.29 27.24 -24.43
C ALA A 133 24.54 26.08 -23.80
N SER A 134 24.96 24.84 -24.10
CA SER A 134 24.31 23.66 -23.57
C SER A 134 25.26 22.48 -23.36
N TYR A 135 25.18 21.86 -22.17
CA TYR A 135 25.96 20.67 -21.87
C TYR A 135 24.99 19.54 -21.59
N TYR A 136 24.56 18.89 -22.69
CA TYR A 136 23.59 17.80 -22.78
C TYR A 136 22.16 18.27 -22.56
N TRP A 137 21.28 17.89 -23.50
CA TRP A 137 19.83 18.15 -23.53
C TRP A 137 19.22 17.53 -24.79
N PRO A 138 18.15 16.71 -24.65
CA PRO A 138 17.52 16.13 -25.86
C PRO A 138 16.99 17.23 -26.79
N GLY A 139 17.72 17.46 -27.89
CA GLY A 139 17.42 18.49 -28.86
C GLY A 139 18.53 19.51 -29.04
N SER A 140 19.39 19.68 -28.01
CA SER A 140 20.51 20.62 -28.03
C SER A 140 21.63 20.16 -28.95
N ASP A 141 21.83 18.84 -29.08
CA ASP A 141 22.83 18.24 -29.95
C ASP A 141 22.24 17.97 -31.36
N VAL A 142 21.07 18.56 -31.64
CA VAL A 142 20.31 18.46 -32.89
C VAL A 142 20.13 19.86 -33.50
N ALA A 143 20.32 19.99 -34.82
CA ALA A 143 20.17 21.25 -35.55
C ALA A 143 18.69 21.57 -35.84
N VAL A 144 17.95 21.97 -34.80
CA VAL A 144 16.53 22.33 -34.89
C VAL A 144 16.39 23.63 -35.67
N ASN A 145 15.55 23.63 -36.73
CA ASN A 145 15.29 24.75 -37.65
C ASN A 145 16.59 25.22 -38.35
N GLY A 146 17.48 24.25 -38.59
CA GLY A 146 18.78 24.47 -39.23
C GLY A 146 19.90 24.84 -38.29
N SER A 147 19.67 25.85 -37.44
CA SER A 147 20.66 26.37 -36.49
C SER A 147 20.91 25.49 -35.26
N PHE A 148 22.16 25.54 -34.76
CA PHE A 148 22.66 24.81 -33.59
C PHE A 148 22.94 25.83 -32.46
N PRO A 149 22.89 25.43 -31.16
CA PRO A 149 23.24 26.39 -30.09
C PRO A 149 24.70 26.81 -30.13
N ASN A 150 25.01 28.04 -29.67
CA ASN A 150 26.36 28.64 -29.67
C ASN A 150 27.45 27.68 -29.21
N ILE A 151 27.22 26.97 -28.07
CA ILE A 151 28.15 25.97 -27.55
C ILE A 151 27.36 24.69 -27.25
N TYR A 152 27.20 23.82 -28.27
CA TYR A 152 26.50 22.55 -28.13
C TYR A 152 27.50 21.41 -27.94
N ARG A 153 27.08 20.34 -27.27
CA ARG A 153 27.94 19.17 -27.02
C ARG A 153 27.21 17.87 -27.31
N ASN A 154 27.83 17.02 -28.14
CA ASN A 154 27.28 15.70 -28.51
C ASN A 154 27.20 14.82 -27.28
N TYR A 155 26.05 14.18 -27.07
CA TYR A 155 25.74 13.38 -25.89
C TYR A 155 26.66 12.18 -25.65
N SER A 156 26.98 11.98 -24.35
CA SER A 156 27.79 10.90 -23.77
C SER A 156 27.36 10.75 -22.30
N ASN A 157 26.60 9.68 -22.00
CA ASN A 157 26.05 9.41 -20.66
C ASN A 157 27.09 9.02 -19.60
N SER A 158 28.27 8.55 -20.02
CA SER A 158 29.31 8.08 -19.11
C SER A 158 30.32 9.15 -18.65
N VAL A 159 30.15 10.41 -19.10
CA VAL A 159 31.01 11.55 -18.73
C VAL A 159 30.77 11.95 -17.26
N PRO A 160 31.83 12.07 -16.40
CA PRO A 160 31.62 12.44 -14.99
C PRO A 160 31.03 13.84 -14.82
N TYR A 161 30.15 14.01 -13.82
CA TYR A 161 29.43 15.26 -13.53
C TYR A 161 30.34 16.45 -13.21
N GLU A 162 31.49 16.21 -12.53
CA GLU A 162 32.45 17.27 -12.17
C GLU A 162 32.98 18.01 -13.40
N SER A 163 33.31 17.26 -14.48
CA SER A 163 33.80 17.83 -15.74
C SER A 163 32.71 18.60 -16.47
N ARG A 164 31.44 18.12 -16.39
CA ARG A 164 30.26 18.74 -17.00
C ARG A 164 30.01 20.13 -16.37
N ILE A 165 30.21 20.23 -15.04
CA ILE A 165 30.06 21.44 -14.24
C ILE A 165 31.23 22.40 -14.53
N ALA A 166 32.48 21.87 -14.56
CA ALA A 166 33.72 22.62 -14.81
C ALA A 166 33.71 23.39 -16.12
N THR A 167 33.26 22.76 -17.22
CA THR A 167 33.18 23.38 -18.54
C THR A 167 32.05 24.43 -18.62
N LEU A 168 30.98 24.25 -17.81
CA LEU A 168 29.86 25.20 -17.75
C LEU A 168 30.32 26.48 -17.07
N LEU A 169 31.17 26.34 -16.02
CA LEU A 169 31.73 27.47 -15.28
C LEU A 169 32.78 28.19 -16.13
N GLN A 170 33.41 27.45 -17.08
CA GLN A 170 34.40 27.97 -18.03
C GLN A 170 33.73 28.88 -19.05
N TRP A 171 32.44 28.59 -19.38
CA TRP A 171 31.62 29.37 -20.31
C TRP A 171 31.27 30.73 -19.69
N LEU A 172 31.10 30.75 -18.35
CA LEU A 172 30.81 31.95 -17.56
C LEU A 172 32.04 32.85 -17.44
N ASP A 173 33.24 32.26 -17.60
CA ASP A 173 34.53 32.96 -17.54
C ASP A 173 34.84 33.74 -18.82
N LEU A 174 34.12 33.42 -19.93
CA LEU A 174 34.27 34.07 -21.24
C LEU A 174 33.84 35.55 -21.18
N PRO A 175 34.42 36.46 -22.01
CA PRO A 175 34.00 37.87 -21.95
C PRO A 175 32.59 38.08 -22.50
N LYS A 176 31.89 39.13 -21.99
CA LYS A 176 30.51 39.54 -22.31
C LYS A 176 30.07 39.29 -23.77
N ALA A 177 30.96 39.54 -24.75
CA ALA A 177 30.71 39.36 -26.19
C ALA A 177 30.44 37.90 -26.57
N GLU A 178 31.29 36.97 -26.12
CA GLU A 178 31.18 35.53 -26.39
C GLU A 178 30.41 34.76 -25.31
N ARG A 179 30.31 35.34 -24.09
CA ARG A 179 29.65 34.75 -22.93
C ARG A 179 28.14 34.52 -23.16
N PRO A 180 27.68 33.26 -22.98
CA PRO A 180 26.25 32.97 -23.17
C PRO A 180 25.40 33.41 -21.98
N SER A 181 24.13 33.75 -22.25
CA SER A 181 23.18 34.19 -21.23
C SER A 181 22.36 33.03 -20.68
N PHE A 182 22.08 32.02 -21.51
CA PHE A 182 21.30 30.85 -21.13
C PHE A 182 22.11 29.54 -21.21
N TYR A 183 21.91 28.68 -20.20
CA TYR A 183 22.56 27.38 -20.07
C TYR A 183 21.58 26.26 -19.72
N THR A 184 21.94 25.01 -20.08
CA THR A 184 21.22 23.77 -19.76
C THR A 184 22.24 22.71 -19.39
N ILE A 185 21.93 21.88 -18.41
CA ILE A 185 22.79 20.78 -17.97
C ILE A 185 21.94 19.57 -17.61
N TYR A 186 22.23 18.43 -18.25
CA TYR A 186 21.49 17.18 -18.05
C TYR A 186 22.28 16.17 -17.25
N VAL A 187 21.60 15.51 -16.30
CA VAL A 187 22.13 14.47 -15.43
C VAL A 187 21.21 13.24 -15.52
N GLU A 188 21.79 12.07 -15.74
CA GLU A 188 21.10 10.77 -15.89
C GLU A 188 20.46 10.28 -14.60
N GLU A 189 21.03 10.64 -13.44
CA GLU A 189 20.57 10.20 -12.12
C GLU A 189 19.55 11.17 -11.45
N PRO A 190 18.64 10.69 -10.56
CA PRO A 190 18.47 9.32 -10.04
C PRO A 190 17.50 8.44 -10.84
N ASP A 191 17.57 8.48 -12.19
CA ASP A 191 16.73 7.66 -13.06
C ASP A 191 17.33 6.28 -13.28
N SER A 192 18.62 6.21 -13.64
CA SER A 192 19.36 4.96 -13.90
C SER A 192 19.28 4.02 -12.70
N ALA A 193 19.41 4.57 -11.47
CA ALA A 193 19.32 3.81 -10.22
C ALA A 193 17.89 3.33 -9.96
N GLY A 194 16.91 4.13 -10.42
CA GLY A 194 15.49 3.82 -10.30
C GLY A 194 15.08 2.58 -11.07
N HIS A 195 15.70 2.37 -12.25
CA HIS A 195 15.46 1.20 -13.08
C HIS A 195 16.20 -0.02 -12.53
N LYS A 196 17.39 0.21 -11.93
CA LYS A 196 18.26 -0.83 -11.36
C LYS A 196 17.70 -1.47 -10.09
N SER A 197 17.16 -0.67 -9.14
CA SER A 197 16.65 -1.18 -7.88
C SER A 197 15.19 -0.84 -7.58
N GLY A 198 14.83 0.44 -7.73
CA GLY A 198 13.47 0.92 -7.47
C GLY A 198 13.43 2.32 -6.87
N PRO A 199 12.22 2.92 -6.73
CA PRO A 199 12.13 4.29 -6.16
C PRO A 199 12.40 4.36 -4.66
N VAL A 200 12.12 3.25 -3.93
CA VAL A 200 12.36 3.16 -2.49
C VAL A 200 13.48 2.11 -2.25
N SER A 201 14.74 2.56 -2.45
CA SER A 201 15.93 1.73 -2.34
C SER A 201 17.16 2.53 -1.91
N ALA A 202 18.24 1.83 -1.50
CA ALA A 202 19.51 2.44 -1.10
C ALA A 202 20.27 2.95 -2.33
N GLY A 203 20.05 2.29 -3.47
CA GLY A 203 20.65 2.62 -4.74
C GLY A 203 20.30 4.01 -5.23
N VAL A 204 19.01 4.42 -5.08
CA VAL A 204 18.55 5.75 -5.46
C VAL A 204 19.09 6.82 -4.51
N ILE A 205 19.26 6.50 -3.20
CA ILE A 205 19.81 7.41 -2.19
C ILE A 205 21.25 7.81 -2.59
N LYS A 206 22.06 6.80 -3.01
CA LYS A 206 23.44 6.98 -3.47
C LYS A 206 23.49 7.88 -4.71
N ALA A 207 22.50 7.72 -5.61
CA ALA A 207 22.34 8.52 -6.83
C ALA A 207 21.88 9.94 -6.50
N LEU A 208 21.01 10.07 -5.47
CA LEU A 208 20.48 11.35 -4.97
C LEU A 208 21.61 12.14 -4.30
N GLN A 209 22.52 11.43 -3.60
CA GLN A 209 23.69 12.02 -2.95
C GLN A 209 24.71 12.42 -4.01
N LEU A 210 24.77 11.67 -5.13
CA LEU A 210 25.66 11.93 -6.26
C LEU A 210 25.23 13.19 -7.03
N VAL A 211 23.91 13.41 -7.18
CA VAL A 211 23.38 14.59 -7.86
C VAL A 211 23.50 15.85 -6.97
N ASP A 212 23.50 15.65 -5.64
CA ASP A 212 23.64 16.71 -4.64
C ASP A 212 25.06 17.28 -4.69
N ASP A 213 26.08 16.40 -4.80
CA ASP A 213 27.49 16.79 -4.92
C ASP A 213 27.73 17.49 -6.25
N ALA A 214 27.04 17.03 -7.32
CA ALA A 214 27.10 17.60 -8.67
C ALA A 214 26.55 19.04 -8.67
N PHE A 215 25.43 19.26 -7.96
CA PHE A 215 24.81 20.58 -7.80
C PHE A 215 25.66 21.44 -6.86
N GLY A 216 26.28 20.78 -5.87
CA GLY A 216 27.17 21.40 -4.90
C GLY A 216 28.42 21.97 -5.54
N MET A 217 28.97 21.25 -6.54
CA MET A 217 30.15 21.66 -7.31
C MET A 217 29.86 22.91 -8.14
N LEU A 218 28.61 23.04 -8.65
CA LEU A 218 28.16 24.18 -9.43
C LEU A 218 28.00 25.42 -8.56
N MET A 219 27.34 25.27 -7.39
CA MET A 219 27.12 26.36 -6.44
C MET A 219 28.42 26.84 -5.79
N GLU A 220 29.36 25.91 -5.49
CA GLU A 220 30.67 26.23 -4.91
C GLU A 220 31.55 26.93 -5.95
N GLY A 221 31.37 26.52 -7.22
CA GLY A 221 32.07 27.10 -8.37
C GLY A 221 31.60 28.51 -8.63
N LEU A 222 30.27 28.73 -8.56
CA LEU A 222 29.63 30.03 -8.74
C LEU A 222 29.95 30.98 -7.58
N LYS A 223 30.19 30.43 -6.36
CA LYS A 223 30.51 31.17 -5.15
C LYS A 223 31.83 31.94 -5.30
N GLN A 224 32.89 31.26 -5.79
CA GLN A 224 34.21 31.88 -6.00
C GLN A 224 34.20 32.83 -7.21
N ARG A 225 33.21 32.65 -8.12
CA ARG A 225 32.98 33.47 -9.31
C ARG A 225 32.01 34.64 -8.99
N ASN A 226 31.50 34.68 -7.75
CA ASN A 226 30.58 35.67 -7.17
C ASN A 226 29.25 35.78 -7.94
N LEU A 227 28.78 34.64 -8.49
CA LEU A 227 27.55 34.52 -9.27
C LEU A 227 26.49 33.64 -8.62
N HIS A 228 26.80 33.02 -7.46
CA HIS A 228 25.90 32.14 -6.71
C HIS A 228 24.58 32.81 -6.30
N ASN A 229 24.62 34.14 -6.06
CA ASN A 229 23.45 34.96 -5.70
C ASN A 229 22.94 35.79 -6.88
N CYS A 230 23.58 35.66 -8.07
CA CYS A 230 23.20 36.37 -9.30
C CYS A 230 22.51 35.46 -10.30
N VAL A 231 23.01 34.23 -10.47
CA VAL A 231 22.50 33.23 -11.41
C VAL A 231 21.12 32.73 -11.01
N ASN A 232 20.17 32.73 -11.97
CA ASN A 232 18.81 32.23 -11.80
C ASN A 232 18.81 30.73 -12.13
N ILE A 233 19.35 29.93 -11.21
CA ILE A 233 19.45 28.48 -11.34
C ILE A 233 18.09 27.81 -11.17
N ILE A 234 17.71 26.96 -12.15
CA ILE A 234 16.45 26.21 -12.13
C ILE A 234 16.76 24.71 -12.20
N VAL A 235 16.73 24.04 -11.05
CA VAL A 235 16.96 22.60 -10.96
C VAL A 235 15.59 21.91 -10.93
N LEU A 236 15.27 21.22 -12.02
CA LEU A 236 13.99 20.53 -12.22
C LEU A 236 14.17 19.11 -12.76
N ALA A 237 13.06 18.36 -12.91
CA ALA A 237 13.09 17.01 -13.45
C ALA A 237 12.09 16.84 -14.60
N ASP A 238 12.25 15.77 -15.38
CA ASP A 238 11.41 15.44 -16.52
C ASP A 238 10.19 14.60 -16.11
N HIS A 239 10.39 13.65 -15.17
CA HIS A 239 9.37 12.72 -14.65
C HIS A 239 9.76 12.18 -13.27
N GLY A 240 8.99 11.20 -12.80
CA GLY A 240 9.22 10.53 -11.52
C GLY A 240 9.60 9.08 -11.65
N MET A 241 9.28 8.27 -10.62
CA MET A 241 9.58 6.84 -10.58
C MET A 241 8.51 6.03 -9.86
N ASP A 242 8.20 4.83 -10.39
CA ASP A 242 7.22 3.90 -9.83
C ASP A 242 7.78 2.48 -9.87
N GLN A 243 7.64 1.73 -8.76
CA GLN A 243 8.11 0.35 -8.61
C GLN A 243 7.37 -0.61 -9.53
N THR A 244 8.09 -1.60 -10.09
CA THR A 244 7.55 -2.62 -11.00
C THR A 244 8.00 -4.03 -10.64
N SER A 245 7.23 -5.05 -11.07
CA SER A 245 7.50 -6.47 -10.83
C SER A 245 7.06 -7.32 -12.03
N CYS A 246 7.68 -8.51 -12.22
CA CYS A 246 7.31 -9.45 -13.30
C CYS A 246 5.96 -10.12 -13.05
N ASP A 247 5.38 -9.86 -11.86
CA ASP A 247 4.07 -10.33 -11.45
C ASP A 247 3.03 -9.26 -11.81
N ARG A 248 3.49 -7.99 -11.87
CA ARG A 248 2.67 -6.83 -12.21
C ARG A 248 2.86 -6.42 -13.69
N VAL A 249 2.57 -7.34 -14.60
CA VAL A 249 2.66 -7.11 -16.04
C VAL A 249 1.53 -7.87 -16.78
N GLU A 250 0.82 -7.15 -17.68
CA GLU A 250 -0.29 -7.65 -18.49
C GLU A 250 0.22 -8.10 -19.85
N TYR A 251 0.11 -9.41 -20.14
CA TYR A 251 0.57 -10.01 -21.39
C TYR A 251 -0.53 -9.97 -22.45
N MET A 252 -0.20 -9.50 -23.66
CA MET A 252 -1.14 -9.39 -24.79
C MET A 252 -1.58 -10.74 -25.35
N THR A 253 -0.79 -11.82 -25.10
CA THR A 253 -1.06 -13.19 -25.52
C THR A 253 -2.36 -13.73 -24.90
N ASP A 254 -2.70 -13.24 -23.69
CA ASP A 254 -3.90 -13.61 -22.94
C ASP A 254 -5.17 -12.89 -23.44
N TYR A 255 -5.02 -12.03 -24.47
CA TYR A 255 -6.11 -11.26 -25.07
C TYR A 255 -6.28 -11.51 -26.58
N PHE A 256 -5.19 -11.94 -27.26
CA PHE A 256 -5.21 -12.22 -28.71
C PHE A 256 -4.76 -13.64 -29.05
N PRO A 257 -5.41 -14.32 -30.03
CA PRO A 257 -4.95 -15.68 -30.40
C PRO A 257 -3.62 -15.67 -31.17
N GLU A 258 -3.43 -14.64 -32.03
CA GLU A 258 -2.22 -14.43 -32.83
C GLU A 258 -1.88 -12.94 -32.93
N ILE A 259 -0.60 -12.59 -32.68
CA ILE A 259 -0.14 -11.21 -32.73
C ILE A 259 0.47 -10.93 -34.10
N ASN A 260 -0.16 -10.03 -34.86
CA ASN A 260 0.28 -9.61 -36.19
C ASN A 260 0.46 -8.09 -36.26
N PHE A 261 0.82 -7.48 -35.11
CA PHE A 261 1.01 -6.04 -34.96
C PHE A 261 2.22 -5.69 -34.09
N TYR A 262 2.87 -4.55 -34.40
CA TYR A 262 4.01 -4.03 -33.65
C TYR A 262 3.49 -3.20 -32.49
N MET A 263 4.04 -3.43 -31.29
CA MET A 263 3.64 -2.72 -30.08
C MET A 263 4.84 -2.09 -29.36
N TYR A 264 4.69 -0.83 -28.93
CA TYR A 264 5.70 -0.10 -28.17
C TYR A 264 5.51 -0.45 -26.69
N GLN A 265 6.09 -1.60 -26.28
CA GLN A 265 6.02 -2.20 -24.94
C GLN A 265 6.49 -1.27 -23.82
N GLY A 266 5.73 -1.23 -22.72
CA GLY A 266 6.07 -0.43 -21.56
C GLY A 266 4.89 0.21 -20.84
N PRO A 267 5.10 1.37 -20.15
CA PRO A 267 4.00 2.02 -19.43
C PRO A 267 3.03 2.78 -20.32
N ALA A 268 3.47 3.18 -21.53
CA ALA A 268 2.65 3.89 -22.50
C ALA A 268 2.62 3.09 -23.84
N PRO A 269 1.81 2.01 -23.93
CA PRO A 269 1.79 1.19 -25.15
C PRO A 269 1.09 1.82 -26.34
N ARG A 270 1.61 1.54 -27.54
CA ARG A 270 1.08 2.02 -28.81
C ARG A 270 1.10 0.88 -29.82
N ILE A 271 -0.09 0.51 -30.35
CA ILE A 271 -0.27 -0.57 -31.31
C ILE A 271 -0.24 -0.02 -32.74
N ARG A 272 0.64 -0.59 -33.58
CA ARG A 272 0.89 -0.20 -34.97
C ARG A 272 0.97 -1.44 -35.88
N THR A 273 0.68 -1.28 -37.19
CA THR A 273 0.78 -2.34 -38.18
C THR A 273 2.25 -2.64 -38.55
N ARG A 274 2.53 -3.86 -39.01
CA ARG A 274 3.87 -4.27 -39.43
C ARG A 274 4.16 -3.77 -40.85
N ASN A 275 3.18 -3.90 -41.77
CA ASN A 275 3.31 -3.45 -43.15
C ASN A 275 3.16 -1.93 -43.20
N ILE A 276 4.29 -1.23 -43.36
CA ILE A 276 4.36 0.24 -43.40
C ILE A 276 5.10 0.76 -44.65
N PRO A 277 4.69 1.88 -45.27
CA PRO A 277 3.59 2.79 -44.93
C PRO A 277 2.25 2.55 -45.63
N GLN A 278 2.13 1.42 -46.37
CA GLN A 278 0.94 1.05 -47.14
C GLN A 278 -0.29 0.72 -46.28
N ASP A 279 -0.13 -0.19 -45.30
CA ASP A 279 -1.23 -0.65 -44.44
C ASP A 279 -1.44 0.18 -43.15
N PHE A 280 -0.78 1.36 -43.03
CA PHE A 280 -0.90 2.22 -41.85
C PHE A 280 -2.30 2.82 -41.66
N PHE A 281 -2.78 3.55 -42.70
CA PHE A 281 -4.07 4.23 -42.71
C PHE A 281 -5.25 3.24 -42.82
N THR A 282 -5.05 2.11 -43.52
CA THR A 282 -6.06 1.06 -43.72
C THR A 282 -6.13 0.05 -42.56
N PHE A 283 -5.25 0.18 -41.55
CA PHE A 283 -5.20 -0.71 -40.38
C PHE A 283 -6.40 -0.45 -39.47
N ASN A 284 -7.18 -1.51 -39.18
CA ASN A 284 -8.37 -1.43 -38.33
C ASN A 284 -7.99 -1.23 -36.86
N SER A 285 -7.79 0.05 -36.47
CA SER A 285 -7.41 0.46 -35.12
C SER A 285 -8.55 0.30 -34.12
N GLU A 286 -9.79 0.61 -34.55
CA GLU A 286 -11.02 0.50 -33.75
C GLU A 286 -11.37 -0.95 -33.39
N GLU A 287 -10.76 -1.93 -34.10
CA GLU A 287 -10.94 -3.37 -33.89
C GLU A 287 -10.16 -3.83 -32.64
N ILE A 288 -8.90 -3.35 -32.48
CA ILE A 288 -8.00 -3.68 -31.37
C ILE A 288 -8.57 -3.22 -30.02
N VAL A 289 -9.09 -1.98 -29.95
CA VAL A 289 -9.70 -1.44 -28.73
C VAL A 289 -10.94 -2.25 -28.35
N ARG A 290 -11.75 -2.66 -29.36
CA ARG A 290 -12.96 -3.47 -29.21
C ARG A 290 -12.63 -4.88 -28.68
N ASP A 291 -11.47 -5.43 -29.09
CA ASP A 291 -10.97 -6.74 -28.68
C ASP A 291 -10.26 -6.69 -27.32
N LEU A 292 -9.98 -5.48 -26.81
CA LEU A 292 -9.32 -5.28 -25.52
C LEU A 292 -10.21 -4.60 -24.46
N SER A 293 -11.41 -4.12 -24.86
CA SER A 293 -12.35 -3.43 -23.98
C SER A 293 -13.05 -4.34 -22.97
N CYS A 294 -12.57 -4.27 -21.71
CA CYS A 294 -13.06 -5.01 -20.54
C CYS A 294 -13.20 -6.53 -20.78
N ARG A 295 -12.07 -7.18 -21.09
CA ARG A 295 -11.98 -8.62 -21.33
C ARG A 295 -11.88 -9.38 -20.00
N LYS A 296 -11.41 -8.70 -18.94
CA LYS A 296 -11.26 -9.24 -17.58
C LYS A 296 -11.79 -8.25 -16.54
N SER A 297 -12.35 -8.79 -15.43
CA SER A 297 -12.87 -7.99 -14.33
C SER A 297 -11.72 -7.32 -13.57
N ASP A 298 -10.60 -8.05 -13.39
CA ASP A 298 -9.39 -7.58 -12.71
C ASP A 298 -8.33 -7.05 -13.68
N GLN A 299 -8.76 -6.48 -14.84
CA GLN A 299 -7.91 -5.91 -15.87
C GLN A 299 -7.13 -4.71 -15.32
N HIS A 300 -5.82 -4.63 -15.66
CA HIS A 300 -4.93 -3.59 -15.16
C HIS A 300 -4.59 -2.50 -16.19
N PHE A 301 -5.40 -2.40 -17.25
CA PHE A 301 -5.26 -1.41 -18.32
C PHE A 301 -6.60 -1.09 -18.98
N LYS A 302 -6.62 -0.07 -19.86
CA LYS A 302 -7.83 0.34 -20.59
C LYS A 302 -7.47 0.78 -22.02
N PRO A 303 -8.04 0.12 -23.06
CA PRO A 303 -7.71 0.54 -24.44
C PRO A 303 -8.44 1.84 -24.82
N TYR A 304 -7.76 2.70 -25.58
CA TYR A 304 -8.29 3.99 -26.00
C TYR A 304 -7.91 4.34 -27.43
N LEU A 305 -8.79 5.08 -28.11
CA LEU A 305 -8.51 5.62 -29.43
C LEU A 305 -7.92 7.00 -29.19
N THR A 306 -7.26 7.60 -30.20
CA THR A 306 -6.63 8.92 -30.05
C THR A 306 -7.63 10.02 -29.58
N PRO A 307 -8.84 10.22 -30.18
CA PRO A 307 -9.74 11.26 -29.65
C PRO A 307 -10.48 10.87 -28.37
N ASP A 308 -10.59 9.55 -28.09
CA ASP A 308 -11.27 9.02 -26.91
C ASP A 308 -10.49 9.20 -25.60
N LEU A 309 -9.17 9.44 -25.69
CA LEU A 309 -8.26 9.66 -24.56
C LEU A 309 -8.63 10.97 -23.82
N PRO A 310 -8.38 11.08 -22.48
CA PRO A 310 -8.68 12.35 -21.78
C PRO A 310 -8.02 13.55 -22.47
N LYS A 311 -8.82 14.59 -22.74
CA LYS A 311 -8.41 15.81 -23.46
C LYS A 311 -7.29 16.60 -22.77
N ARG A 312 -7.18 16.51 -21.43
CA ARG A 312 -6.15 17.20 -20.64
C ARG A 312 -4.73 16.74 -20.96
N LEU A 313 -4.57 15.47 -21.37
CA LEU A 313 -3.28 14.87 -21.71
C LEU A 313 -2.68 15.47 -22.99
N HIS A 314 -3.55 15.86 -23.96
CA HIS A 314 -3.20 16.41 -25.27
C HIS A 314 -2.24 15.46 -25.99
N TYR A 315 -2.75 14.29 -26.38
CA TYR A 315 -1.99 13.23 -27.03
C TYR A 315 -2.85 12.53 -28.09
N ALA A 316 -3.04 13.21 -29.24
CA ALA A 316 -3.84 12.71 -30.37
C ALA A 316 -3.44 13.30 -31.73
N LYS A 317 -3.37 14.65 -31.84
CA LYS A 317 -3.07 15.32 -33.11
C LYS A 317 -1.58 15.37 -33.47
N ASN A 318 -1.09 14.24 -34.02
CA ASN A 318 0.26 13.98 -34.54
C ASN A 318 0.22 12.60 -35.20
N VAL A 319 0.70 12.52 -36.45
CA VAL A 319 0.72 11.29 -37.26
C VAL A 319 1.55 10.17 -36.60
N ARG A 320 2.54 10.54 -35.76
CA ARG A 320 3.40 9.59 -35.04
C ARG A 320 2.64 8.88 -33.91
N ILE A 321 1.57 9.51 -33.38
CA ILE A 321 0.73 8.90 -32.35
C ILE A 321 -0.23 7.95 -33.05
N ASP A 322 -0.07 6.64 -32.80
CA ASP A 322 -0.91 5.59 -33.39
C ASP A 322 -2.31 5.68 -32.81
N LYS A 323 -3.35 5.58 -33.66
CA LYS A 323 -4.76 5.69 -33.29
C LYS A 323 -5.13 4.84 -32.08
N VAL A 324 -4.67 3.59 -32.03
CA VAL A 324 -4.92 2.68 -30.90
C VAL A 324 -3.81 2.86 -29.84
N HIS A 325 -4.22 3.24 -28.62
CA HIS A 325 -3.33 3.48 -27.47
C HIS A 325 -3.85 2.76 -26.21
N LEU A 326 -2.94 2.44 -25.28
CA LEU A 326 -3.29 1.76 -24.04
C LEU A 326 -2.96 2.58 -22.79
N MET A 327 -3.88 2.63 -21.83
CA MET A 327 -3.72 3.37 -20.58
C MET A 327 -3.55 2.39 -19.40
N VAL A 328 -2.29 2.08 -19.06
CA VAL A 328 -1.96 1.13 -18.00
C VAL A 328 -2.00 1.80 -16.62
N ASP A 329 -2.53 1.07 -15.62
CA ASP A 329 -2.65 1.52 -14.23
C ASP A 329 -1.29 1.58 -13.52
N ARG A 330 -1.27 2.15 -12.30
CA ARG A 330 -0.08 2.32 -11.44
C ARG A 330 0.64 1.00 -11.17
N GLN A 331 1.99 1.03 -11.24
CA GLN A 331 2.93 -0.08 -10.98
C GLN A 331 2.81 -1.28 -11.95
N TRP A 332 1.91 -1.21 -12.95
CA TRP A 332 1.69 -2.29 -13.93
C TRP A 332 2.26 -1.99 -15.32
N LEU A 333 2.81 -3.02 -15.97
CA LEU A 333 3.41 -2.94 -17.31
C LEU A 333 2.60 -3.73 -18.36
N ALA A 334 2.90 -3.52 -19.65
CA ALA A 334 2.25 -4.21 -20.77
C ALA A 334 3.25 -4.62 -21.84
N TYR A 335 3.33 -5.94 -22.12
CA TYR A 335 4.24 -6.52 -23.11
C TYR A 335 3.48 -7.27 -24.21
N ARG A 336 4.15 -7.49 -25.36
CA ARG A 336 3.60 -8.20 -26.52
C ARG A 336 3.55 -9.71 -26.25
N ASN A 337 4.68 -10.31 -25.85
CA ASN A 337 4.79 -11.73 -25.56
C ASN A 337 5.23 -12.00 -24.10
N LYS A 338 5.37 -13.29 -23.74
CA LYS A 338 5.77 -13.74 -22.40
C LYS A 338 7.22 -13.41 -22.05
N GLY A 339 8.09 -13.37 -23.07
CA GLY A 339 9.51 -13.07 -22.91
C GLY A 339 9.78 -11.61 -22.58
N CYS A 343 11.57 -5.07 -16.28
CA CYS A 343 10.63 -5.75 -15.39
C CYS A 343 10.94 -5.51 -13.91
N GLU A 344 12.18 -5.86 -13.46
CA GLU A 344 12.61 -5.72 -12.07
C GLU A 344 13.14 -4.32 -11.79
N GLY A 345 12.64 -3.72 -10.71
CA GLY A 345 13.03 -2.38 -10.28
C GLY A 345 11.91 -1.37 -10.43
N GLY A 346 12.12 -0.40 -11.32
CA GLY A 346 11.16 0.66 -11.59
C GLY A 346 11.21 1.23 -12.99
N THR A 347 10.14 1.92 -13.41
CA THR A 347 10.03 2.55 -14.73
C THR A 347 9.17 3.83 -14.69
N HIS A 348 9.10 4.52 -15.84
CA HIS A 348 8.35 5.76 -16.04
C HIS A 348 7.76 5.79 -17.46
N GLY A 349 6.61 6.43 -17.61
CA GLY A 349 5.89 6.54 -18.88
C GLY A 349 4.39 6.60 -18.67
N TYR A 350 3.97 6.40 -17.41
CA TYR A 350 2.59 6.38 -16.95
C TYR A 350 1.92 7.75 -17.01
N ASN A 351 0.61 7.79 -16.63
CA ASN A 351 -0.21 9.00 -16.58
C ASN A 351 0.48 10.02 -15.67
N ASN A 352 0.63 11.25 -16.17
CA ASN A 352 1.28 12.37 -15.49
C ASN A 352 0.58 12.81 -14.19
N GLU A 353 -0.71 12.47 -14.03
CA GLU A 353 -1.52 12.78 -12.84
C GLU A 353 -1.10 11.93 -11.64
N PHE A 354 -0.51 10.73 -11.89
CA PHE A 354 -0.05 9.79 -10.86
C PHE A 354 1.03 10.41 -9.97
N LYS A 355 0.89 10.25 -8.64
CA LYS A 355 1.79 10.75 -7.58
C LYS A 355 3.26 10.35 -7.82
N SER A 356 3.48 9.12 -8.29
CA SER A 356 4.81 8.57 -8.57
C SER A 356 5.48 9.20 -9.80
N MET A 357 4.67 9.76 -10.73
CA MET A 357 5.16 10.39 -11.96
C MET A 357 5.33 11.91 -11.84
N GLU A 358 5.20 12.45 -10.61
CA GLU A 358 5.34 13.88 -10.32
C GLU A 358 6.82 14.26 -10.23
N ALA A 359 7.25 15.22 -11.06
CA ALA A 359 8.64 15.70 -11.10
C ALA A 359 8.90 16.81 -10.07
N ILE A 360 10.15 17.28 -9.95
CA ILE A 360 10.57 18.34 -9.03
C ILE A 360 10.78 19.68 -9.76
N PHE A 361 10.72 20.79 -9.02
CA PHE A 361 10.98 22.14 -9.51
C PHE A 361 11.56 22.96 -8.37
N LEU A 362 12.81 23.41 -8.52
CA LEU A 362 13.51 24.23 -7.53
C LEU A 362 14.26 25.36 -8.23
N ALA A 363 14.11 26.60 -7.71
CA ALA A 363 14.74 27.78 -8.28
C ALA A 363 15.39 28.67 -7.22
N HIS A 364 16.55 29.25 -7.57
CA HIS A 364 17.31 30.17 -6.70
C HIS A 364 17.89 31.30 -7.54
N GLY A 365 17.79 32.52 -7.02
CA GLY A 365 18.29 33.72 -7.69
C GLY A 365 17.58 35.00 -7.28
N PRO A 366 18.07 36.17 -7.78
CA PRO A 366 17.44 37.45 -7.39
C PRO A 366 16.08 37.70 -8.05
N SER A 367 15.82 37.04 -9.20
CA SER A 367 14.56 37.18 -9.93
C SER A 367 13.42 36.44 -9.24
N PHE A 368 13.72 35.29 -8.60
CA PHE A 368 12.75 34.46 -7.87
C PHE A 368 12.53 34.92 -6.44
N LYS A 369 11.35 34.61 -5.87
CA LYS A 369 10.98 34.95 -4.50
C LYS A 369 11.67 33.98 -3.53
N GLU A 370 12.38 34.52 -2.52
CA GLU A 370 13.10 33.73 -1.51
C GLU A 370 12.15 33.14 -0.46
N LYS A 371 12.49 31.92 0.03
CA LYS A 371 11.77 31.14 1.06
C LYS A 371 10.28 30.92 0.73
N THR A 372 9.93 30.82 -0.56
CA THR A 372 8.54 30.66 -1.01
C THR A 372 8.25 29.24 -1.52
N VAL A 373 7.19 28.62 -0.99
CA VAL A 373 6.74 27.29 -1.39
C VAL A 373 5.47 27.46 -2.26
N ILE A 374 5.65 27.41 -3.59
CA ILE A 374 4.58 27.60 -4.57
C ILE A 374 3.75 26.31 -4.77
N GLU A 375 2.52 26.48 -5.28
CA GLU A 375 1.57 25.39 -5.55
C GLU A 375 2.00 24.64 -6.83
N PRO A 376 1.60 23.36 -7.03
CA PRO A 376 2.00 22.63 -8.23
C PRO A 376 1.58 23.25 -9.56
N PHE A 377 2.42 23.06 -10.60
CA PHE A 377 2.21 23.56 -11.95
C PHE A 377 2.78 22.57 -12.99
N GLU A 378 2.33 22.70 -14.24
CA GLU A 378 2.73 21.86 -15.38
C GLU A 378 4.00 22.39 -16.05
N ASN A 379 4.86 21.47 -16.52
CA ASN A 379 6.14 21.76 -17.20
C ASN A 379 6.01 22.62 -18.46
N ILE A 380 4.79 22.70 -19.05
CA ILE A 380 4.46 23.49 -20.24
C ILE A 380 4.58 25.02 -19.99
N GLU A 381 4.60 25.41 -18.72
CA GLU A 381 4.69 26.78 -18.23
C GLU A 381 6.13 27.27 -18.00
N VAL A 382 7.11 26.34 -17.92
CA VAL A 382 8.53 26.63 -17.67
C VAL A 382 9.14 27.50 -18.78
N TYR A 383 8.78 27.25 -20.06
CA TYR A 383 9.25 28.01 -21.22
C TYR A 383 8.91 29.50 -21.12
N ASN A 384 7.66 29.84 -20.71
CA ASN A 384 7.20 31.21 -20.56
C ASN A 384 7.99 31.94 -19.46
N LEU A 385 8.34 31.21 -18.38
CA LEU A 385 9.14 31.73 -17.27
C LEU A 385 10.57 32.01 -17.74
N LEU A 386 11.18 31.04 -18.47
CA LEU A 386 12.54 31.15 -19.03
C LEU A 386 12.69 32.36 -19.94
N CYS A 387 11.65 32.64 -20.76
CA CYS A 387 11.60 33.78 -21.68
C CYS A 387 11.57 35.10 -20.90
N ASP A 388 10.81 35.13 -19.78
CA ASP A 388 10.69 36.30 -18.89
C ASP A 388 11.98 36.59 -18.14
N LEU A 389 12.72 35.53 -17.74
CA LEU A 389 13.98 35.63 -17.03
C LEU A 389 15.08 36.20 -17.93
N LEU A 390 15.09 35.78 -19.21
CA LEU A 390 16.06 36.21 -20.22
C LEU A 390 15.67 37.53 -20.92
N HIS A 391 14.46 38.06 -20.61
CA HIS A 391 13.89 39.30 -21.16
C HIS A 391 13.68 39.20 -22.67
N ILE A 392 13.10 38.07 -23.12
CA ILE A 392 12.83 37.77 -24.54
C ILE A 392 11.37 37.38 -24.79
N GLN A 393 10.83 37.72 -25.98
CA GLN A 393 9.45 37.42 -26.39
C GLN A 393 9.30 35.93 -26.73
N PRO A 394 8.30 35.21 -26.17
CA PRO A 394 8.17 33.78 -26.47
C PRO A 394 7.55 33.44 -27.81
N ALA A 395 7.90 32.25 -28.33
CA ALA A 395 7.34 31.71 -29.57
C ALA A 395 5.97 31.11 -29.23
N PRO A 396 5.01 30.99 -30.18
CA PRO A 396 3.69 30.43 -29.82
C PRO A 396 3.75 29.05 -29.17
N ASN A 397 3.52 29.00 -27.84
CA ASN A 397 3.54 27.79 -27.04
C ASN A 397 2.15 27.50 -26.42
N ASN A 398 2.00 26.31 -25.79
CA ASN A 398 0.74 25.87 -25.17
C ASN A 398 0.59 26.27 -23.69
N GLY A 399 1.60 26.91 -23.12
CA GLY A 399 1.59 27.39 -21.75
C GLY A 399 0.95 28.76 -21.62
N SER A 400 0.18 28.97 -20.55
CA SER A 400 -0.52 30.23 -20.28
C SER A 400 0.47 31.29 -19.78
N HIS A 401 0.83 32.23 -20.67
CA HIS A 401 1.80 33.29 -20.34
C HIS A 401 1.26 34.27 -19.29
N GLY A 402 1.95 34.31 -18.15
CA GLY A 402 1.60 35.16 -17.02
C GLY A 402 1.18 34.39 -15.79
N SER A 403 0.96 33.06 -15.93
CA SER A 403 0.55 32.15 -14.85
C SER A 403 1.61 32.00 -13.75
N LEU A 404 2.89 32.04 -14.13
CA LEU A 404 4.03 31.86 -13.23
C LEU A 404 4.65 33.16 -12.70
N ASN A 405 3.84 34.24 -12.65
CA ASN A 405 4.29 35.55 -12.15
C ASN A 405 4.43 35.60 -10.62
N HIS A 406 3.74 34.68 -9.91
CA HIS A 406 3.77 34.58 -8.45
C HIS A 406 5.09 33.99 -7.93
N LEU A 407 5.90 33.43 -8.85
CA LEU A 407 7.21 32.84 -8.59
C LEU A 407 8.28 33.93 -8.55
N LEU A 408 8.15 34.94 -9.43
CA LEU A 408 9.11 36.04 -9.57
C LEU A 408 8.81 37.22 -8.65
N LYS A 409 9.88 37.90 -8.19
CA LYS A 409 9.81 39.09 -7.33
C LYS A 409 9.25 40.26 -8.15
N ALA A 410 9.75 40.41 -9.39
CA ALA A 410 9.34 41.43 -10.35
C ALA A 410 8.95 40.76 -11.68
N PRO A 411 7.63 40.60 -11.96
CA PRO A 411 7.22 39.93 -13.21
C PRO A 411 7.50 40.77 -14.46
N PHE A 412 8.01 40.10 -15.51
CA PHE A 412 8.35 40.71 -16.80
C PHE A 412 7.11 40.90 -17.68
N TYR A 413 6.27 39.85 -17.78
CA TYR A 413 5.05 39.88 -18.59
C TYR A 413 3.81 40.03 -17.72
N GLN A 414 3.08 41.14 -17.90
CA GLN A 414 1.84 41.42 -17.18
C GLN A 414 0.69 40.95 -18.08
N PRO A 415 -0.02 39.86 -17.71
CA PRO A 415 -1.10 39.36 -18.59
C PRO A 415 -2.36 40.21 -18.56
N SER A 416 -3.15 40.11 -19.64
CA SER A 416 -4.41 40.83 -19.82
C SER A 416 -5.55 39.84 -20.13
N HIS A 417 -6.80 40.24 -19.86
CA HIS A 417 -8.01 39.44 -20.13
C HIS A 417 -8.17 39.22 -21.63
N ALA A 418 -8.66 38.03 -22.01
CA ALA A 418 -8.88 37.67 -23.41
C ALA A 418 -10.00 38.50 -24.04
N GLU A 419 -9.65 39.24 -25.11
CA GLU A 419 -10.55 40.13 -25.84
C GLU A 419 -11.70 39.37 -26.51
N GLU A 420 -12.94 39.90 -26.37
CA GLU A 420 -14.15 39.33 -26.94
C GLU A 420 -14.22 39.72 -28.43
N LEU A 421 -14.29 38.70 -29.31
CA LEU A 421 -14.34 38.89 -30.76
C LEU A 421 -15.76 38.84 -31.36
N SER A 422 -16.77 38.54 -30.53
CA SER A 422 -18.18 38.49 -30.94
C SER A 422 -19.10 39.09 -29.89
N LYS A 423 -19.89 40.10 -30.30
CA LYS A 423 -20.84 40.82 -29.43
C LYS A 423 -22.22 40.14 -29.41
N SER A 424 -22.82 40.08 -28.21
CA SER A 424 -24.15 39.49 -28.01
C SER A 424 -25.24 40.42 -28.57
N ALA A 425 -26.18 39.85 -29.35
CA ALA A 425 -27.29 40.57 -29.98
C ALA A 425 -28.48 39.65 -30.23
N CYS A 427 -31.67 38.36 -29.50
CA CYS A 427 -32.80 37.80 -28.77
C CYS A 427 -33.38 38.83 -27.80
N GLY A 428 -34.70 39.04 -27.90
CA GLY A 428 -35.42 39.99 -27.06
C GLY A 428 -36.90 39.67 -26.94
N PHE A 429 -37.45 39.82 -25.72
CA PHE A 429 -38.86 39.53 -25.46
C PHE A 429 -39.76 40.62 -26.05
N THR A 430 -40.83 40.22 -26.75
CA THR A 430 -41.79 41.12 -27.38
C THR A 430 -43.22 40.70 -27.05
N THR A 431 -43.58 39.44 -27.34
CA THR A 431 -44.89 38.83 -27.09
C THR A 431 -44.73 37.41 -26.52
N PRO A 432 -45.60 36.96 -25.57
CA PRO A 432 -45.43 35.60 -25.02
C PRO A 432 -46.03 34.48 -25.88
N LEU A 433 -46.61 34.82 -27.05
CA LEU A 433 -47.22 33.86 -27.98
C LEU A 433 -46.19 33.38 -29.02
N PRO A 434 -46.01 32.06 -29.21
CA PRO A 434 -45.02 31.58 -30.19
C PRO A 434 -45.50 31.63 -31.64
N LYS A 435 -44.62 32.11 -32.55
CA LYS A 435 -44.89 32.22 -33.99
C LYS A 435 -45.00 30.83 -34.63
N ASP A 436 -44.13 29.90 -34.22
CA ASP A 436 -44.08 28.52 -34.70
C ASP A 436 -44.03 27.56 -33.51
N SER A 437 -44.84 26.49 -33.56
CA SER A 437 -44.91 25.46 -32.51
C SER A 437 -43.64 24.61 -32.42
N LEU A 438 -42.92 24.46 -33.56
CA LEU A 438 -41.68 23.70 -33.73
C LEU A 438 -41.84 22.19 -33.41
N ASN A 439 -43.05 21.64 -33.69
CA ASN A 439 -43.46 20.24 -33.49
C ASN A 439 -43.25 19.74 -32.03
N CYS A 440 -43.37 20.67 -31.07
CA CYS A 440 -43.20 20.38 -29.64
C CYS A 440 -44.38 20.88 -28.82
N SER A 441 -44.84 20.07 -27.86
CA SER A 441 -45.97 20.40 -26.99
C SER A 441 -45.89 19.78 -25.60
N CYS A 442 -46.40 20.51 -24.59
CA CYS A 442 -46.52 20.08 -23.20
C CYS A 442 -48.01 19.89 -22.91
N LEU A 443 -48.36 18.78 -22.23
CA LEU A 443 -49.74 18.41 -21.88
C LEU A 443 -50.47 19.43 -21.00
N ALA A 444 -49.73 20.15 -20.12
CA ALA A 444 -50.27 21.16 -19.22
C ALA A 444 -50.60 22.44 -19.99
N GLN A 450 -53.73 24.10 -19.36
CA GLN A 450 -53.22 25.31 -18.70
C GLN A 450 -52.83 26.40 -19.70
N GLU A 451 -52.92 27.67 -19.28
CA GLU A 451 -52.59 28.85 -20.09
C GLU A 451 -51.12 29.26 -19.98
N GLU A 452 -50.61 30.01 -20.97
CA GLU A 452 -49.22 30.48 -21.04
C GLU A 452 -48.90 31.55 -20.00
N GLN A 453 -48.72 31.12 -18.74
CA GLN A 453 -48.39 31.98 -17.60
C GLN A 453 -46.89 31.96 -17.35
N VAL A 454 -46.24 30.81 -17.61
CA VAL A 454 -44.79 30.59 -17.44
C VAL A 454 -43.96 31.35 -18.49
N ASN A 455 -44.58 31.73 -19.63
CA ASN A 455 -43.93 32.48 -20.71
C ASN A 455 -43.58 33.91 -20.28
N GLN A 456 -44.42 34.51 -19.43
CA GLN A 456 -44.24 35.85 -18.86
C GLN A 456 -43.14 35.85 -17.79
N ARG A 457 -42.92 34.69 -17.16
CA ARG A 457 -41.90 34.49 -16.13
C ARG A 457 -40.48 34.52 -16.72
N LEU A 458 -40.35 34.17 -18.03
CA LEU A 458 -39.08 34.21 -18.78
C LEU A 458 -38.69 35.67 -19.03
N ASN A 459 -39.68 36.55 -19.22
CA ASN A 459 -39.51 37.99 -19.42
C ASN A 459 -39.16 38.61 -18.06
N LEU A 460 -37.91 39.09 -17.93
CA LEU A 460 -37.42 39.66 -16.68
C LEU A 460 -37.03 41.13 -16.82
N ASN A 461 -37.39 41.96 -15.82
CA ASN A 461 -37.06 43.39 -15.77
C ASN A 461 -35.60 43.63 -15.39
N ARG A 462 -35.11 44.88 -15.55
CA ARG A 462 -33.73 45.34 -15.26
C ARG A 462 -33.18 44.83 -13.92
N GLY A 463 -34.01 44.88 -12.88
CA GLY A 463 -33.67 44.42 -11.53
C GLY A 463 -33.58 42.92 -11.42
N GLU A 464 -34.52 42.21 -12.07
CA GLU A 464 -34.60 40.74 -12.09
C GLU A 464 -33.46 40.12 -12.91
N VAL A 465 -33.03 40.82 -13.99
CA VAL A 465 -31.92 40.41 -14.85
C VAL A 465 -30.61 40.53 -14.05
N SER A 466 -30.42 41.67 -13.34
CA SER A 466 -29.26 41.93 -12.50
C SER A 466 -29.18 40.98 -11.29
N ALA A 467 -30.36 40.48 -10.83
CA ALA A 467 -30.47 39.54 -9.72
C ALA A 467 -29.90 38.17 -10.09
N THR A 468 -30.24 37.66 -11.30
CA THR A 468 -29.74 36.38 -11.80
C THR A 468 -28.30 36.53 -12.33
N GLU A 469 -27.89 37.77 -12.68
CA GLU A 469 -26.54 38.12 -13.14
C GLU A 469 -25.60 38.33 -11.94
N LYS A 470 -26.12 38.13 -10.71
CA LYS A 470 -25.39 38.27 -9.46
C LYS A 470 -25.28 36.90 -8.78
N THR A 471 -26.40 36.14 -8.75
CA THR A 471 -26.48 34.83 -8.12
C THR A 471 -25.87 33.75 -9.01
N ASN A 472 -26.41 33.56 -10.23
CA ASN A 472 -25.99 32.53 -11.19
C ASN A 472 -24.77 32.91 -12.02
N LEU A 473 -24.47 34.21 -12.15
CA LEU A 473 -23.34 34.71 -12.92
C LEU A 473 -22.43 35.56 -11.99
N PRO A 474 -21.65 34.94 -11.06
CA PRO A 474 -20.86 35.77 -10.12
C PRO A 474 -19.56 36.32 -10.69
N PHE A 475 -18.85 35.54 -11.50
CA PHE A 475 -17.55 35.89 -12.08
C PHE A 475 -17.69 36.47 -13.50
N GLY A 476 -18.92 36.71 -13.91
CA GLY A 476 -19.25 37.26 -15.22
C GLY A 476 -19.53 36.20 -16.27
N ARG A 477 -20.10 36.64 -17.41
CA ARG A 477 -20.44 35.76 -18.53
C ARG A 477 -19.19 35.36 -19.32
N PRO A 478 -19.05 34.06 -19.70
CA PRO A 478 -17.88 33.65 -20.50
C PRO A 478 -17.87 34.36 -21.85
N ARG A 479 -16.83 35.17 -22.08
CA ARG A 479 -16.68 35.98 -23.30
C ARG A 479 -16.39 35.14 -24.52
N VAL A 480 -17.07 35.45 -25.64
CA VAL A 480 -16.92 34.73 -26.91
C VAL A 480 -15.65 35.21 -27.62
N ILE A 481 -14.64 34.32 -27.68
CA ILE A 481 -13.34 34.58 -28.30
C ILE A 481 -13.38 34.14 -29.79
N GLN A 482 -14.52 33.55 -30.22
CA GLN A 482 -14.74 33.09 -31.59
C GLN A 482 -15.07 34.27 -32.50
N LYS A 483 -14.57 34.23 -33.75
CA LYS A 483 -14.79 35.26 -34.76
C LYS A 483 -16.16 35.10 -35.41
N ASN A 484 -16.91 36.22 -35.54
CA ASN A 484 -18.25 36.31 -36.14
C ASN A 484 -19.25 35.23 -35.66
N LYS A 485 -19.19 34.86 -34.38
CA LYS A 485 -20.08 33.87 -33.79
C LYS A 485 -21.40 34.53 -33.39
N ASP A 486 -22.46 34.33 -34.22
CA ASP A 486 -23.79 34.89 -34.00
C ASP A 486 -24.42 34.22 -32.78
N HIS A 487 -24.53 34.97 -31.67
CA HIS A 487 -25.07 34.48 -30.41
C HIS A 487 -25.91 35.53 -29.67
N CYS A 488 -26.75 35.06 -28.73
CA CYS A 488 -27.60 35.91 -27.89
C CYS A 488 -27.64 35.41 -26.45
N LEU A 489 -27.71 36.34 -25.51
CA LEU A 489 -27.74 36.05 -24.08
C LEU A 489 -29.19 35.96 -23.58
N LEU A 490 -29.57 34.79 -23.02
CA LEU A 490 -30.92 34.52 -22.50
C LEU A 490 -30.90 34.45 -20.97
N TYR A 491 -31.79 35.22 -20.32
CA TYR A 491 -31.88 35.28 -18.86
C TYR A 491 -33.09 34.53 -18.30
N HIS A 492 -32.87 33.80 -17.19
CA HIS A 492 -33.92 33.06 -16.47
C HIS A 492 -33.66 33.25 -14.97
N ARG A 493 -34.71 33.10 -14.15
CA ARG A 493 -34.65 33.28 -12.69
C ARG A 493 -33.68 32.33 -11.96
N GLU A 494 -33.43 31.14 -12.52
CA GLU A 494 -32.55 30.14 -11.89
C GLU A 494 -31.26 29.83 -12.70
N TYR A 495 -31.14 30.32 -13.95
CA TYR A 495 -29.97 30.08 -14.81
C TYR A 495 -29.81 31.10 -15.93
N VAL A 496 -28.54 31.44 -16.28
CA VAL A 496 -28.21 32.36 -17.38
C VAL A 496 -27.44 31.56 -18.44
N SER A 497 -27.91 31.57 -19.70
CA SER A 497 -27.27 30.82 -20.78
C SER A 497 -26.94 31.66 -22.02
N GLY A 498 -25.90 31.25 -22.75
CA GLY A 498 -25.44 31.89 -23.97
C GLY A 498 -25.74 31.05 -25.19
N PHE A 499 -26.91 31.29 -25.82
CA PHE A 499 -27.39 30.57 -26.99
C PHE A 499 -26.60 30.86 -28.26
N GLY A 500 -26.21 29.80 -28.96
CA GLY A 500 -25.48 29.88 -30.23
C GLY A 500 -26.44 29.71 -31.39
N LYS A 501 -26.92 30.85 -31.93
CA LYS A 501 -27.90 30.97 -33.03
C LYS A 501 -27.64 30.06 -34.23
N ALA A 502 -26.37 29.94 -34.67
CA ALA A 502 -25.97 29.13 -35.81
C ALA A 502 -26.09 27.63 -35.57
N MET A 503 -25.63 27.14 -34.40
CA MET A 503 -25.67 25.71 -34.05
C MET A 503 -27.00 25.29 -33.38
N LYS A 504 -27.92 26.24 -33.18
CA LYS A 504 -29.27 26.07 -32.61
C LYS A 504 -29.28 25.44 -31.19
N MET A 505 -28.23 25.70 -30.39
CA MET A 505 -28.08 25.20 -29.02
C MET A 505 -27.21 26.16 -28.18
N PRO A 506 -27.26 26.13 -26.81
CA PRO A 506 -26.42 27.05 -26.04
C PRO A 506 -24.96 26.61 -25.94
N MET A 507 -24.03 27.59 -26.06
CA MET A 507 -22.58 27.36 -25.97
C MET A 507 -22.20 27.12 -24.51
N TRP A 508 -22.91 27.78 -23.58
CA TRP A 508 -22.69 27.69 -22.13
C TRP A 508 -23.98 27.95 -21.34
N SER A 509 -24.02 27.46 -20.10
CA SER A 509 -25.15 27.62 -19.18
C SER A 509 -24.62 27.74 -17.75
N SER A 510 -24.64 28.98 -17.20
CA SER A 510 -24.16 29.27 -15.86
C SER A 510 -25.29 29.29 -14.83
N TYR A 511 -25.12 28.55 -13.72
CA TYR A 511 -26.09 28.44 -12.63
C TYR A 511 -25.45 28.05 -11.30
N THR A 512 -25.78 28.79 -10.22
CA THR A 512 -25.24 28.53 -8.88
C THR A 512 -26.26 27.78 -8.03
N VAL A 513 -25.99 26.49 -7.79
CA VAL A 513 -26.83 25.62 -6.96
C VAL A 513 -26.46 25.89 -5.49
N PRO A 514 -27.42 26.25 -4.60
CA PRO A 514 -27.04 26.50 -3.20
C PRO A 514 -26.86 25.21 -2.40
N LYS A 515 -26.32 25.32 -1.16
CA LYS A 515 -26.09 24.18 -0.27
C LYS A 515 -27.44 23.55 0.14
N PRO A 516 -27.73 22.29 -0.27
CA PRO A 516 -29.02 21.68 0.10
C PRO A 516 -29.00 21.01 1.48
N GLY A 517 -30.18 20.67 2.00
CA GLY A 517 -30.33 20.01 3.28
C GLY A 517 -29.91 18.55 3.24
N ASP A 518 -30.58 17.71 4.04
CA ASP A 518 -30.31 16.27 4.09
C ASP A 518 -30.76 15.58 2.79
N THR A 519 -31.88 16.09 2.22
CA THR A 519 -32.54 15.75 0.95
C THR A 519 -32.44 14.23 0.58
N SER A 520 -33.12 13.36 1.37
CA SER A 520 -33.16 11.91 1.12
C SER A 520 -34.00 11.64 -0.15
N SER A 521 -35.12 12.37 -0.32
CA SER A 521 -36.00 12.31 -1.49
C SER A 521 -35.90 13.62 -2.29
N LEU A 522 -35.41 13.55 -3.54
CA LEU A 522 -35.24 14.69 -4.44
C LEU A 522 -36.38 14.80 -5.46
N PRO A 523 -36.82 16.04 -5.85
CA PRO A 523 -37.91 16.15 -6.82
C PRO A 523 -37.52 15.66 -8.23
N PRO A 524 -38.38 14.86 -8.90
CA PRO A 524 -38.01 14.36 -10.24
C PRO A 524 -38.30 15.35 -11.37
N THR A 525 -37.72 15.09 -12.56
CA THR A 525 -37.88 15.91 -13.76
C THR A 525 -39.29 15.69 -14.34
N VAL A 526 -39.93 16.76 -14.85
CA VAL A 526 -41.27 16.70 -15.45
C VAL A 526 -41.23 15.98 -16.82
N PRO A 527 -41.87 14.79 -16.96
CA PRO A 527 -41.81 14.09 -18.25
C PRO A 527 -42.86 14.57 -19.26
N ASP A 528 -42.57 14.34 -20.56
CA ASP A 528 -43.38 14.70 -21.75
C ASP A 528 -43.63 16.21 -21.94
N CYS A 529 -43.20 17.06 -20.98
CA CYS A 529 -43.37 18.50 -21.04
C CYS A 529 -42.17 19.18 -21.68
N LEU A 530 -42.39 19.85 -22.84
CA LEU A 530 -41.38 20.56 -23.63
C LEU A 530 -42.06 21.54 -24.58
N ARG A 531 -41.85 22.86 -24.37
CA ARG A 531 -42.46 23.93 -25.16
C ARG A 531 -41.45 24.66 -26.09
N ALA A 532 -41.90 25.75 -26.74
CA ALA A 532 -41.09 26.56 -27.66
C ALA A 532 -40.68 27.91 -27.06
N ASP A 533 -39.46 28.38 -27.41
CA ASP A 533 -38.91 29.66 -26.95
C ASP A 533 -39.36 30.81 -27.84
N VAL A 534 -40.02 31.80 -27.22
CA VAL A 534 -40.57 32.98 -27.90
C VAL A 534 -39.49 34.02 -28.27
N ARG A 535 -38.40 34.09 -27.47
CA ARG A 535 -37.29 35.03 -27.68
C ARG A 535 -36.47 34.66 -28.93
N VAL A 536 -36.11 33.37 -29.06
CA VAL A 536 -35.34 32.82 -30.18
C VAL A 536 -36.24 32.68 -31.41
N ASP A 537 -35.76 33.14 -32.59
CA ASP A 537 -36.48 33.07 -33.86
C ASP A 537 -36.61 31.59 -34.33
N PRO A 538 -37.78 31.17 -34.88
CA PRO A 538 -37.93 29.76 -35.32
C PRO A 538 -36.89 29.25 -36.31
N SER A 539 -36.29 30.15 -37.13
CA SER A 539 -35.25 29.82 -38.11
C SER A 539 -33.94 29.43 -37.42
N GLU A 540 -33.70 29.98 -36.20
CA GLU A 540 -32.51 29.73 -35.37
C GLU A 540 -32.84 28.83 -34.16
N SER A 541 -34.09 28.32 -34.09
CA SER A 541 -34.58 27.45 -33.02
C SER A 541 -34.44 25.96 -33.37
N GLN A 542 -34.31 25.11 -32.34
CA GLN A 542 -34.17 23.66 -32.47
C GLN A 542 -35.55 23.00 -32.32
N LYS A 543 -35.99 22.26 -33.36
CA LYS A 543 -37.27 21.55 -33.38
C LYS A 543 -37.17 20.20 -32.68
N CYS A 544 -38.27 19.75 -32.05
CA CYS A 544 -38.34 18.47 -31.35
C CYS A 544 -38.47 17.28 -32.33
N SER A 545 -38.92 17.56 -33.58
CA SER A 545 -39.07 16.57 -34.65
C SER A 545 -37.71 16.11 -35.18
N PHE A 546 -36.63 16.87 -34.88
CA PHE A 546 -35.25 16.58 -35.28
C PHE A 546 -34.73 15.30 -34.62
N TYR A 547 -35.16 15.04 -33.37
CA TYR A 547 -34.78 13.88 -32.57
C TYR A 547 -35.74 12.69 -32.75
N LEU A 548 -36.87 12.93 -33.45
CA LEU A 548 -37.90 11.92 -33.72
C LEU A 548 -37.39 10.88 -34.72
N ALA A 549 -36.70 11.34 -35.80
CA ALA A 549 -36.14 10.48 -36.85
C ALA A 549 -34.88 9.74 -36.39
N ASP A 550 -34.05 10.40 -35.56
CA ASP A 550 -32.81 9.84 -35.02
C ASP A 550 -33.13 9.02 -33.75
N GLN A 551 -33.01 7.68 -33.83
CA GLN A 551 -33.29 6.79 -32.72
C GLN A 551 -32.14 6.69 -31.71
N ASN A 552 -30.90 6.88 -32.17
CA ASN A 552 -29.69 6.82 -31.35
C ASN A 552 -29.49 8.07 -30.48
N ILE A 553 -29.77 9.27 -31.04
CA ILE A 553 -29.61 10.55 -30.35
C ILE A 553 -30.97 11.16 -30.01
N ASP A 554 -31.16 11.56 -28.73
CA ASP A 554 -32.38 12.20 -28.24
C ASP A 554 -32.10 13.52 -27.53
N HIS A 555 -33.15 14.35 -27.36
CA HIS A 555 -33.08 15.68 -26.74
C HIS A 555 -32.74 15.62 -25.24
N GLY A 556 -31.64 16.27 -24.88
CA GLY A 556 -31.14 16.36 -23.51
C GLY A 556 -30.97 17.80 -23.07
N PHE A 557 -31.30 18.08 -21.80
CA PHE A 557 -31.17 19.44 -21.25
C PHE A 557 -29.82 19.66 -20.57
N LEU A 558 -29.14 20.78 -20.91
CA LEU A 558 -27.86 21.17 -20.34
C LEU A 558 -28.02 21.51 -18.86
N TYR A 559 -29.00 22.38 -18.56
CA TYR A 559 -29.32 22.77 -17.19
C TYR A 559 -30.40 21.82 -16.66
N PRO A 560 -30.19 21.14 -15.51
CA PRO A 560 -31.24 20.25 -14.98
C PRO A 560 -32.43 21.05 -14.43
N PRO A 561 -33.68 20.74 -14.81
CA PRO A 561 -34.82 21.54 -14.31
C PRO A 561 -35.05 21.40 -12.81
N ALA A 562 -35.06 20.15 -12.30
CA ALA A 562 -35.29 19.86 -10.89
C ALA A 562 -33.98 19.92 -10.06
N ILE A 563 -33.49 21.16 -9.83
CA ILE A 563 -32.26 21.43 -9.06
C ILE A 563 -32.43 22.66 -8.16
N LYS A 564 -33.31 23.60 -8.57
CA LYS A 564 -33.60 24.84 -7.84
C LYS A 564 -35.07 25.20 -7.89
N GLY A 565 -35.61 25.60 -6.74
CA GLY A 565 -37.00 26.01 -6.58
C GLY A 565 -38.02 24.88 -6.58
N ASN A 566 -39.30 25.26 -6.59
CA ASN A 566 -40.46 24.36 -6.56
C ASN A 566 -40.80 23.73 -7.94
N ASN A 567 -41.93 23.00 -8.01
CA ASN A 567 -42.43 22.31 -9.22
C ASN A 567 -42.78 23.27 -10.36
N GLU A 568 -43.20 24.50 -10.03
CA GLU A 568 -43.57 25.53 -11.02
C GLU A 568 -42.34 26.19 -11.65
N SER A 569 -41.30 26.47 -10.83
CA SER A 569 -40.05 27.14 -11.25
C SER A 569 -39.23 26.39 -12.31
N GLN A 570 -39.31 25.03 -12.34
CA GLN A 570 -38.55 24.20 -13.27
C GLN A 570 -39.10 24.19 -14.72
N TYR A 571 -40.18 24.96 -14.99
CA TYR A 571 -40.80 25.08 -16.32
C TYR A 571 -39.95 25.85 -17.32
N ASP A 572 -39.02 26.71 -16.84
CA ASP A 572 -38.12 27.53 -17.65
C ASP A 572 -37.15 26.71 -18.50
N ALA A 573 -36.61 25.61 -17.93
CA ALA A 573 -35.66 24.72 -18.59
C ALA A 573 -36.29 23.89 -19.71
N LEU A 574 -37.55 23.42 -19.50
CA LEU A 574 -38.28 22.61 -20.47
C LEU A 574 -38.83 23.52 -21.59
N ILE A 575 -37.95 23.87 -22.53
CA ILE A 575 -38.21 24.75 -23.68
C ILE A 575 -37.29 24.33 -24.86
N THR A 576 -37.43 24.98 -26.06
CA THR A 576 -36.59 24.67 -27.24
C THR A 576 -35.12 25.07 -26.99
N SER A 577 -34.90 26.05 -26.10
CA SER A 577 -33.58 26.50 -25.67
C SER A 577 -33.11 25.51 -24.58
N ASN A 578 -31.81 25.50 -24.25
CA ASN A 578 -31.19 24.59 -23.26
C ASN A 578 -31.16 23.11 -23.75
N LEU A 579 -31.72 22.83 -24.95
CA LEU A 579 -31.74 21.50 -25.56
C LEU A 579 -30.48 21.26 -26.37
N VAL A 580 -29.77 20.16 -26.08
CA VAL A 580 -28.52 19.73 -26.74
C VAL A 580 -28.60 18.24 -27.15
N PRO A 581 -27.98 17.81 -28.29
CA PRO A 581 -28.08 16.41 -28.70
C PRO A 581 -27.28 15.45 -27.83
N MET A 582 -27.97 14.43 -27.27
CA MET A 582 -27.36 13.43 -26.40
C MET A 582 -27.74 12.00 -26.72
N TYR A 583 -26.77 11.08 -26.63
CA TYR A 583 -26.98 9.64 -26.86
C TYR A 583 -27.75 9.06 -25.67
N LYS A 584 -28.55 8.00 -25.92
CA LYS A 584 -29.35 7.33 -24.88
C LYS A 584 -28.46 6.72 -23.78
N GLU A 585 -27.27 6.23 -24.15
CA GLU A 585 -26.29 5.68 -23.21
C GLU A 585 -25.54 6.80 -22.47
N PHE A 586 -25.30 7.95 -23.14
CA PHE A 586 -24.61 9.11 -22.55
C PHE A 586 -25.48 9.76 -21.48
N LYS A 587 -26.83 9.74 -21.66
CA LYS A 587 -27.81 10.29 -20.73
C LYS A 587 -27.73 9.65 -19.35
N LYS A 588 -27.30 8.36 -19.28
CA LYS A 588 -27.11 7.62 -18.03
C LYS A 588 -26.02 8.28 -17.18
N MET A 589 -24.96 8.80 -17.82
CA MET A 589 -23.85 9.51 -17.17
C MET A 589 -24.25 10.95 -16.83
N TRP A 590 -24.89 11.65 -17.80
CA TRP A 590 -25.30 13.06 -17.68
C TRP A 590 -26.39 13.28 -16.62
N ASP A 591 -27.47 12.48 -16.65
CA ASP A 591 -28.59 12.62 -15.70
C ASP A 591 -28.23 12.21 -14.28
N TYR A 592 -27.45 11.11 -14.11
CA TYR A 592 -27.02 10.62 -12.78
C TYR A 592 -26.09 11.60 -12.08
N PHE A 593 -25.27 12.33 -12.86
CA PHE A 593 -24.33 13.33 -12.35
C PHE A 593 -25.11 14.55 -11.83
N HIS A 594 -26.17 14.98 -12.54
CA HIS A 594 -26.99 16.12 -12.15
C HIS A 594 -28.09 15.78 -11.12
N LYS A 595 -28.27 14.49 -10.79
CA LYS A 595 -29.28 14.02 -9.83
C LYS A 595 -28.66 13.55 -8.51
N VAL A 596 -27.45 12.94 -8.56
CA VAL A 596 -26.80 12.40 -7.37
C VAL A 596 -25.48 13.13 -7.02
N LEU A 597 -24.53 13.15 -7.98
CA LEU A 597 -23.19 13.72 -7.79
C LEU A 597 -23.14 15.23 -7.55
N LEU A 598 -23.85 16.04 -8.37
CA LEU A 598 -23.88 17.50 -8.28
C LEU A 598 -24.34 17.98 -6.90
N ILE A 599 -25.38 17.33 -6.34
CA ILE A 599 -25.93 17.62 -5.01
C ILE A 599 -24.92 17.20 -3.93
N LYS A 600 -24.28 16.02 -4.10
CA LYS A 600 -23.26 15.46 -3.21
C LYS A 600 -22.07 16.42 -3.05
N TYR A 601 -21.57 17.00 -4.17
CA TYR A 601 -20.43 17.92 -4.14
C TYR A 601 -20.84 19.37 -3.82
N ALA A 602 -22.16 19.65 -3.78
CA ALA A 602 -22.68 20.97 -3.42
C ALA A 602 -22.63 21.11 -1.89
N ILE A 603 -22.83 19.99 -1.17
CA ILE A 603 -22.80 19.92 0.30
C ILE A 603 -21.35 20.13 0.79
N GLU A 604 -20.38 19.43 0.15
CA GLU A 604 -18.95 19.48 0.46
C GLU A 604 -18.33 20.87 0.24
N ARG A 605 -18.81 21.61 -0.77
CA ARG A 605 -18.32 22.93 -1.16
C ARG A 605 -19.18 24.11 -0.68
N ASN A 606 -20.32 23.83 0.01
CA ASN A 606 -21.32 24.81 0.50
C ASN A 606 -21.82 25.67 -0.67
N GLY A 607 -22.50 25.01 -1.61
CA GLY A 607 -23.01 25.61 -2.83
C GLY A 607 -22.00 25.46 -3.96
N VAL A 608 -22.47 25.35 -5.22
CA VAL A 608 -21.57 25.19 -6.36
C VAL A 608 -22.11 25.89 -7.63
N ASN A 609 -21.23 26.64 -8.32
CA ASN A 609 -21.54 27.33 -9.57
C ASN A 609 -21.14 26.40 -10.71
N VAL A 610 -22.12 26.03 -11.55
CA VAL A 610 -21.92 25.13 -12.68
C VAL A 610 -22.02 25.89 -14.00
N VAL A 611 -21.01 25.72 -14.87
CA VAL A 611 -20.96 26.32 -16.21
C VAL A 611 -20.75 25.13 -17.16
N SER A 612 -21.83 24.72 -17.85
CA SER A 612 -21.81 23.56 -18.75
C SER A 612 -22.17 23.93 -20.20
N GLY A 613 -21.65 23.15 -21.14
CA GLY A 613 -21.88 23.36 -22.57
C GLY A 613 -21.28 22.30 -23.48
N PRO A 614 -21.45 22.44 -24.82
CA PRO A 614 -20.89 21.43 -25.73
C PRO A 614 -19.47 21.72 -26.22
N ILE A 615 -18.76 20.67 -26.65
CA ILE A 615 -17.41 20.74 -27.20
C ILE A 615 -17.40 20.05 -28.56
N PHE A 616 -16.86 20.73 -29.58
CA PHE A 616 -16.75 20.20 -30.94
C PHE A 616 -15.27 20.12 -31.29
N ASP A 617 -14.74 18.89 -31.38
CA ASP A 617 -13.32 18.62 -31.67
C ASP A 617 -13.15 17.31 -32.46
N TYR A 618 -13.71 17.28 -33.68
CA TYR A 618 -13.64 16.11 -34.58
C TYR A 618 -12.26 15.91 -35.17
N ASN A 619 -11.48 17.00 -35.34
CA ASN A 619 -10.11 16.96 -35.86
C ASN A 619 -9.10 16.68 -34.74
N TYR A 620 -9.60 16.49 -33.49
CA TYR A 620 -8.90 16.19 -32.23
C TYR A 620 -7.60 17.03 -32.02
N ASP A 621 -7.64 18.32 -32.41
CA ASP A 621 -6.51 19.23 -32.28
C ASP A 621 -6.44 19.93 -30.91
N GLY A 622 -7.55 19.88 -30.17
CA GLY A 622 -7.69 20.49 -28.85
C GLY A 622 -8.32 21.87 -28.89
N HIS A 623 -8.62 22.36 -30.10
CA HIS A 623 -9.24 23.67 -30.34
C HIS A 623 -10.69 23.51 -30.84
N PHE A 624 -11.51 24.59 -30.74
CA PHE A 624 -12.91 24.60 -31.19
C PHE A 624 -13.02 24.40 -32.69
N ASP A 625 -14.03 23.62 -33.12
CA ASP A 625 -14.27 23.31 -34.53
C ASP A 625 -15.02 24.41 -35.26
N ALA A 626 -14.66 24.63 -36.53
CA ALA A 626 -15.33 25.58 -37.42
C ALA A 626 -16.53 24.82 -38.01
N PRO A 627 -17.61 25.47 -38.52
CA PRO A 627 -18.76 24.70 -39.08
C PRO A 627 -18.37 23.58 -40.06
N ASP A 628 -17.34 23.81 -40.89
CA ASP A 628 -16.83 22.83 -41.86
C ASP A 628 -16.08 21.67 -41.19
N GLU A 629 -15.41 21.94 -40.04
CA GLU A 629 -14.63 20.96 -39.27
C GLU A 629 -15.50 19.87 -38.62
N ILE A 630 -16.79 20.16 -38.36
CA ILE A 630 -17.75 19.23 -37.75
C ILE A 630 -18.16 18.18 -38.80
N THR A 631 -17.98 16.88 -38.47
CA THR A 631 -18.30 15.76 -39.37
C THR A 631 -19.65 15.11 -39.09
N ASN A 632 -20.07 15.00 -37.82
CA ASN A 632 -21.34 14.37 -37.45
C ASN A 632 -22.40 15.37 -37.01
N TYR A 633 -23.61 15.24 -37.58
CA TYR A 633 -24.80 16.07 -37.32
C TYR A 633 -25.98 15.13 -36.99
N VAL A 634 -27.06 15.70 -36.41
CA VAL A 634 -28.28 14.94 -36.07
C VAL A 634 -28.97 14.56 -37.40
N ALA A 635 -29.42 13.30 -37.54
CA ALA A 635 -30.05 12.72 -38.73
C ALA A 635 -30.96 13.68 -39.51
N GLY A 636 -30.51 13.99 -40.73
CA GLY A 636 -31.20 14.85 -41.69
C GLY A 636 -31.41 16.30 -41.26
N THR A 637 -30.58 16.81 -40.33
CA THR A 637 -30.68 18.19 -39.82
C THR A 637 -29.32 18.89 -39.81
N ASP A 638 -29.34 20.24 -39.76
CA ASP A 638 -28.13 21.07 -39.72
C ASP A 638 -27.57 21.27 -38.30
N VAL A 639 -28.26 20.75 -37.26
CA VAL A 639 -27.82 20.86 -35.87
C VAL A 639 -26.65 19.86 -35.62
N PRO A 640 -25.48 20.36 -35.15
CA PRO A 640 -24.32 19.48 -34.97
C PRO A 640 -24.36 18.58 -33.74
N VAL A 641 -23.45 17.59 -33.68
CA VAL A 641 -23.32 16.64 -32.57
C VAL A 641 -22.00 16.94 -31.84
N PRO A 642 -22.02 17.19 -30.52
CA PRO A 642 -20.76 17.48 -29.81
C PRO A 642 -19.90 16.24 -29.59
N THR A 643 -18.57 16.41 -29.64
CA THR A 643 -17.60 15.34 -29.40
C THR A 643 -17.51 15.08 -27.90
N HIS A 644 -17.49 16.19 -27.12
CA HIS A 644 -17.40 16.16 -25.66
C HIS A 644 -18.38 17.16 -25.04
N TYR A 645 -18.59 17.05 -23.72
CA TYR A 645 -19.45 17.93 -22.92
C TYR A 645 -18.68 18.38 -21.69
N PHE A 646 -18.62 19.70 -21.45
CA PHE A 646 -17.88 20.21 -20.30
C PHE A 646 -18.79 20.61 -19.13
N VAL A 647 -18.26 20.46 -17.91
CA VAL A 647 -18.92 20.83 -16.65
C VAL A 647 -17.85 21.51 -15.80
N VAL A 648 -18.00 22.81 -15.55
CA VAL A 648 -17.04 23.57 -14.75
C VAL A 648 -17.66 23.91 -13.40
N LEU A 649 -17.21 23.22 -12.34
CA LEU A 649 -17.68 23.43 -10.98
C LEU A 649 -16.79 24.46 -10.30
N THR A 650 -17.37 25.58 -9.83
CA THR A 650 -16.62 26.66 -9.18
C THR A 650 -17.22 27.01 -7.81
N SER A 651 -16.35 27.07 -6.80
CA SER A 651 -16.69 27.42 -5.41
C SER A 651 -15.56 28.30 -4.83
N CYS A 652 -15.30 28.24 -3.51
CA CYS A 652 -14.24 29.01 -2.87
C CYS A 652 -13.34 28.16 -2.00
N LYS A 653 -12.07 28.58 -1.82
CA LYS A 653 -11.06 27.90 -0.99
C LYS A 653 -11.54 27.77 0.46
N ASN A 654 -12.20 28.83 0.98
CA ASN A 654 -12.79 28.84 2.32
C ASN A 654 -14.24 28.38 2.16
N LYS A 655 -14.58 27.23 2.78
CA LYS A 655 -15.90 26.60 2.70
C LYS A 655 -17.03 27.40 3.39
N THR A 656 -16.69 28.44 4.18
CA THR A 656 -17.66 29.29 4.89
C THR A 656 -18.53 30.13 3.94
N HIS A 657 -17.99 30.48 2.75
CA HIS A 657 -18.67 31.29 1.74
C HIS A 657 -19.25 30.48 0.58
N THR A 658 -20.32 31.02 -0.04
CA THR A 658 -21.02 30.44 -1.18
C THR A 658 -20.46 31.02 -2.50
N PRO A 659 -20.55 30.31 -3.67
CA PRO A 659 -19.99 30.87 -4.92
C PRO A 659 -20.66 32.15 -5.42
N ASP A 660 -21.95 32.38 -5.07
CA ASP A 660 -22.72 33.56 -5.45
C ASP A 660 -22.18 34.85 -4.83
N SER A 661 -21.66 34.75 -3.59
CA SER A 661 -21.07 35.87 -2.86
C SER A 661 -19.81 35.41 -2.11
N CYS A 662 -18.65 35.46 -2.79
CA CYS A 662 -17.33 35.05 -2.23
C CYS A 662 -16.27 36.10 -2.53
N PRO A 663 -15.61 36.62 -1.51
CA PRO A 663 -14.52 37.61 -1.61
C PRO A 663 -13.16 37.13 -2.11
N GLY A 664 -12.76 35.98 -1.59
CA GLY A 664 -11.48 35.39 -1.82
C GLY A 664 -11.21 34.42 -2.93
N TRP A 665 -10.10 33.74 -2.80
CA TRP A 665 -9.69 32.73 -3.77
C TRP A 665 -10.76 31.68 -4.05
N LEU A 666 -10.85 31.23 -5.31
CA LEU A 666 -11.81 30.24 -5.77
C LEU A 666 -11.24 28.81 -5.81
N ASP A 667 -12.12 27.80 -5.89
CA ASP A 667 -11.79 26.39 -6.01
C ASP A 667 -12.53 25.85 -7.23
N VAL A 668 -11.80 25.27 -8.19
CA VAL A 668 -12.39 24.78 -9.43
C VAL A 668 -12.23 23.25 -9.61
N LEU A 669 -13.24 22.63 -10.26
CA LEU A 669 -13.29 21.20 -10.58
C LEU A 669 -13.90 21.00 -11.99
N PRO A 670 -13.13 21.27 -13.08
CA PRO A 670 -13.69 21.12 -14.43
C PRO A 670 -13.67 19.69 -14.96
N PHE A 671 -14.52 19.41 -15.95
CA PHE A 671 -14.64 18.09 -16.61
C PHE A 671 -14.78 18.26 -18.12
N VAL A 672 -14.31 17.24 -18.89
CA VAL A 672 -14.43 17.16 -20.35
C VAL A 672 -14.87 15.72 -20.63
N VAL A 673 -16.17 15.45 -20.41
CA VAL A 673 -16.76 14.12 -20.57
C VAL A 673 -16.97 13.82 -22.05
N PRO A 674 -16.43 12.69 -22.57
CA PRO A 674 -16.62 12.39 -24.00
C PRO A 674 -18.04 11.93 -24.31
N HIS A 675 -18.64 12.56 -25.34
CA HIS A 675 -20.00 12.26 -25.81
C HIS A 675 -19.91 11.08 -26.78
N ARG A 676 -19.93 9.85 -26.22
CA ARG A 676 -19.81 8.59 -26.96
C ARG A 676 -21.13 7.82 -27.01
N PRO A 677 -21.46 7.14 -28.15
CA PRO A 677 -22.73 6.38 -28.23
C PRO A 677 -22.82 5.16 -27.31
N THR A 678 -21.66 4.63 -26.87
CA THR A 678 -21.55 3.47 -25.99
C THR A 678 -20.69 3.79 -24.77
N ASN A 679 -21.08 3.25 -23.60
CA ASN A 679 -20.36 3.42 -22.34
C ASN A 679 -19.27 2.34 -22.16
N VAL A 680 -18.68 1.89 -23.30
CA VAL A 680 -17.63 0.87 -23.36
C VAL A 680 -16.33 1.31 -22.62
N GLU A 681 -16.22 2.61 -22.32
CA GLU A 681 -15.09 3.19 -21.58
C GLU A 681 -15.25 2.88 -20.09
N SER A 682 -16.48 3.04 -19.55
CA SER A 682 -16.79 2.78 -18.16
C SER A 682 -17.08 1.30 -17.90
N CYS A 683 -17.70 0.61 -18.90
CA CYS A 683 -18.15 -0.79 -18.86
C CYS A 683 -19.24 -0.96 -17.77
N PRO A 684 -20.50 -0.60 -18.10
CA PRO A 684 -21.58 -0.65 -17.09
C PRO A 684 -22.12 -2.03 -16.73
N GLU A 685 -21.65 -3.10 -17.42
CA GLU A 685 -22.07 -4.48 -17.17
C GLU A 685 -21.78 -4.86 -15.70
N ASN A 686 -22.82 -5.35 -14.99
CA ASN A 686 -22.84 -5.76 -13.57
C ASN A 686 -22.89 -4.58 -12.58
N LYS A 687 -22.12 -3.51 -12.86
CA LYS A 687 -22.01 -2.31 -12.02
C LYS A 687 -23.21 -1.37 -12.09
N ALA A 688 -23.63 -0.85 -10.93
CA ALA A 688 -24.72 0.13 -10.82
C ALA A 688 -24.12 1.51 -11.12
N GLU A 689 -24.95 2.48 -11.58
CA GLU A 689 -24.56 3.85 -11.96
C GLU A 689 -23.63 4.57 -10.94
N ASP A 690 -23.75 4.25 -9.64
CA ASP A 690 -22.92 4.80 -8.56
C ASP A 690 -21.47 4.25 -8.54
N LEU A 691 -21.18 3.23 -9.35
CA LEU A 691 -19.85 2.58 -9.41
C LEU A 691 -19.03 2.89 -10.67
N TRP A 692 -19.60 3.58 -11.69
CA TRP A 692 -18.86 3.89 -12.92
C TRP A 692 -18.96 5.36 -13.41
N VAL A 693 -20.08 6.06 -13.14
CA VAL A 693 -20.29 7.46 -13.57
C VAL A 693 -19.25 8.41 -12.94
N GLU A 694 -19.08 8.34 -11.60
CA GLU A 694 -18.11 9.15 -10.84
C GLU A 694 -16.68 8.87 -11.33
N GLU A 695 -16.35 7.58 -11.56
CA GLU A 695 -15.05 7.10 -12.03
C GLU A 695 -14.67 7.69 -13.38
N ARG A 696 -15.64 7.80 -14.32
CA ARG A 696 -15.41 8.36 -15.65
C ARG A 696 -15.20 9.87 -15.64
N PHE A 697 -16.02 10.58 -14.85
CA PHE A 697 -15.94 12.03 -14.68
C PHE A 697 -14.57 12.40 -14.10
N LYS A 698 -14.13 11.65 -13.07
CA LYS A 698 -12.84 11.83 -12.41
C LYS A 698 -11.65 11.54 -13.33
N ALA A 699 -11.81 10.60 -14.27
CA ALA A 699 -10.78 10.24 -15.25
C ALA A 699 -10.68 11.31 -16.35
N HIS A 700 -11.77 12.05 -16.59
CA HIS A 700 -11.85 13.09 -17.61
C HIS A 700 -11.80 14.54 -17.06
N ILE A 701 -11.20 14.73 -15.87
CA ILE A 701 -11.04 16.04 -15.25
C ILE A 701 -9.94 16.79 -16.04
N ALA A 702 -10.23 18.03 -16.48
CA ALA A 702 -9.29 18.84 -17.23
C ALA A 702 -9.11 20.23 -16.60
N ARG A 703 -8.20 21.05 -17.15
CA ARG A 703 -7.94 22.41 -16.67
C ARG A 703 -9.02 23.35 -17.22
N VAL A 704 -9.13 24.57 -16.67
CA VAL A 704 -10.10 25.57 -17.15
C VAL A 704 -9.61 26.10 -18.50
N ARG A 705 -8.28 26.01 -18.75
CA ARG A 705 -7.65 26.41 -20.01
C ARG A 705 -8.06 25.40 -21.09
N ASP A 706 -8.16 24.10 -20.73
CA ASP A 706 -8.54 23.01 -21.63
C ASP A 706 -9.97 23.20 -22.16
N VAL A 707 -10.93 23.55 -21.28
CA VAL A 707 -12.32 23.79 -21.67
C VAL A 707 -12.44 25.07 -22.52
N GLU A 708 -11.61 26.09 -22.21
CA GLU A 708 -11.52 27.38 -22.89
C GLU A 708 -11.09 27.24 -24.35
N LEU A 709 -10.04 26.42 -24.61
CA LEU A 709 -9.50 26.18 -25.95
C LEU A 709 -10.47 25.41 -26.84
N LEU A 710 -11.18 24.43 -26.25
CA LEU A 710 -12.16 23.58 -26.93
C LEU A 710 -13.49 24.30 -27.24
N THR A 711 -13.79 25.43 -26.55
CA THR A 711 -15.04 26.16 -26.72
C THR A 711 -14.90 27.58 -27.30
N GLY A 712 -13.73 28.19 -27.11
CA GLY A 712 -13.45 29.56 -27.54
C GLY A 712 -14.20 30.54 -26.65
N LEU A 713 -14.31 30.20 -25.36
CA LEU A 713 -15.01 30.98 -24.34
C LEU A 713 -14.14 31.17 -23.10
N ASP A 714 -13.57 32.37 -22.92
CA ASP A 714 -12.74 32.69 -21.76
C ASP A 714 -13.63 32.94 -20.53
N PHE A 715 -13.33 32.24 -19.43
CA PHE A 715 -14.08 32.33 -18.17
C PHE A 715 -13.44 33.29 -17.18
N TYR A 716 -14.21 33.71 -16.15
CA TYR A 716 -13.81 34.60 -15.04
C TYR A 716 -13.13 35.90 -15.51
N GLN A 717 -13.94 36.87 -15.94
CA GLN A 717 -13.46 38.18 -16.41
C GLN A 717 -13.94 39.31 -15.50
N GLU A 718 -14.99 39.05 -14.69
CA GLU A 718 -15.56 40.00 -13.74
C GLU A 718 -15.14 39.70 -12.29
N LYS A 719 -14.17 38.77 -12.11
CA LYS A 719 -13.64 38.40 -10.80
C LYS A 719 -12.58 39.42 -10.39
N THR A 720 -12.77 40.05 -9.21
CA THR A 720 -11.85 41.06 -8.66
C THR A 720 -10.60 40.34 -8.10
N GLN A 721 -9.65 40.07 -9.00
CA GLN A 721 -8.37 39.40 -8.75
C GLN A 721 -7.43 39.69 -9.94
N PRO A 722 -6.08 39.78 -9.76
CA PRO A 722 -5.20 40.05 -10.91
C PRO A 722 -5.21 38.92 -11.92
N VAL A 723 -5.02 39.25 -13.22
CA VAL A 723 -5.02 38.31 -14.35
C VAL A 723 -4.04 37.13 -14.13
N SER A 724 -2.87 37.41 -13.49
CA SER A 724 -1.87 36.41 -13.15
C SER A 724 -2.39 35.38 -12.14
N GLU A 725 -3.19 35.85 -11.15
CA GLU A 725 -3.81 35.01 -10.12
C GLU A 725 -4.95 34.15 -10.67
N ILE A 726 -5.73 34.69 -11.63
CA ILE A 726 -6.84 33.97 -12.27
C ILE A 726 -6.28 32.83 -13.14
N LEU A 727 -5.14 33.08 -13.83
CA LEU A 727 -4.45 32.09 -14.68
C LEU A 727 -3.95 30.87 -13.91
N GLN A 728 -3.68 31.04 -12.59
CA GLN A 728 -3.26 29.97 -11.69
C GLN A 728 -4.41 28.99 -11.49
N LEU A 729 -5.66 29.50 -11.43
CA LEU A 729 -6.88 28.72 -11.30
C LEU A 729 -7.21 28.07 -12.65
N LYS A 730 -6.92 28.78 -13.76
CA LYS A 730 -7.13 28.32 -15.14
C LYS A 730 -6.26 27.11 -15.47
N THR A 731 -5.02 27.10 -14.95
CA THR A 731 -4.03 26.04 -15.18
C THR A 731 -4.12 24.92 -14.13
N TYR A 732 -4.88 25.17 -13.04
CA TYR A 732 -5.08 24.22 -11.94
C TYR A 732 -5.79 22.94 -12.39
N LEU A 733 -5.21 21.79 -12.02
CA LEU A 733 -5.70 20.45 -12.32
C LEU A 733 -5.89 19.69 -10.98
N PRO A 734 -7.15 19.41 -10.56
CA PRO A 734 -7.36 18.72 -9.28
C PRO A 734 -6.97 17.24 -9.32
N THR A 735 -6.22 16.79 -8.30
CA THR A 735 -5.73 15.40 -8.18
C THR A 735 -6.22 14.76 -6.88
N PHE A 736 -6.85 13.58 -7.00
CA PHE A 736 -7.39 12.82 -5.87
C PHE A 736 -6.52 11.61 -5.54
N TRP B 5 39.10 -2.12 9.53
CA TRP B 5 38.18 -3.26 9.55
C TRP B 5 37.13 -3.17 8.44
N VAL B 6 36.56 -1.97 8.23
CA VAL B 6 35.52 -1.70 7.22
C VAL B 6 36.06 -1.88 5.79
N THR B 7 37.37 -1.61 5.57
CA THR B 7 38.06 -1.76 4.28
C THR B 7 38.56 -3.19 4.09
N GLU B 8 38.84 -3.89 5.20
CA GLU B 8 39.36 -5.27 5.24
C GLU B 8 38.39 -6.31 4.66
N ALA B 9 38.94 -7.49 4.32
CA ALA B 9 38.19 -8.62 3.77
C ALA B 9 37.74 -9.59 4.88
N CYS B 10 36.89 -10.57 4.54
CA CYS B 10 36.37 -11.58 5.47
C CYS B 10 37.50 -12.56 5.86
N ALA B 11 37.65 -12.84 7.16
CA ALA B 11 38.67 -13.75 7.68
C ALA B 11 38.30 -15.20 7.41
N GLN B 17 40.40 -16.07 15.34
CA GLN B 17 41.78 -15.94 15.82
C GLN B 17 41.84 -15.11 17.10
N CYS B 18 42.31 -15.73 18.20
CA CYS B 18 42.39 -15.12 19.53
C CYS B 18 43.83 -15.10 20.09
N PRO B 19 44.28 -13.97 20.71
CA PRO B 19 45.65 -13.96 21.25
C PRO B 19 45.76 -14.58 22.65
N GLU B 20 46.91 -14.36 23.33
CA GLU B 20 47.25 -14.83 24.67
C GLU B 20 46.25 -14.38 25.75
N GLY B 21 46.11 -15.20 26.79
CA GLY B 21 45.23 -14.93 27.93
C GLY B 21 43.82 -15.43 27.73
N PHE B 22 43.19 -15.04 26.61
CA PHE B 22 41.82 -15.43 26.26
C PHE B 22 41.74 -16.89 25.86
N ASP B 23 41.33 -17.72 26.82
CA ASP B 23 41.17 -19.15 26.57
C ASP B 23 39.80 -19.43 25.96
N GLN B 24 38.78 -18.62 26.29
CA GLN B 24 37.40 -18.74 25.79
C GLN B 24 36.99 -17.51 24.96
N PRO B 25 36.18 -17.66 23.87
CA PRO B 25 35.79 -16.48 23.08
C PRO B 25 34.73 -15.61 23.79
N PRO B 26 34.97 -14.28 23.94
CA PRO B 26 34.01 -13.42 24.64
C PRO B 26 32.75 -13.18 23.81
N VAL B 27 31.60 -13.04 24.50
CA VAL B 27 30.29 -12.83 23.86
C VAL B 27 29.76 -11.43 24.15
N ILE B 28 29.48 -10.65 23.09
CA ILE B 28 28.91 -9.29 23.21
C ILE B 28 27.52 -9.28 22.55
N LEU B 29 26.51 -8.84 23.30
CA LEU B 29 25.13 -8.76 22.82
C LEU B 29 24.74 -7.31 22.54
N PHE B 30 24.96 -6.87 21.29
CA PHE B 30 24.66 -5.53 20.81
C PHE B 30 23.18 -5.41 20.45
N SER B 31 22.49 -4.39 20.98
CA SER B 31 21.09 -4.16 20.69
C SER B 31 20.83 -2.77 20.14
N MET B 32 20.17 -2.72 18.97
CA MET B 32 19.79 -1.48 18.29
C MET B 32 18.26 -1.47 18.25
N ASP B 33 17.65 -0.71 19.18
CA ASP B 33 16.21 -0.57 19.35
C ASP B 33 15.52 -0.09 18.07
N GLY B 34 14.41 -0.74 17.73
CA GLY B 34 13.58 -0.41 16.56
C GLY B 34 14.22 -0.62 15.21
N PHE B 35 15.21 -1.52 15.12
CA PHE B 35 15.91 -1.85 13.86
C PHE B 35 15.14 -3.01 13.19
N ARG B 36 14.21 -2.67 12.29
CA ARG B 36 13.41 -3.68 11.58
C ARG B 36 14.21 -4.39 10.48
N ALA B 37 13.74 -5.59 10.09
CA ALA B 37 14.33 -6.43 9.05
C ALA B 37 14.39 -5.71 7.71
N GLU B 38 13.37 -4.84 7.45
CA GLU B 38 13.21 -4.01 6.26
C GLU B 38 14.42 -3.08 6.04
N TYR B 39 15.03 -2.55 7.14
CA TYR B 39 16.19 -1.67 7.05
C TYR B 39 17.41 -2.43 6.51
N LEU B 40 17.60 -3.69 6.97
CA LEU B 40 18.70 -4.55 6.54
C LEU B 40 18.45 -5.10 5.13
N GLN B 41 17.16 -5.29 4.77
CA GLN B 41 16.73 -5.81 3.47
C GLN B 41 16.75 -4.75 2.36
N THR B 42 16.84 -3.46 2.72
CA THR B 42 16.80 -2.37 1.75
C THR B 42 17.99 -1.41 1.87
N TRP B 43 18.21 -0.83 3.06
CA TRP B 43 19.28 0.14 3.27
C TRP B 43 20.50 -0.44 3.99
N SER B 44 20.98 -1.61 3.57
CA SER B 44 22.16 -2.25 4.15
C SER B 44 23.44 -1.68 3.55
N THR B 45 23.45 -1.50 2.21
CA THR B 45 24.59 -0.98 1.43
C THR B 45 24.99 0.45 1.84
N LEU B 46 24.05 1.22 2.43
CA LEU B 46 24.30 2.57 2.94
C LEU B 46 25.06 2.52 4.27
N LEU B 47 25.09 1.35 4.93
CA LEU B 47 25.76 1.10 6.21
C LEU B 47 27.04 0.27 5.94
N PRO B 48 28.21 0.93 5.78
CA PRO B 48 29.44 0.18 5.43
C PRO B 48 29.90 -0.89 6.43
N ASN B 49 29.81 -0.62 7.74
CA ASN B 49 30.22 -1.56 8.79
C ASN B 49 29.27 -2.73 8.97
N ILE B 50 27.95 -2.45 8.97
CA ILE B 50 26.90 -3.47 9.14
C ILE B 50 26.84 -4.42 7.92
N ASN B 51 26.93 -3.87 6.69
CA ASN B 51 26.91 -4.67 5.45
C ASN B 51 28.11 -5.63 5.36
N LYS B 52 29.24 -5.27 5.98
CA LYS B 52 30.45 -6.10 6.02
C LYS B 52 30.21 -7.34 6.89
N LEU B 53 29.67 -7.13 8.12
CA LEU B 53 29.34 -8.20 9.07
C LEU B 53 28.19 -9.08 8.54
N LYS B 54 27.29 -8.50 7.73
CA LYS B 54 26.16 -9.18 7.10
C LYS B 54 26.66 -10.19 6.07
N THR B 55 27.72 -9.79 5.32
CA THR B 55 28.34 -10.60 4.27
C THR B 55 29.31 -11.64 4.82
N CYS B 56 30.29 -11.21 5.66
CA CYS B 56 31.31 -12.07 6.26
C CYS B 56 30.74 -13.07 7.28
N GLY B 57 29.93 -12.58 8.20
CA GLY B 57 29.33 -13.37 9.26
C GLY B 57 28.06 -14.10 8.89
N LEU B 58 27.17 -14.26 9.90
CA LEU B 58 25.89 -14.94 9.80
C LEU B 58 24.73 -13.98 10.10
N HIS B 59 23.59 -14.15 9.41
CA HIS B 59 22.38 -13.35 9.59
C HIS B 59 21.12 -14.06 9.08
N SER B 60 19.98 -13.76 9.70
CA SER B 60 18.68 -14.32 9.32
C SER B 60 17.93 -13.31 8.43
N LYS B 61 16.87 -13.78 7.74
CA LYS B 61 16.02 -12.93 6.90
C LYS B 61 15.32 -11.92 7.81
N TYR B 62 14.84 -12.40 8.98
CA TYR B 62 14.21 -11.64 10.05
C TYR B 62 14.23 -12.44 11.36
N MET B 63 14.21 -11.75 12.51
CA MET B 63 14.13 -12.41 13.80
C MET B 63 12.78 -12.04 14.42
N ARG B 64 11.92 -13.05 14.61
CA ARG B 64 10.57 -12.89 15.17
C ARG B 64 10.62 -12.39 16.61
N ALA B 65 9.98 -11.24 16.86
CA ALA B 65 9.88 -10.64 18.18
C ALA B 65 8.78 -11.33 19.01
N VAL B 66 8.51 -10.84 20.23
CA VAL B 66 7.48 -11.43 21.09
C VAL B 66 6.44 -10.35 21.45
N TYR B 67 5.14 -10.72 21.42
CA TYR B 67 4.03 -9.80 21.70
C TYR B 67 3.93 -9.43 23.19
N PRO B 68 3.81 -8.12 23.56
CA PRO B 68 3.79 -6.93 22.69
C PRO B 68 5.18 -6.51 22.22
N THR B 69 5.31 -6.10 20.96
CA THR B 69 6.60 -5.72 20.38
C THR B 69 7.07 -4.35 20.91
N LYS B 70 7.58 -4.38 22.16
CA LYS B 70 8.10 -3.22 22.90
C LYS B 70 9.49 -3.56 23.46
N ALA B 71 10.26 -2.55 23.91
CA ALA B 71 11.62 -2.73 24.42
C ALA B 71 11.76 -3.65 25.63
N PHE B 72 11.18 -3.26 26.78
CA PHE B 72 11.27 -4.01 28.05
C PHE B 72 10.78 -5.48 27.96
N PRO B 73 9.63 -5.86 27.33
CA PRO B 73 9.28 -7.29 27.27
C PRO B 73 10.25 -8.09 26.40
N ASN B 74 10.62 -7.57 25.22
CA ASN B 74 11.51 -8.22 24.25
C ASN B 74 12.96 -8.33 24.71
N HIS B 75 13.56 -7.23 25.24
CA HIS B 75 14.94 -7.22 25.72
C HIS B 75 15.13 -8.24 26.84
N TYR B 76 14.16 -8.29 27.78
CA TYR B 76 14.20 -9.23 28.89
C TYR B 76 13.91 -10.66 28.41
N THR B 77 13.16 -10.83 27.29
CA THR B 77 12.87 -12.15 26.69
C THR B 77 14.16 -12.73 26.09
N ILE B 78 14.95 -11.89 25.40
CA ILE B 78 16.22 -12.29 24.77
C ILE B 78 17.21 -12.85 25.81
N VAL B 79 17.35 -12.16 26.96
CA VAL B 79 18.28 -12.55 28.02
C VAL B 79 17.76 -13.71 28.90
N THR B 80 16.43 -13.98 28.91
CA THR B 80 15.89 -15.06 29.76
C THR B 80 15.47 -16.32 29.00
N GLY B 81 14.95 -16.14 27.79
CA GLY B 81 14.44 -17.22 26.94
C GLY B 81 13.01 -17.57 27.30
N LEU B 82 12.37 -16.72 28.13
CA LEU B 82 11.01 -16.87 28.63
C LEU B 82 10.06 -15.89 27.94
N TYR B 83 8.77 -16.25 27.86
CA TYR B 83 7.73 -15.38 27.29
C TYR B 83 7.41 -14.25 28.29
N PRO B 84 6.90 -13.07 27.86
CA PRO B 84 6.61 -11.98 28.82
C PRO B 84 5.74 -12.38 30.01
N GLU B 85 4.78 -13.31 29.78
CA GLU B 85 3.89 -13.85 30.80
C GLU B 85 4.64 -14.66 31.87
N SER B 86 5.81 -15.22 31.52
CA SER B 86 6.65 -16.03 32.42
C SER B 86 7.70 -15.22 33.17
N HIS B 87 8.38 -14.28 32.49
CA HIS B 87 9.41 -13.46 33.14
C HIS B 87 8.82 -12.22 33.86
N GLY B 88 7.50 -12.04 33.74
CA GLY B 88 6.77 -10.98 34.41
C GLY B 88 6.63 -9.66 33.68
N ILE B 89 7.69 -9.20 32.99
CA ILE B 89 7.67 -7.92 32.26
C ILE B 89 6.80 -8.05 30.99
N ILE B 90 5.49 -7.94 31.18
CA ILE B 90 4.49 -8.06 30.11
C ILE B 90 4.34 -6.76 29.31
N ASP B 91 4.75 -5.61 29.89
CA ASP B 91 4.66 -4.29 29.26
C ASP B 91 5.62 -3.30 29.94
N ASN B 92 5.91 -2.17 29.26
CA ASN B 92 6.74 -1.07 29.77
C ASN B 92 6.01 -0.36 30.91
N ASN B 93 4.67 -0.29 30.78
CA ASN B 93 3.76 0.31 31.76
C ASN B 93 2.72 -0.76 32.13
N MET B 94 2.73 -1.20 33.40
CA MET B 94 1.86 -2.27 33.90
C MET B 94 1.59 -2.14 35.41
N TYR B 95 0.56 -2.86 35.92
CA TYR B 95 0.18 -2.85 37.33
C TYR B 95 0.09 -4.27 37.90
N ASP B 96 0.59 -4.46 39.14
CA ASP B 96 0.54 -5.72 39.87
C ASP B 96 -0.48 -5.58 41.00
N VAL B 97 -1.45 -6.51 41.07
CA VAL B 97 -2.54 -6.50 42.04
C VAL B 97 -2.05 -6.85 43.46
N TYR B 98 -1.34 -7.99 43.59
CA TYR B 98 -0.82 -8.50 44.87
C TYR B 98 0.24 -7.60 45.51
N LEU B 99 1.05 -6.90 44.70
CA LEU B 99 2.08 -5.97 45.17
C LEU B 99 1.50 -4.57 45.37
N ASN B 100 0.39 -4.25 44.66
CA ASN B 100 -0.34 -2.98 44.66
C ASN B 100 0.59 -1.79 44.34
N LYS B 101 1.29 -1.89 43.19
CA LYS B 101 2.23 -0.88 42.71
C LYS B 101 2.22 -0.79 41.19
N ASN B 102 2.60 0.39 40.65
CA ASN B 102 2.65 0.65 39.21
C ASN B 102 4.07 0.60 38.69
N PHE B 103 4.28 -0.13 37.58
CA PHE B 103 5.58 -0.24 36.91
C PHE B 103 5.58 0.75 35.75
N SER B 104 6.58 1.64 35.71
CA SER B 104 6.72 2.65 34.68
C SER B 104 8.20 2.88 34.33
N LEU B 105 8.45 3.49 33.17
CA LEU B 105 9.79 3.82 32.68
C LEU B 105 10.39 4.98 33.47
N SER B 106 9.53 5.90 33.96
CA SER B 106 9.90 7.08 34.73
C SER B 106 9.86 6.86 36.25
N SER B 107 9.04 5.90 36.71
CA SER B 107 8.89 5.55 38.12
C SER B 107 10.13 4.85 38.68
N VAL B 108 10.35 4.94 40.01
CA VAL B 108 11.47 4.32 40.73
C VAL B 108 11.24 2.79 40.83
N GLU B 109 9.98 2.34 40.65
CA GLU B 109 9.55 0.94 40.70
C GLU B 109 10.22 0.01 39.68
N LYS B 110 10.90 0.59 38.66
CA LYS B 110 11.64 -0.16 37.64
C LYS B 110 12.83 -0.95 38.24
N SER B 111 13.34 -0.47 39.41
CA SER B 111 14.46 -1.06 40.14
C SER B 111 14.03 -2.14 41.14
N ASN B 112 12.70 -2.29 41.37
CA ASN B 112 12.14 -3.26 42.30
C ASN B 112 12.32 -4.72 41.80
N PRO B 113 13.05 -5.58 42.55
CA PRO B 113 13.26 -6.96 42.11
C PRO B 113 12.02 -7.87 42.05
N ALA B 114 10.90 -7.44 42.69
CA ALA B 114 9.64 -8.17 42.72
C ALA B 114 8.96 -8.25 41.36
N TRP B 115 9.21 -7.25 40.49
CA TRP B 115 8.66 -7.18 39.13
C TRP B 115 9.36 -8.16 38.19
N TRP B 116 10.69 -8.33 38.37
CA TRP B 116 11.54 -9.15 37.51
C TRP B 116 11.62 -10.62 37.94
N SER B 117 11.05 -11.51 37.11
CA SER B 117 11.02 -12.96 37.33
C SER B 117 11.96 -13.68 36.38
N GLY B 118 12.33 -14.92 36.73
CA GLY B 118 13.22 -15.74 35.94
C GLY B 118 14.69 -15.47 36.19
N GLN B 119 15.56 -16.01 35.33
CA GLN B 119 17.01 -15.87 35.44
C GLN B 119 17.66 -15.41 34.13
N PRO B 120 18.15 -14.15 34.06
CA PRO B 120 18.80 -13.67 32.83
C PRO B 120 20.17 -14.31 32.61
N ILE B 121 20.69 -14.23 31.36
CA ILE B 121 21.96 -14.80 30.91
C ILE B 121 23.16 -14.32 31.75
N TRP B 122 23.20 -13.01 32.12
CA TRP B 122 24.29 -12.45 32.94
C TRP B 122 24.35 -13.11 34.32
N LEU B 123 23.18 -13.46 34.89
CA LEU B 123 23.08 -14.12 36.19
C LEU B 123 23.40 -15.61 36.10
N THR B 124 23.03 -16.27 34.98
CA THR B 124 23.29 -17.70 34.72
C THR B 124 24.80 -17.98 34.69
N ALA B 125 25.58 -17.04 34.11
CA ALA B 125 27.04 -17.12 34.01
C ALA B 125 27.73 -16.91 35.36
N MET B 126 27.23 -15.94 36.17
CA MET B 126 27.78 -15.62 37.50
C MET B 126 27.69 -16.77 38.50
N TYR B 127 26.59 -17.56 38.44
CA TYR B 127 26.38 -18.72 39.30
C TYR B 127 27.27 -19.89 38.88
N GLN B 128 27.67 -19.94 37.59
CA GLN B 128 28.50 -21.01 37.02
C GLN B 128 30.00 -20.65 36.94
N GLY B 129 30.39 -19.52 37.53
CA GLY B 129 31.77 -19.06 37.61
C GLY B 129 32.30 -18.24 36.45
N LEU B 130 31.47 -17.34 35.90
CA LEU B 130 31.86 -16.45 34.80
C LEU B 130 31.38 -15.03 35.05
N LYS B 131 32.31 -14.06 34.98
CA LYS B 131 31.98 -12.65 35.20
C LYS B 131 31.21 -12.07 34.01
N ALA B 132 30.20 -11.23 34.28
CA ALA B 132 29.38 -10.63 33.24
C ALA B 132 29.17 -9.13 33.44
N ALA B 133 29.64 -8.33 32.48
CA ALA B 133 29.51 -6.87 32.50
C ALA B 133 28.33 -6.41 31.65
N SER B 134 27.74 -5.25 31.99
CA SER B 134 26.59 -4.71 31.28
C SER B 134 26.57 -3.17 31.25
N TYR B 135 26.48 -2.61 30.03
CA TYR B 135 26.37 -1.17 29.83
C TYR B 135 25.04 -0.90 29.14
N TYR B 136 24.00 -0.65 29.96
CA TYR B 136 22.60 -0.39 29.58
C TYR B 136 21.90 -1.62 29.00
N TRP B 137 20.81 -2.04 29.66
CA TRP B 137 19.93 -3.15 29.29
C TRP B 137 18.77 -3.22 30.27
N PRO B 138 17.50 -3.31 29.79
CA PRO B 138 16.36 -3.40 30.73
C PRO B 138 16.44 -4.65 31.60
N GLY B 139 16.88 -4.44 32.84
CA GLY B 139 17.06 -5.51 33.82
C GLY B 139 18.47 -5.60 34.38
N SER B 140 19.48 -5.09 33.62
CA SER B 140 20.88 -5.10 34.02
C SER B 140 21.17 -4.10 35.14
N ASP B 141 20.43 -2.98 35.17
CA ASP B 141 20.54 -1.95 36.21
C ASP B 141 19.58 -2.24 37.38
N VAL B 142 19.03 -3.48 37.42
CA VAL B 142 18.09 -3.99 38.42
C VAL B 142 18.69 -5.23 39.11
N ALA B 143 18.57 -5.32 40.44
CA ALA B 143 19.08 -6.43 41.24
C ALA B 143 18.13 -7.64 41.17
N VAL B 144 18.11 -8.35 40.02
CA VAL B 144 17.29 -9.53 39.78
C VAL B 144 17.81 -10.69 40.65
N ASN B 145 16.91 -11.31 41.45
CA ASN B 145 17.21 -12.41 42.38
C ASN B 145 18.27 -11.98 43.43
N GLY B 146 18.23 -10.70 43.78
CA GLY B 146 19.13 -10.09 44.76
C GLY B 146 20.44 -9.58 44.19
N SER B 147 21.14 -10.43 43.41
CA SER B 147 22.43 -10.12 42.81
C SER B 147 22.37 -9.17 41.60
N PHE B 148 23.44 -8.37 41.45
CA PHE B 148 23.65 -7.40 40.37
C PHE B 148 24.79 -7.91 39.46
N PRO B 149 24.85 -7.51 38.16
CA PRO B 149 25.99 -7.94 37.31
C PRO B 149 27.31 -7.33 37.78
N ASN B 150 28.44 -8.04 37.55
CA ASN B 150 29.80 -7.64 37.95
C ASN B 150 30.10 -6.16 37.69
N ILE B 151 29.78 -5.67 36.47
CA ILE B 151 29.96 -4.27 36.10
C ILE B 151 28.66 -3.75 35.46
N TYR B 152 27.71 -3.30 36.31
CA TYR B 152 26.43 -2.76 35.86
C TYR B 152 26.49 -1.23 35.81
N ARG B 153 25.67 -0.61 34.94
CA ARG B 153 25.63 0.84 34.80
C ARG B 153 24.19 1.34 34.75
N ASN B 154 23.85 2.33 35.61
CA ASN B 154 22.54 2.95 35.68
C ASN B 154 22.25 3.68 34.38
N TYR B 155 21.06 3.44 33.81
CA TYR B 155 20.63 3.97 32.51
C TYR B 155 20.60 5.49 32.39
N SER B 156 21.02 5.97 31.20
CA SER B 156 21.06 7.36 30.76
C SER B 156 21.00 7.36 29.21
N ASN B 157 19.85 7.76 28.65
CA ASN B 157 19.58 7.77 27.20
C ASN B 157 20.38 8.80 26.39
N SER B 158 20.88 9.85 27.05
CA SER B 158 21.58 10.97 26.40
C SER B 158 23.11 10.79 26.29
N VAL B 159 23.66 9.68 26.81
CA VAL B 159 25.10 9.37 26.77
C VAL B 159 25.55 9.03 25.32
N PRO B 160 26.62 9.68 24.79
CA PRO B 160 27.08 9.38 23.42
C PRO B 160 27.58 7.94 23.25
N TYR B 161 27.31 7.33 22.09
CA TYR B 161 27.66 5.94 21.77
C TYR B 161 29.16 5.64 21.81
N GLU B 162 30.02 6.61 21.43
CA GLU B 162 31.48 6.44 21.43
C GLU B 162 32.02 6.11 22.83
N SER B 163 31.50 6.80 23.87
CA SER B 163 31.89 6.58 25.26
C SER B 163 31.39 5.22 25.77
N ARG B 164 30.19 4.79 25.31
CA ARG B 164 29.57 3.50 25.64
C ARG B 164 30.44 2.35 25.14
N ILE B 165 31.00 2.51 23.92
CA ILE B 165 31.87 1.57 23.25
C ILE B 165 33.26 1.54 23.92
N ALA B 166 33.81 2.75 24.23
CA ALA B 166 35.12 2.94 24.86
C ALA B 166 35.26 2.23 26.20
N THR B 167 34.24 2.31 27.07
CA THR B 167 34.24 1.65 28.39
C THR B 167 34.07 0.13 28.28
N LEU B 168 33.41 -0.34 27.20
CA LEU B 168 33.19 -1.77 26.94
C LEU B 168 34.51 -2.41 26.51
N LEU B 169 35.35 -1.64 25.77
CA LEU B 169 36.67 -2.07 25.31
C LEU B 169 37.67 -2.03 26.48
N GLN B 170 37.40 -1.14 27.47
CA GLN B 170 38.20 -0.98 28.69
C GLN B 170 38.03 -2.20 29.61
N TRP B 171 36.84 -2.83 29.57
CA TRP B 171 36.53 -4.04 30.35
C TRP B 171 37.27 -5.25 29.79
N LEU B 172 37.53 -5.25 28.47
CA LEU B 172 38.28 -6.29 27.76
C LEU B 172 39.78 -6.16 28.05
N ASP B 173 40.24 -4.96 28.45
CA ASP B 173 41.62 -4.66 28.79
C ASP B 173 42.02 -5.17 30.19
N LEU B 174 41.01 -5.46 31.04
CA LEU B 174 41.19 -5.98 32.40
C LEU B 174 41.85 -7.36 32.41
N PRO B 175 42.64 -7.73 33.46
CA PRO B 175 43.26 -9.07 33.46
C PRO B 175 42.24 -10.18 33.67
N LYS B 176 42.55 -11.39 33.12
CA LYS B 176 41.75 -12.63 33.13
C LYS B 176 40.89 -12.85 34.39
N ALA B 177 41.42 -12.53 35.59
CA ALA B 177 40.74 -12.68 36.88
C ALA B 177 39.49 -11.79 37.01
N GLU B 178 39.63 -10.48 36.68
CA GLU B 178 38.54 -9.50 36.74
C GLU B 178 37.78 -9.33 35.42
N ARG B 179 38.41 -9.75 34.30
CA ARG B 179 37.87 -9.67 32.93
C ARG B 179 36.56 -10.45 32.74
N PRO B 180 35.46 -9.76 32.33
CA PRO B 180 34.19 -10.46 32.11
C PRO B 180 34.16 -11.24 30.80
N SER B 181 33.38 -12.34 30.77
CA SER B 181 33.24 -13.19 29.59
C SER B 181 32.04 -12.79 28.73
N PHE B 182 30.98 -12.25 29.36
CA PHE B 182 29.76 -11.82 28.67
C PHE B 182 29.52 -10.31 28.81
N TYR B 183 29.17 -9.64 27.70
CA TYR B 183 28.89 -8.20 27.64
C TYR B 183 27.56 -7.94 26.93
N THR B 184 26.87 -6.86 27.31
CA THR B 184 25.60 -6.47 26.68
C THR B 184 25.52 -4.93 26.56
N ILE B 185 25.28 -4.44 25.33
CA ILE B 185 25.21 -3.01 25.03
C ILE B 185 23.90 -2.65 24.30
N TYR B 186 23.23 -1.59 24.78
CA TYR B 186 21.96 -1.10 24.23
C TYR B 186 22.12 0.29 23.59
N VAL B 187 21.42 0.49 22.45
CA VAL B 187 21.37 1.70 21.65
C VAL B 187 19.90 2.04 21.37
N GLU B 188 19.52 3.31 21.60
CA GLU B 188 18.15 3.84 21.44
C GLU B 188 17.70 3.91 19.98
N GLU B 189 18.65 4.08 19.05
CA GLU B 189 18.38 4.24 17.62
C GLU B 189 18.44 2.91 16.81
N PRO B 190 17.70 2.76 15.67
CA PRO B 190 16.84 3.73 14.99
C PRO B 190 15.36 3.72 15.42
N ASP B 191 15.09 3.63 16.74
CA ASP B 191 13.73 3.63 17.27
C ASP B 191 13.21 5.05 17.48
N SER B 192 14.02 5.91 18.16
CA SER B 192 13.69 7.30 18.46
C SER B 192 13.35 8.09 17.19
N ALA B 193 14.11 7.85 16.10
CA ALA B 193 13.89 8.49 14.80
C ALA B 193 12.61 7.95 14.13
N GLY B 194 12.28 6.68 14.41
CA GLY B 194 11.09 6.00 13.90
C GLY B 194 9.81 6.62 14.40
N HIS B 195 9.81 7.08 15.67
CA HIS B 195 8.68 7.75 16.30
C HIS B 195 8.57 9.20 15.81
N LYS B 196 9.74 9.85 15.58
CA LYS B 196 9.85 11.24 15.14
C LYS B 196 9.36 11.48 13.70
N SER B 197 9.73 10.59 12.75
CA SER B 197 9.36 10.77 11.34
C SER B 197 8.61 9.59 10.72
N GLY B 198 9.13 8.37 10.90
CA GLY B 198 8.53 7.16 10.36
C GLY B 198 9.54 6.12 9.92
N PRO B 199 9.09 4.89 9.54
CA PRO B 199 10.05 3.85 9.11
C PRO B 199 10.68 4.10 7.74
N VAL B 200 9.97 4.83 6.87
CA VAL B 200 10.46 5.17 5.53
C VAL B 200 10.66 6.71 5.48
N SER B 201 11.79 7.15 6.03
CA SER B 201 12.16 8.57 6.14
C SER B 201 13.68 8.78 6.13
N ALA B 202 14.11 10.05 5.93
CA ALA B 202 15.54 10.43 5.94
C ALA B 202 16.09 10.42 7.37
N GLY B 203 15.20 10.68 8.34
CA GLY B 203 15.51 10.70 9.76
C GLY B 203 16.03 9.37 10.27
N VAL B 204 15.39 8.26 9.84
CA VAL B 204 15.81 6.91 10.24
C VAL B 204 17.13 6.53 9.57
N ILE B 205 17.39 6.98 8.32
CA ILE B 205 18.64 6.73 7.58
C ILE B 205 19.82 7.31 8.38
N LYS B 206 19.67 8.57 8.88
CA LYS B 206 20.66 9.27 9.69
C LYS B 206 20.95 8.51 10.99
N ALA B 207 19.89 7.92 11.59
CA ALA B 207 19.97 7.10 12.80
C ALA B 207 20.62 5.75 12.51
N LEU B 208 20.35 5.18 11.31
CA LEU B 208 20.92 3.91 10.85
C LEU B 208 22.41 4.09 10.57
N GLN B 209 22.80 5.28 10.04
CA GLN B 209 24.19 5.63 9.77
C GLN B 209 24.92 5.89 11.09
N LEU B 210 24.19 6.40 12.11
CA LEU B 210 24.70 6.68 13.45
C LEU B 210 24.99 5.38 14.22
N VAL B 211 24.13 4.35 14.05
CA VAL B 211 24.33 3.05 14.71
C VAL B 211 25.44 2.25 14.01
N ASP B 212 25.67 2.51 12.70
CA ASP B 212 26.71 1.87 11.89
C ASP B 212 28.09 2.34 12.36
N ASP B 213 28.24 3.66 12.64
CA ASP B 213 29.47 4.26 13.14
C ASP B 213 29.75 3.77 14.56
N ALA B 214 28.67 3.57 15.37
CA ALA B 214 28.73 3.07 16.74
C ALA B 214 29.25 1.63 16.75
N PHE B 215 28.77 0.79 15.81
CA PHE B 215 29.19 -0.60 15.64
C PHE B 215 30.61 -0.63 15.05
N GLY B 216 30.90 0.35 14.18
CA GLY B 216 32.19 0.53 13.53
C GLY B 216 33.30 0.84 14.52
N MET B 217 32.97 1.66 15.56
CA MET B 217 33.88 2.05 16.64
C MET B 217 34.25 0.83 17.49
N LEU B 218 33.30 -0.11 17.67
CA LEU B 218 33.50 -1.34 18.44
C LEU B 218 34.40 -2.32 17.69
N MET B 219 34.13 -2.52 16.38
CA MET B 219 34.91 -3.42 15.53
C MET B 219 36.34 -2.90 15.28
N GLU B 220 36.50 -1.56 15.12
CA GLU B 220 37.80 -0.92 14.93
C GLU B 220 38.61 -0.97 16.24
N GLY B 221 37.90 -0.88 17.36
CA GLY B 221 38.46 -0.98 18.70
C GLY B 221 38.96 -2.38 18.99
N LEU B 222 38.15 -3.39 18.61
CA LEU B 222 38.47 -4.81 18.76
C LEU B 222 39.61 -5.23 17.83
N LYS B 223 39.75 -4.53 16.68
CA LYS B 223 40.83 -4.75 15.70
C LYS B 223 42.16 -4.32 16.32
N GLN B 224 42.12 -3.28 17.18
CA GLN B 224 43.29 -2.75 17.91
C GLN B 224 43.62 -3.63 19.12
N ARG B 225 42.69 -4.52 19.52
CA ARG B 225 42.88 -5.45 20.64
C ARG B 225 43.13 -6.88 20.12
N ASN B 226 43.04 -7.07 18.78
CA ASN B 226 43.18 -8.36 18.08
C ASN B 226 42.07 -9.37 18.51
N LEU B 227 40.87 -8.84 18.79
CA LEU B 227 39.71 -9.61 19.23
C LEU B 227 38.54 -9.57 18.25
N HIS B 228 38.67 -8.80 17.14
CA HIS B 228 37.64 -8.65 16.11
C HIS B 228 37.23 -9.98 15.45
N ASN B 229 38.17 -10.94 15.37
CA ASN B 229 37.95 -12.28 14.82
C ASN B 229 37.81 -13.35 15.91
N CYS B 230 37.89 -12.94 17.20
CA CYS B 230 37.76 -13.82 18.36
C CYS B 230 36.41 -13.67 19.06
N VAL B 231 35.94 -12.43 19.22
CA VAL B 231 34.68 -12.07 19.89
C VAL B 231 33.45 -12.54 19.09
N ASN B 232 32.52 -13.24 19.77
CA ASN B 232 31.26 -13.71 19.18
C ASN B 232 30.21 -12.60 19.34
N ILE B 233 30.34 -11.54 18.53
CA ILE B 233 29.46 -10.37 18.53
C ILE B 233 28.07 -10.72 17.95
N ILE B 234 27.01 -10.39 18.70
CA ILE B 234 25.63 -10.62 18.29
C ILE B 234 24.88 -9.29 18.28
N VAL B 235 24.73 -8.70 17.08
CA VAL B 235 24.00 -7.45 16.90
C VAL B 235 22.57 -7.79 16.45
N LEU B 236 21.60 -7.56 17.35
CA LEU B 236 20.19 -7.87 17.13
C LEU B 236 19.27 -6.71 17.55
N ALA B 237 17.96 -6.87 17.33
CA ALA B 237 16.96 -5.86 17.71
C ALA B 237 15.84 -6.47 18.55
N ASP B 238 15.07 -5.61 19.22
CA ASP B 238 13.94 -6.00 20.07
C ASP B 238 12.63 -6.10 19.28
N HIS B 239 12.42 -5.17 18.33
CA HIS B 239 11.22 -5.08 17.48
C HIS B 239 11.51 -4.30 16.18
N GLY B 240 10.45 -4.00 15.43
CA GLY B 240 10.53 -3.25 14.19
C GLY B 240 9.85 -1.89 14.26
N MET B 241 9.36 -1.40 13.10
CA MET B 241 8.66 -0.12 12.98
C MET B 241 7.57 -0.13 11.93
N ASP B 242 6.45 0.54 12.22
CA ASP B 242 5.28 0.67 11.34
C ASP B 242 4.77 2.10 11.37
N GLN B 243 4.48 2.67 10.18
CA GLN B 243 3.99 4.04 9.99
C GLN B 243 2.59 4.22 10.58
N THR B 244 2.32 5.39 11.18
CA THR B 244 1.03 5.74 11.80
C THR B 244 0.53 7.12 11.38
N SER B 245 -0.80 7.33 11.48
CA SER B 245 -1.47 8.58 11.11
C SER B 245 -2.62 8.90 12.08
N CYS B 246 -2.95 10.20 12.18
CA CYS B 246 -4.01 10.76 13.03
C CYS B 246 -5.39 10.21 12.69
N ASP B 247 -5.69 10.09 11.38
CA ASP B 247 -6.97 9.55 10.89
C ASP B 247 -7.01 8.01 11.02
N ARG B 248 -5.83 7.38 11.16
CA ARG B 248 -5.66 5.94 11.35
C ARG B 248 -5.59 5.60 12.85
N VAL B 249 -6.58 6.08 13.63
CA VAL B 249 -6.71 5.87 15.08
C VAL B 249 -8.18 5.53 15.41
N GLU B 250 -8.42 4.37 16.06
CA GLU B 250 -9.76 3.97 16.49
C GLU B 250 -10.04 4.53 17.89
N TYR B 251 -11.04 5.43 17.98
CA TYR B 251 -11.42 6.10 19.24
C TYR B 251 -12.46 5.26 19.98
N MET B 252 -12.22 5.03 21.30
CA MET B 252 -13.12 4.24 22.16
C MET B 252 -14.45 4.94 22.45
N THR B 253 -14.50 6.28 22.28
CA THR B 253 -15.70 7.12 22.47
C THR B 253 -16.83 6.74 21.50
N ASP B 254 -16.45 6.24 20.30
CA ASP B 254 -17.36 5.81 19.24
C ASP B 254 -17.94 4.41 19.50
N TYR B 255 -17.54 3.77 20.62
CA TYR B 255 -17.99 2.43 21.00
C TYR B 255 -18.65 2.39 22.39
N PHE B 256 -18.33 3.36 23.27
CA PHE B 256 -18.88 3.44 24.63
C PHE B 256 -19.56 4.79 24.91
N PRO B 257 -20.72 4.81 25.63
CA PRO B 257 -21.35 6.10 25.95
C PRO B 257 -20.58 6.89 27.01
N GLU B 258 -19.99 6.17 27.99
CA GLU B 258 -19.20 6.72 29.08
C GLU B 258 -18.02 5.81 29.43
N ILE B 259 -16.81 6.38 29.55
CA ILE B 259 -15.60 5.63 29.87
C ILE B 259 -15.33 5.70 31.37
N ASN B 260 -15.43 4.53 32.04
CA ASN B 260 -15.19 4.40 33.48
C ASN B 260 -14.12 3.33 33.76
N PHE B 261 -13.16 3.20 32.82
CA PHE B 261 -12.05 2.24 32.88
C PHE B 261 -10.73 2.82 32.39
N TYR B 262 -9.63 2.30 32.94
CA TYR B 262 -8.27 2.67 32.54
C TYR B 262 -7.90 1.85 31.30
N MET B 263 -7.18 2.47 30.36
CA MET B 263 -6.76 1.83 29.11
C MET B 263 -5.30 2.14 28.80
N TYR B 264 -4.49 1.10 28.55
CA TYR B 264 -3.09 1.25 28.17
C TYR B 264 -3.08 1.50 26.66
N GLN B 265 -3.34 2.75 26.28
CA GLN B 265 -3.45 3.21 24.89
C GLN B 265 -2.19 2.94 24.06
N GLY B 266 -2.41 2.58 22.78
CA GLY B 266 -1.35 2.28 21.84
C GLY B 266 -1.61 1.10 20.92
N PRO B 267 -0.55 0.42 20.43
CA PRO B 267 -0.78 -0.73 19.52
C PRO B 267 -1.26 -1.99 20.23
N ALA B 268 -0.92 -2.15 21.53
CA ALA B 268 -1.32 -3.29 22.36
C ALA B 268 -2.19 -2.80 23.55
N PRO B 269 -3.49 -2.50 23.31
CA PRO B 269 -4.33 -1.99 24.40
C PRO B 269 -4.76 -3.02 25.43
N ARG B 270 -4.84 -2.56 26.69
CA ARG B 270 -5.24 -3.35 27.86
C ARG B 270 -6.25 -2.55 28.68
N ILE B 271 -7.47 -3.09 28.86
CA ILE B 271 -8.54 -2.45 29.62
C ILE B 271 -8.56 -2.98 31.07
N ARG B 272 -8.51 -2.07 32.04
CA ARG B 272 -8.57 -2.40 33.46
C ARG B 272 -9.44 -1.42 34.24
N THR B 273 -9.88 -1.81 35.44
CA THR B 273 -10.73 -1.00 36.31
C THR B 273 -9.95 0.13 37.01
N ARG B 274 -10.65 1.20 37.39
CA ARG B 274 -10.05 2.34 38.09
C ARG B 274 -9.88 2.02 39.58
N ASN B 275 -10.91 1.42 40.20
CA ASN B 275 -10.90 1.04 41.62
C ASN B 275 -10.05 -0.22 41.78
N ILE B 276 -8.83 -0.06 42.31
CA ILE B 276 -7.86 -1.13 42.51
C ILE B 276 -7.31 -1.15 43.95
N PRO B 277 -7.07 -2.33 44.57
CA PRO B 277 -7.19 -3.71 44.05
C PRO B 277 -8.51 -4.43 44.36
N GLN B 278 -9.50 -3.71 44.93
CA GLN B 278 -10.80 -4.25 45.32
C GLN B 278 -11.67 -4.71 44.14
N ASP B 279 -11.88 -3.84 43.14
CA ASP B 279 -12.74 -4.12 41.98
C ASP B 279 -12.03 -4.78 40.79
N PHE B 280 -10.76 -5.24 40.95
CA PHE B 280 -10.00 -5.87 39.88
C PHE B 280 -10.59 -7.21 39.41
N PHE B 281 -10.75 -8.16 40.35
CA PHE B 281 -11.26 -9.51 40.09
C PHE B 281 -12.76 -9.52 39.80
N THR B 282 -13.52 -8.59 40.41
CA THR B 282 -14.98 -8.45 40.25
C THR B 282 -15.38 -7.61 39.01
N PHE B 283 -14.38 -7.06 38.28
CA PHE B 283 -14.61 -6.26 37.07
C PHE B 283 -15.09 -7.14 35.92
N ASN B 284 -16.25 -6.78 35.33
CA ASN B 284 -16.86 -7.51 34.24
C ASN B 284 -16.08 -7.31 32.94
N SER B 285 -15.06 -8.15 32.72
CA SER B 285 -14.20 -8.13 31.53
C SER B 285 -14.97 -8.59 30.29
N GLU B 286 -15.92 -9.54 30.49
CA GLU B 286 -16.77 -10.11 29.43
C GLU B 286 -17.66 -9.02 28.79
N GLU B 287 -18.20 -8.11 29.63
CA GLU B 287 -19.05 -6.99 29.24
C GLU B 287 -18.36 -6.07 28.22
N ILE B 288 -17.06 -5.78 28.45
CA ILE B 288 -16.23 -4.91 27.60
C ILE B 288 -16.04 -5.53 26.21
N VAL B 289 -15.70 -6.84 26.16
CA VAL B 289 -15.49 -7.60 24.93
C VAL B 289 -16.81 -7.74 24.14
N ARG B 290 -17.93 -7.96 24.85
CA ARG B 290 -19.27 -8.16 24.27
C ARG B 290 -19.79 -6.96 23.47
N ASP B 291 -19.61 -5.73 23.98
CA ASP B 291 -20.09 -4.53 23.28
C ASP B 291 -19.01 -3.88 22.39
N LEU B 292 -17.88 -4.59 22.18
CA LEU B 292 -16.77 -4.18 21.31
C LEU B 292 -16.62 -5.15 20.14
N SER B 293 -17.25 -6.35 20.26
CA SER B 293 -17.23 -7.41 19.27
C SER B 293 -18.07 -7.08 18.03
N CYS B 294 -17.36 -6.73 16.94
CA CYS B 294 -17.87 -6.39 15.61
C CYS B 294 -19.01 -5.35 15.63
N ARG B 295 -18.69 -4.15 16.13
CA ARG B 295 -19.60 -3.02 16.20
C ARG B 295 -19.67 -2.27 14.87
N LYS B 296 -18.62 -2.41 14.04
CA LYS B 296 -18.49 -1.79 12.73
C LYS B 296 -17.98 -2.79 11.70
N SER B 297 -18.45 -2.66 10.44
CA SER B 297 -18.03 -3.52 9.32
C SER B 297 -16.57 -3.23 8.95
N ASP B 298 -16.18 -1.94 8.98
CA ASP B 298 -14.82 -1.46 8.67
C ASP B 298 -13.96 -1.27 9.94
N GLN B 299 -14.21 -2.08 10.99
CA GLN B 299 -13.50 -2.04 12.28
C GLN B 299 -12.02 -2.41 12.08
N HIS B 300 -11.11 -1.67 12.72
CA HIS B 300 -9.66 -1.84 12.57
C HIS B 300 -9.00 -2.55 13.77
N PHE B 301 -9.80 -3.22 14.60
CA PHE B 301 -9.34 -3.97 15.77
C PHE B 301 -10.29 -5.13 16.11
N LYS B 302 -9.89 -6.00 17.06
CA LYS B 302 -10.68 -7.13 17.50
C LYS B 302 -10.51 -7.36 19.01
N PRO B 303 -11.61 -7.29 19.82
CA PRO B 303 -11.46 -7.53 21.26
C PRO B 303 -11.27 -9.01 21.58
N TYR B 304 -10.42 -9.29 22.57
CA TYR B 304 -10.08 -10.65 22.99
C TYR B 304 -9.95 -10.79 24.49
N LEU B 305 -10.30 -11.97 25.01
CA LEU B 305 -10.12 -12.31 26.42
C LEU B 305 -8.72 -12.96 26.48
N THR B 306 -8.13 -13.07 27.67
CA THR B 306 -6.80 -13.67 27.83
C THR B 306 -6.70 -15.11 27.25
N PRO B 307 -7.61 -16.09 27.54
CA PRO B 307 -7.46 -17.42 26.92
C PRO B 307 -7.92 -17.49 25.46
N ASP B 308 -8.75 -16.52 25.02
CA ASP B 308 -9.28 -16.46 23.65
C ASP B 308 -8.26 -16.00 22.61
N LEU B 309 -7.17 -15.34 23.06
CA LEU B 309 -6.08 -14.85 22.22
C LEU B 309 -5.31 -16.01 21.57
N PRO B 310 -4.71 -15.83 20.35
CA PRO B 310 -3.94 -16.94 19.75
C PRO B 310 -2.88 -17.49 20.71
N LYS B 311 -2.87 -18.82 20.87
CA LYS B 311 -1.98 -19.55 21.79
C LYS B 311 -0.49 -19.38 21.50
N ARG B 312 -0.12 -19.14 20.23
CA ARG B 312 1.27 -18.95 19.80
C ARG B 312 1.93 -17.71 20.42
N LEU B 313 1.14 -16.67 20.72
CA LEU B 313 1.61 -15.41 21.30
C LEU B 313 2.08 -15.59 22.74
N HIS B 314 1.44 -16.52 23.51
CA HIS B 314 1.70 -16.82 24.92
C HIS B 314 1.61 -15.54 25.75
N TYR B 315 0.39 -15.01 25.87
CA TYR B 315 0.09 -13.76 26.55
C TYR B 315 -1.24 -13.86 27.30
N ALA B 316 -1.25 -14.59 28.43
CA ALA B 316 -2.44 -14.81 29.27
C ALA B 316 -2.13 -15.11 30.73
N LYS B 317 -1.25 -16.11 31.01
CA LYS B 317 -0.94 -16.54 32.37
C LYS B 317 0.08 -15.65 33.10
N ASN B 318 -0.43 -14.52 33.62
CA ASN B 318 0.25 -13.50 34.42
C ASN B 318 -0.82 -12.53 34.91
N VAL B 319 -0.87 -12.27 36.23
CA VAL B 319 -1.84 -11.38 36.87
C VAL B 319 -1.78 -9.94 36.33
N ARG B 320 -0.61 -9.51 35.81
CA ARG B 320 -0.40 -8.19 35.23
C ARG B 320 -1.12 -8.04 33.89
N ILE B 321 -1.34 -9.16 33.16
CA ILE B 321 -2.07 -9.14 31.89
C ILE B 321 -3.57 -9.09 32.23
N ASP B 322 -4.21 -7.96 31.89
CA ASP B 322 -5.64 -7.75 32.13
C ASP B 322 -6.45 -8.67 31.22
N LYS B 323 -7.48 -9.32 31.78
CA LYS B 323 -8.35 -10.28 31.08
C LYS B 323 -8.84 -9.77 29.71
N VAL B 324 -9.30 -8.50 29.65
CA VAL B 324 -9.75 -7.88 28.40
C VAL B 324 -8.56 -7.22 27.68
N HIS B 325 -8.29 -7.68 26.45
CA HIS B 325 -7.19 -7.21 25.59
C HIS B 325 -7.70 -6.88 24.18
N LEU B 326 -7.01 -5.99 23.46
CA LEU B 326 -7.38 -5.58 22.11
C LEU B 326 -6.28 -5.90 21.09
N MET B 327 -6.68 -6.44 19.93
CA MET B 327 -5.77 -6.81 18.84
C MET B 327 -5.96 -5.87 17.65
N VAL B 328 -5.17 -4.79 17.62
CA VAL B 328 -5.24 -3.77 16.57
C VAL B 328 -4.50 -4.20 15.30
N ASP B 329 -5.08 -3.91 14.12
CA ASP B 329 -4.53 -4.22 12.81
C ASP B 329 -3.31 -3.34 12.47
N ARG B 330 -2.61 -3.67 11.37
CA ARG B 330 -1.42 -2.96 10.87
C ARG B 330 -1.67 -1.48 10.62
N GLN B 331 -0.70 -0.63 11.04
CA GLN B 331 -0.67 0.84 10.89
C GLN B 331 -1.77 1.60 11.67
N TRP B 332 -2.63 0.89 12.43
CA TRP B 332 -3.73 1.49 13.19
C TRP B 332 -3.47 1.54 14.71
N LEU B 333 -3.93 2.63 15.36
CA LEU B 333 -3.78 2.83 16.81
C LEU B 333 -5.15 2.83 17.53
N ALA B 334 -5.12 2.76 18.88
CA ALA B 334 -6.33 2.76 19.71
C ALA B 334 -6.16 3.62 20.96
N TYR B 335 -7.03 4.64 21.10
CA TYR B 335 -7.01 5.59 22.22
C TYR B 335 -8.42 5.79 22.79
N ARG B 336 -8.52 6.06 24.10
CA ARG B 336 -9.79 6.32 24.79
C ARG B 336 -10.28 7.75 24.54
N ASN B 337 -9.34 8.68 24.27
CA ASN B 337 -9.59 10.10 24.02
C ASN B 337 -9.58 10.43 22.52
N LYS B 338 -10.05 11.64 22.16
CA LYS B 338 -10.08 12.14 20.78
C LYS B 338 -8.83 12.98 20.46
N GLY B 339 -8.35 13.73 21.45
CA GLY B 339 -7.17 14.59 21.31
C GLY B 339 -5.89 13.89 21.70
N CYS B 343 -0.29 10.00 17.27
CA CYS B 343 -0.89 10.61 16.08
C CYS B 343 -0.02 10.35 14.85
N GLU B 344 0.97 11.23 14.59
CA GLU B 344 1.89 11.15 13.44
C GLU B 344 3.12 10.28 13.79
N GLY B 345 3.97 10.07 12.80
CA GLY B 345 5.20 9.28 12.94
C GLY B 345 4.96 7.80 12.83
N GLY B 346 5.67 7.04 13.66
CA GLY B 346 5.59 5.58 13.71
C GLY B 346 5.62 5.03 15.12
N THR B 347 5.19 3.76 15.30
CA THR B 347 5.17 3.10 16.61
C THR B 347 5.39 1.57 16.50
N HIS B 348 5.48 0.90 17.66
CA HIS B 348 5.67 -0.54 17.80
C HIS B 348 4.89 -1.05 19.03
N GLY B 349 4.44 -2.29 18.94
CA GLY B 349 3.66 -2.95 19.98
C GLY B 349 2.65 -3.93 19.41
N TYR B 350 2.52 -3.92 18.07
CA TYR B 350 1.61 -4.77 17.28
C TYR B 350 1.98 -6.26 17.34
N ASN B 351 1.21 -7.09 16.63
CA ASN B 351 1.41 -8.54 16.50
C ASN B 351 2.80 -8.81 15.91
N ASN B 352 3.56 -9.70 16.57
CA ASN B 352 4.93 -10.07 16.19
C ASN B 352 5.04 -10.75 14.82
N GLU B 353 3.92 -11.31 14.30
CA GLU B 353 3.85 -11.97 13.00
C GLU B 353 3.92 -10.94 11.85
N PHE B 354 3.52 -9.68 12.11
CA PHE B 354 3.52 -8.58 11.13
C PHE B 354 4.93 -8.28 10.61
N LYS B 355 5.07 -8.13 9.27
CA LYS B 355 6.32 -7.85 8.55
C LYS B 355 7.06 -6.64 9.10
N SER B 356 6.31 -5.58 9.48
CA SER B 356 6.86 -4.33 10.03
C SER B 356 7.42 -4.50 11.45
N MET B 357 6.95 -5.51 12.19
CA MET B 357 7.38 -5.78 13.57
C MET B 357 8.52 -6.82 13.67
N GLU B 358 9.08 -7.21 12.51
CA GLU B 358 10.17 -8.19 12.42
C GLU B 358 11.51 -7.51 12.74
N ALA B 359 12.22 -8.04 13.75
CA ALA B 359 13.53 -7.52 14.20
C ALA B 359 14.69 -8.13 13.38
N ILE B 360 15.92 -7.66 13.64
CA ILE B 360 17.15 -8.13 12.97
C ILE B 360 17.97 -9.06 13.87
N PHE B 361 18.82 -9.90 13.26
CA PHE B 361 19.74 -10.81 13.94
C PHE B 361 20.99 -10.98 13.08
N LEU B 362 22.13 -10.52 13.60
CA LEU B 362 23.42 -10.62 12.91
C LEU B 362 24.51 -11.07 13.89
N ALA B 363 25.32 -12.06 13.50
CA ALA B 363 26.40 -12.61 14.33
C ALA B 363 27.70 -12.79 13.57
N HIS B 364 28.83 -12.51 14.25
CA HIS B 364 30.17 -12.66 13.72
C HIS B 364 31.10 -13.22 14.78
N GLY B 365 31.95 -14.16 14.39
CA GLY B 365 32.90 -14.81 15.29
C GLY B 365 33.33 -16.21 14.86
N PRO B 366 34.29 -16.84 15.58
CA PRO B 366 34.74 -18.18 15.18
C PRO B 366 33.75 -19.30 15.51
N SER B 367 32.84 -19.07 16.48
CA SER B 367 31.83 -20.04 16.88
C SER B 367 30.70 -20.15 15.84
N PHE B 368 30.35 -19.03 15.19
CA PHE B 368 29.30 -18.95 14.16
C PHE B 368 29.82 -19.33 12.77
N LYS B 369 28.91 -19.80 11.90
CA LYS B 369 29.22 -20.18 10.52
C LYS B 369 29.35 -18.91 9.65
N GLU B 370 30.48 -18.79 8.92
CA GLU B 370 30.76 -17.64 8.04
C GLU B 370 29.96 -17.70 6.74
N LYS B 371 29.56 -16.51 6.22
CA LYS B 371 28.81 -16.30 4.96
C LYS B 371 27.50 -17.13 4.87
N THR B 372 26.84 -17.37 6.02
CA THR B 372 25.62 -18.18 6.08
C THR B 372 24.38 -17.33 6.35
N VAL B 373 23.35 -17.50 5.50
CA VAL B 373 22.06 -16.81 5.63
C VAL B 373 21.03 -17.83 6.16
N ILE B 374 20.78 -17.77 7.48
CA ILE B 374 19.87 -18.67 8.18
C ILE B 374 18.40 -18.25 8.02
N GLU B 375 17.48 -19.21 8.22
CA GLU B 375 16.04 -19.00 8.14
C GLU B 375 15.52 -18.26 9.39
N PRO B 376 14.35 -17.55 9.32
CA PRO B 376 13.86 -16.83 10.51
C PRO B 376 13.62 -17.69 11.76
N PHE B 377 13.83 -17.08 12.94
CA PHE B 377 13.64 -17.71 14.25
C PHE B 377 13.16 -16.66 15.28
N GLU B 378 12.65 -17.09 16.46
CA GLU B 378 12.13 -16.15 17.47
C GLU B 378 13.08 -15.87 18.65
N ASN B 379 12.84 -14.74 19.36
CA ASN B 379 13.55 -14.18 20.53
C ASN B 379 13.91 -15.20 21.63
N ILE B 380 12.96 -16.10 21.94
CA ILE B 380 13.07 -17.13 23.00
C ILE B 380 14.21 -18.13 22.77
N GLU B 381 14.80 -18.18 21.56
CA GLU B 381 15.87 -19.12 21.24
C GLU B 381 17.29 -18.54 21.44
N VAL B 382 17.41 -17.19 21.50
CA VAL B 382 18.69 -16.48 21.65
C VAL B 382 19.42 -16.85 22.97
N TYR B 383 18.65 -17.00 24.07
CA TYR B 383 19.19 -17.37 25.40
C TYR B 383 19.91 -18.73 25.38
N ASN B 384 19.33 -19.74 24.70
CA ASN B 384 19.91 -21.08 24.57
C ASN B 384 21.22 -21.04 23.81
N LEU B 385 21.30 -20.17 22.78
CA LEU B 385 22.51 -19.96 21.97
C LEU B 385 23.60 -19.29 22.81
N LEU B 386 23.23 -18.22 23.57
CA LEU B 386 24.15 -17.48 24.45
C LEU B 386 24.79 -18.38 25.50
N CYS B 387 24.00 -19.33 26.06
CA CYS B 387 24.45 -20.31 27.04
C CYS B 387 25.47 -21.27 26.43
N ASP B 388 25.23 -21.69 25.16
CA ASP B 388 26.10 -22.59 24.40
C ASP B 388 27.42 -21.93 24.04
N LEU B 389 27.39 -20.61 23.72
CA LEU B 389 28.57 -19.81 23.37
C LEU B 389 29.49 -19.63 24.58
N LEU B 390 28.89 -19.41 25.77
CA LEU B 390 29.60 -19.20 27.03
C LEU B 390 29.97 -20.51 27.74
N HIS B 391 29.52 -21.67 27.20
CA HIS B 391 29.74 -23.03 27.71
C HIS B 391 29.13 -23.21 29.12
N ILE B 392 27.87 -22.76 29.28
CA ILE B 392 27.12 -22.80 30.54
C ILE B 392 25.75 -23.47 30.37
N GLN B 393 25.27 -24.17 31.42
CA GLN B 393 23.98 -24.86 31.41
C GLN B 393 22.83 -23.84 31.56
N PRO B 394 21.80 -23.88 30.69
CA PRO B 394 20.72 -22.89 30.78
C PRO B 394 19.69 -23.14 31.88
N ALA B 395 19.06 -22.06 32.36
CA ALA B 395 17.98 -22.12 33.34
C ALA B 395 16.69 -22.50 32.59
N PRO B 396 15.67 -23.12 33.23
CA PRO B 396 14.45 -23.51 32.47
C PRO B 396 13.79 -22.34 31.73
N ASN B 397 13.95 -22.34 30.40
CA ASN B 397 13.40 -21.33 29.50
C ASN B 397 12.41 -21.96 28.49
N ASN B 398 11.64 -21.10 27.78
CA ASN B 398 10.62 -21.52 26.83
C ASN B 398 11.14 -21.80 25.41
N GLY B 399 12.44 -21.60 25.19
CA GLY B 399 13.09 -21.85 23.92
C GLY B 399 13.54 -23.30 23.79
N SER B 400 13.39 -23.87 22.59
CA SER B 400 13.76 -25.25 22.28
C SER B 400 15.28 -25.38 22.17
N HIS B 401 15.92 -25.94 23.22
CA HIS B 401 17.37 -26.11 23.26
C HIS B 401 17.88 -27.11 22.22
N GLY B 402 18.70 -26.61 21.30
CA GLY B 402 19.27 -27.39 20.20
C GLY B 402 18.80 -26.98 18.83
N SER B 403 17.76 -26.13 18.77
CA SER B 403 17.16 -25.60 17.53
C SER B 403 18.12 -24.72 16.72
N LEU B 404 18.99 -23.96 17.42
CA LEU B 404 19.93 -23.01 16.82
C LEU B 404 21.35 -23.57 16.60
N ASN B 405 21.47 -24.91 16.47
CA ASN B 405 22.75 -25.57 16.24
C ASN B 405 23.28 -25.40 14.81
N HIS B 406 22.37 -25.08 13.86
CA HIS B 406 22.72 -24.86 12.44
C HIS B 406 23.44 -23.51 12.22
N LEU B 407 23.42 -22.65 13.26
CA LEU B 407 24.07 -21.33 13.27
C LEU B 407 25.55 -21.47 13.62
N LEU B 408 25.87 -22.39 14.54
CA LEU B 408 27.22 -22.64 15.04
C LEU B 408 28.00 -23.65 14.20
N LYS B 409 29.34 -23.44 14.10
CA LYS B 409 30.27 -24.33 13.38
C LYS B 409 30.39 -25.64 14.15
N ALA B 410 30.53 -25.54 15.49
CA ALA B 410 30.63 -26.68 16.40
C ALA B 410 29.57 -26.53 17.52
N PRO B 411 28.44 -27.27 17.43
CA PRO B 411 27.39 -27.14 18.46
C PRO B 411 27.80 -27.70 19.83
N PHE B 412 27.47 -26.94 20.89
CA PHE B 412 27.76 -27.29 22.28
C PHE B 412 26.75 -28.31 22.84
N TYR B 413 25.45 -28.05 22.61
CA TYR B 413 24.37 -28.92 23.09
C TYR B 413 23.79 -29.76 21.96
N GLN B 414 23.93 -31.09 22.08
CA GLN B 414 23.39 -32.05 21.11
C GLN B 414 22.03 -32.50 21.64
N PRO B 415 20.90 -32.09 20.99
CA PRO B 415 19.58 -32.47 21.51
C PRO B 415 19.20 -33.92 21.27
N SER B 416 18.29 -34.44 22.10
CA SER B 416 17.79 -35.81 22.04
C SER B 416 16.26 -35.82 21.96
N HIS B 417 15.67 -36.92 21.44
CA HIS B 417 14.22 -37.10 21.31
C HIS B 417 13.56 -37.15 22.68
N ALA B 418 12.34 -36.57 22.79
CA ALA B 418 11.58 -36.55 24.04
C ALA B 418 11.13 -37.95 24.46
N GLU B 419 11.56 -38.37 25.66
CA GLU B 419 11.28 -39.69 26.25
C GLU B 419 9.79 -39.90 26.52
N GLU B 420 9.27 -41.07 26.12
CA GLU B 420 7.86 -41.46 26.31
C GLU B 420 7.66 -41.92 27.75
N LEU B 421 6.74 -41.26 28.48
CA LEU B 421 6.45 -41.55 29.89
C LEU B 421 5.22 -42.46 30.10
N SER B 422 4.51 -42.81 29.02
CA SER B 422 3.34 -43.70 29.06
C SER B 422 3.34 -44.67 27.88
N LYS B 423 3.28 -45.97 28.18
CA LYS B 423 3.28 -47.05 27.19
C LYS B 423 1.85 -47.41 26.74
N SER B 424 1.67 -47.66 25.43
CA SER B 424 0.40 -48.04 24.85
C SER B 424 0.05 -49.49 25.21
N ALA B 425 -1.20 -49.71 25.66
CA ALA B 425 -1.71 -51.03 26.07
C ALA B 425 -3.23 -51.11 25.93
N GLY B 426 -3.73 -52.28 25.57
CA GLY B 426 -5.16 -52.54 25.41
C GLY B 426 -5.67 -52.28 24.00
N CYS B 427 -7.01 -52.18 23.87
CA CYS B 427 -7.76 -51.96 22.63
C CYS B 427 -7.42 -52.97 21.52
N GLY B 428 -7.41 -54.24 21.92
CA GLY B 428 -7.16 -55.36 21.02
C GLY B 428 -8.46 -56.00 20.57
N PHE B 429 -8.49 -56.47 19.31
CA PHE B 429 -9.68 -57.11 18.73
C PHE B 429 -9.88 -58.51 19.30
N THR B 430 -11.13 -58.81 19.70
CA THR B 430 -11.53 -60.10 20.27
C THR B 430 -12.79 -60.66 19.60
N THR B 431 -13.91 -59.92 19.67
CA THR B 431 -15.20 -60.35 19.10
C THR B 431 -15.84 -59.23 18.27
N PRO B 432 -16.31 -59.52 17.02
CA PRO B 432 -16.94 -58.45 16.20
C PRO B 432 -18.28 -57.95 16.75
N LEU B 433 -18.93 -58.74 17.62
CA LEU B 433 -20.19 -58.39 18.27
C LEU B 433 -19.95 -57.46 19.48
N PRO B 434 -20.60 -56.27 19.55
CA PRO B 434 -20.36 -55.38 20.69
C PRO B 434 -21.06 -55.85 21.97
N LYS B 435 -20.36 -55.75 23.12
CA LYS B 435 -20.88 -56.14 24.43
C LYS B 435 -22.00 -55.20 24.89
N ASP B 436 -21.83 -53.90 24.63
CA ASP B 436 -22.79 -52.85 24.97
C ASP B 436 -23.03 -51.95 23.75
N SER B 437 -24.31 -51.66 23.46
CA SER B 437 -24.75 -50.83 22.34
C SER B 437 -24.33 -49.37 22.49
N LEU B 438 -24.10 -48.91 23.75
CA LEU B 438 -23.66 -47.57 24.15
C LEU B 438 -24.62 -46.47 23.66
N ASN B 439 -25.94 -46.78 23.65
CA ASN B 439 -27.07 -45.93 23.24
C ASN B 439 -26.83 -45.27 21.87
N CYS B 440 -26.36 -46.07 20.90
CA CYS B 440 -26.06 -45.61 19.54
C CYS B 440 -26.40 -46.67 18.50
N SER B 441 -27.02 -46.24 17.39
CA SER B 441 -27.42 -47.13 16.30
C SER B 441 -27.36 -46.45 14.94
N CYS B 442 -26.82 -47.16 13.94
CA CYS B 442 -26.69 -46.70 12.56
C CYS B 442 -28.00 -46.96 11.81
N LEU B 443 -28.29 -46.15 10.76
CA LEU B 443 -29.50 -46.30 9.96
C LEU B 443 -29.56 -47.69 9.32
N ALA B 444 -30.73 -48.36 9.43
CA ALA B 444 -31.01 -49.73 8.99
C ALA B 444 -30.12 -50.75 9.74
N LEU B 445 -30.08 -52.03 9.28
CA LEU B 445 -29.27 -53.06 9.93
C LEU B 445 -27.78 -52.84 9.67
N GLN B 450 -28.13 -56.08 6.13
CA GLN B 450 -26.69 -56.28 6.31
C GLN B 450 -26.29 -56.30 7.78
N GLU B 451 -25.55 -57.35 8.19
CA GLU B 451 -25.10 -57.50 9.58
C GLU B 451 -23.84 -56.64 9.85
N GLU B 452 -23.29 -56.69 11.08
CA GLU B 452 -22.09 -55.95 11.47
C GLU B 452 -20.81 -56.57 10.89
N GLN B 453 -20.74 -56.63 9.54
CA GLN B 453 -19.60 -57.15 8.77
C GLN B 453 -18.51 -56.10 8.62
N VAL B 454 -18.87 -54.82 8.82
CA VAL B 454 -17.97 -53.65 8.76
C VAL B 454 -17.00 -53.63 9.96
N ASN B 455 -17.33 -54.36 11.03
CA ASN B 455 -16.51 -54.50 12.23
C ASN B 455 -15.27 -55.36 12.00
N GLN B 456 -15.34 -56.32 11.03
CA GLN B 456 -14.23 -57.20 10.65
C GLN B 456 -13.14 -56.43 9.91
N ARG B 457 -13.53 -55.31 9.24
CA ARG B 457 -12.65 -54.40 8.49
C ARG B 457 -11.70 -53.66 9.45
N LEU B 458 -12.17 -53.41 10.68
CA LEU B 458 -11.40 -52.73 11.74
C LEU B 458 -10.27 -53.63 12.23
N ASN B 459 -10.52 -54.96 12.24
CA ASN B 459 -9.56 -55.99 12.63
C ASN B 459 -8.55 -56.16 11.49
N LEU B 460 -7.30 -55.73 11.73
CA LEU B 460 -6.23 -55.77 10.72
C LEU B 460 -5.06 -56.66 11.14
N ASN B 461 -4.53 -57.44 10.17
CA ASN B 461 -3.39 -58.33 10.38
C ASN B 461 -2.07 -57.55 10.40
N ARG B 462 -0.96 -58.22 10.83
CA ARG B 462 0.40 -57.68 10.94
C ARG B 462 0.84 -56.84 9.73
N GLY B 463 0.55 -57.34 8.53
CA GLY B 463 0.87 -56.67 7.26
C GLY B 463 0.01 -55.45 7.00
N GLU B 464 -1.30 -55.55 7.32
CA GLU B 464 -2.28 -54.47 7.15
C GLU B 464 -2.04 -53.34 8.14
N VAL B 465 -1.58 -53.67 9.36
CA VAL B 465 -1.26 -52.71 10.43
C VAL B 465 -0.01 -51.91 9.99
N SER B 466 1.02 -52.61 9.48
CA SER B 466 2.27 -52.02 8.98
C SER B 466 2.04 -51.16 7.74
N ALA B 467 0.99 -51.48 6.95
CA ALA B 467 0.60 -50.75 5.73
C ALA B 467 0.06 -49.36 6.08
N THR B 468 -0.83 -49.27 7.10
CA THR B 468 -1.40 -48.01 7.57
C THR B 468 -0.39 -47.25 8.45
N GLU B 469 0.60 -47.97 9.02
CA GLU B 469 1.69 -47.41 9.84
C GLU B 469 2.81 -46.87 8.94
N LYS B 470 2.63 -46.95 7.60
CA LYS B 470 3.58 -46.50 6.60
C LYS B 470 2.97 -45.33 5.82
N THR B 471 1.69 -45.47 5.42
CA THR B 471 0.96 -44.47 4.66
C THR B 471 0.49 -43.31 5.54
N ASN B 472 -0.35 -43.61 6.55
CA ASN B 472 -0.95 -42.62 7.46
C ASN B 472 -0.04 -42.19 8.63
N LEU B 473 0.97 -43.01 8.95
CA LEU B 473 1.92 -42.73 10.04
C LEU B 473 3.35 -42.72 9.46
N PRO B 474 3.77 -41.68 8.69
CA PRO B 474 5.12 -41.73 8.08
C PRO B 474 6.27 -41.37 9.01
N PHE B 475 6.08 -40.36 9.87
CA PHE B 475 7.09 -39.85 10.79
C PHE B 475 6.99 -40.49 12.19
N GLY B 476 6.13 -41.50 12.31
CA GLY B 476 5.91 -42.23 13.55
C GLY B 476 4.76 -41.69 14.37
N ARG B 477 4.33 -42.47 15.37
CA ARG B 477 3.23 -42.10 16.26
C ARG B 477 3.67 -41.05 17.29
N PRO B 478 2.85 -40.00 17.54
CA PRO B 478 3.22 -39.00 18.55
C PRO B 478 3.34 -39.64 19.92
N ARG B 479 4.55 -39.61 20.51
CA ARG B 479 4.86 -40.24 21.80
C ARG B 479 4.21 -39.49 22.95
N VAL B 480 3.62 -40.25 23.90
CA VAL B 480 2.94 -39.70 25.07
C VAL B 480 3.98 -39.31 26.12
N ILE B 481 4.15 -37.99 26.32
CA ILE B 481 5.09 -37.41 27.29
C ILE B 481 4.39 -37.21 28.66
N GLN B 482 3.08 -37.52 28.72
CA GLN B 482 2.27 -37.42 29.94
C GLN B 482 2.54 -38.60 30.86
N LYS B 483 2.55 -38.35 32.19
CA LYS B 483 2.78 -39.36 33.22
C LYS B 483 1.50 -40.15 33.48
N ASN B 484 1.62 -41.51 33.54
CA ASN B 484 0.54 -42.48 33.80
C ASN B 484 -0.75 -42.25 32.97
N LYS B 485 -0.59 -41.83 31.70
CA LYS B 485 -1.71 -41.59 30.81
C LYS B 485 -2.15 -42.91 30.17
N ASP B 486 -3.27 -43.49 30.68
CA ASP B 486 -3.83 -44.75 30.19
C ASP B 486 -4.40 -44.55 28.80
N HIS B 487 -3.71 -45.11 27.79
CA HIS B 487 -4.07 -44.98 26.38
C HIS B 487 -3.82 -46.26 25.58
N CYS B 488 -4.45 -46.36 24.40
CA CYS B 488 -4.33 -47.49 23.48
C CYS B 488 -4.21 -46.99 22.05
N LEU B 489 -3.64 -47.82 21.16
CA LEU B 489 -3.48 -47.47 19.76
C LEU B 489 -4.50 -48.19 18.88
N LEU B 490 -5.21 -47.41 18.04
CA LEU B 490 -6.24 -47.92 17.13
C LEU B 490 -5.76 -47.85 15.69
N TYR B 491 -5.83 -48.99 14.97
CA TYR B 491 -5.41 -49.07 13.57
C TYR B 491 -6.59 -49.30 12.64
N HIS B 492 -6.75 -48.42 11.66
CA HIS B 492 -7.79 -48.47 10.62
C HIS B 492 -7.08 -48.35 9.27
N ARG B 493 -7.71 -48.85 8.20
CA ARG B 493 -7.17 -48.84 6.83
C ARG B 493 -6.86 -47.44 6.27
N GLU B 494 -7.59 -46.41 6.72
CA GLU B 494 -7.41 -45.03 6.24
C GLU B 494 -6.88 -44.04 7.30
N TYR B 495 -6.80 -44.44 8.60
CA TYR B 495 -6.30 -43.58 9.68
C TYR B 495 -5.84 -44.35 10.93
N VAL B 496 -4.82 -43.81 11.62
CA VAL B 496 -4.28 -44.39 12.85
C VAL B 496 -4.50 -43.37 13.97
N SER B 497 -5.17 -43.77 15.07
CA SER B 497 -5.47 -42.87 16.18
C SER B 497 -5.02 -43.40 17.55
N GLY B 498 -4.72 -42.47 18.46
CA GLY B 498 -4.29 -42.76 19.82
C GLY B 498 -5.38 -42.40 20.83
N PHE B 499 -6.23 -43.37 21.17
CA PHE B 499 -7.36 -43.22 22.08
C PHE B 499 -6.93 -43.03 23.53
N GLY B 500 -7.50 -42.02 24.19
CA GLY B 500 -7.26 -41.71 25.59
C GLY B 500 -8.36 -42.29 26.45
N LYS B 501 -8.14 -43.52 26.97
CA LYS B 501 -9.05 -44.32 27.79
C LYS B 501 -9.76 -43.55 28.91
N ALA B 502 -9.03 -42.69 29.64
CA ALA B 502 -9.56 -41.90 30.76
C ALA B 502 -10.54 -40.81 30.32
N MET B 503 -10.20 -40.05 29.25
CA MET B 503 -11.05 -38.96 28.75
C MET B 503 -12.11 -39.42 27.72
N LYS B 504 -12.12 -40.74 27.41
CA LYS B 504 -13.05 -41.42 26.51
C LYS B 504 -13.09 -40.84 25.07
N MET B 505 -11.95 -40.31 24.60
CA MET B 505 -11.80 -39.71 23.26
C MET B 505 -10.33 -39.82 22.77
N PRO B 506 -10.03 -39.72 21.44
CA PRO B 506 -8.62 -39.83 21.01
C PRO B 506 -7.81 -38.56 21.24
N MET B 507 -6.56 -38.72 21.69
CA MET B 507 -5.61 -37.62 21.95
C MET B 507 -5.11 -37.07 20.62
N TRP B 508 -4.96 -37.96 19.62
CA TRP B 508 -4.47 -37.65 18.28
C TRP B 508 -5.04 -38.61 17.22
N SER B 509 -5.06 -38.16 15.96
CA SER B 509 -5.54 -38.94 14.82
C SER B 509 -4.70 -38.59 13.58
N SER B 510 -3.79 -39.51 13.19
CA SER B 510 -2.89 -39.32 12.05
C SER B 510 -3.45 -39.97 10.78
N TYR B 511 -3.49 -39.21 9.68
CA TYR B 511 -3.99 -39.67 8.38
C TYR B 511 -3.42 -38.86 7.21
N THR B 512 -2.90 -39.55 6.18
CA THR B 512 -2.33 -38.90 5.00
C THR B 512 -3.32 -38.92 3.83
N VAL B 513 -3.89 -37.74 3.52
CA VAL B 513 -4.84 -37.55 2.42
C VAL B 513 -4.01 -37.41 1.13
N PRO B 514 -4.25 -38.24 0.08
CA PRO B 514 -3.44 -38.08 -1.15
C PRO B 514 -3.93 -36.92 -2.02
N LYS B 515 -3.15 -36.57 -3.06
CA LYS B 515 -3.48 -35.48 -3.99
C LYS B 515 -4.75 -35.84 -4.79
N PRO B 516 -5.87 -35.09 -4.60
CA PRO B 516 -7.10 -35.42 -5.33
C PRO B 516 -7.14 -34.84 -6.74
N GLY B 517 -7.98 -35.45 -7.57
CA GLY B 517 -8.21 -35.04 -8.95
C GLY B 517 -9.65 -34.58 -9.13
N ASP B 518 -10.60 -35.48 -8.81
CA ASP B 518 -12.04 -35.20 -8.90
C ASP B 518 -12.48 -34.32 -7.70
N THR B 519 -12.12 -33.03 -7.77
CA THR B 519 -12.46 -32.02 -6.75
C THR B 519 -13.95 -31.67 -6.89
N SER B 520 -14.45 -31.66 -8.14
CA SER B 520 -15.86 -31.39 -8.48
C SER B 520 -16.74 -32.52 -7.97
N SER B 521 -17.80 -32.17 -7.21
CA SER B 521 -18.76 -33.08 -6.59
C SER B 521 -18.09 -34.08 -5.64
N LEU B 522 -17.80 -33.63 -4.41
CA LEU B 522 -17.18 -34.43 -3.35
C LEU B 522 -18.21 -35.33 -2.65
N PRO B 523 -17.84 -36.57 -2.23
CA PRO B 523 -18.82 -37.43 -1.54
C PRO B 523 -19.22 -36.89 -0.16
N PRO B 524 -20.53 -36.89 0.18
CA PRO B 524 -20.93 -36.35 1.49
C PRO B 524 -20.81 -37.36 2.63
N THR B 525 -20.87 -36.87 3.88
CA THR B 525 -20.80 -37.68 5.10
C THR B 525 -22.10 -38.47 5.28
N VAL B 526 -22.01 -39.71 5.77
CA VAL B 526 -23.17 -40.59 5.97
C VAL B 526 -24.04 -40.09 7.15
N PRO B 527 -25.30 -39.68 6.89
CA PRO B 527 -26.14 -39.18 8.00
C PRO B 527 -26.85 -40.30 8.76
N ASP B 528 -27.26 -40.01 10.02
CA ASP B 528 -27.98 -40.90 10.94
C ASP B 528 -27.22 -42.20 11.30
N CYS B 529 -25.96 -42.36 10.82
CA CYS B 529 -25.14 -43.54 11.09
C CYS B 529 -24.05 -43.26 12.12
N LEU B 530 -24.03 -44.08 13.18
CA LEU B 530 -23.07 -44.03 14.28
C LEU B 530 -23.17 -45.36 15.03
N ARG B 531 -22.07 -46.13 15.08
CA ARG B 531 -22.02 -47.43 15.75
C ARG B 531 -20.97 -47.47 16.88
N ALA B 532 -20.93 -48.58 17.64
CA ALA B 532 -20.02 -48.76 18.77
C ALA B 532 -18.71 -49.44 18.39
N ASP B 533 -17.60 -49.01 19.03
CA ASP B 533 -16.27 -49.55 18.79
C ASP B 533 -16.06 -50.83 19.60
N VAL B 534 -15.51 -51.86 18.94
CA VAL B 534 -15.25 -53.18 19.53
C VAL B 534 -14.03 -53.16 20.46
N ARG B 535 -12.89 -52.60 19.98
CA ARG B 535 -11.60 -52.55 20.67
C ARG B 535 -11.63 -51.92 22.07
N VAL B 536 -12.28 -50.75 22.22
CA VAL B 536 -12.37 -50.06 23.51
C VAL B 536 -13.55 -50.60 24.35
N ASP B 537 -13.26 -50.94 25.62
CA ASP B 537 -14.18 -51.46 26.63
C ASP B 537 -15.32 -50.47 26.90
N PRO B 538 -16.59 -50.94 27.09
CA PRO B 538 -17.71 -49.99 27.31
C PRO B 538 -17.54 -49.02 28.48
N SER B 539 -16.76 -49.39 29.51
CA SER B 539 -16.46 -48.56 30.68
C SER B 539 -15.58 -47.37 30.32
N GLU B 540 -14.75 -47.52 29.26
CA GLU B 540 -13.83 -46.50 28.75
C GLU B 540 -14.32 -45.92 27.40
N SER B 541 -15.52 -46.33 26.95
CA SER B 541 -16.15 -45.88 25.71
C SER B 541 -17.08 -44.70 25.94
N GLN B 542 -17.27 -43.87 24.89
CA GLN B 542 -18.12 -42.69 24.89
C GLN B 542 -19.51 -43.03 24.34
N LYS B 543 -20.57 -42.82 25.15
CA LYS B 543 -21.97 -43.11 24.76
C LYS B 543 -22.56 -41.94 23.98
N CYS B 544 -23.49 -42.24 23.05
CA CYS B 544 -24.16 -41.23 22.23
C CYS B 544 -25.27 -40.50 23.00
N SER B 545 -25.74 -41.10 24.13
CA SER B 545 -26.75 -40.51 25.02
C SER B 545 -26.18 -39.34 25.82
N PHE B 546 -24.83 -39.21 25.87
CA PHE B 546 -24.11 -38.15 26.57
C PHE B 546 -24.37 -36.79 25.93
N TYR B 547 -24.52 -36.76 24.59
CA TYR B 547 -24.77 -35.55 23.79
C TYR B 547 -26.27 -35.26 23.60
N LEU B 548 -27.13 -36.22 24.01
CA LEU B 548 -28.59 -36.12 23.92
C LEU B 548 -29.13 -35.07 24.91
N ALA B 549 -28.62 -35.09 26.15
CA ALA B 549 -29.03 -34.18 27.23
C ALA B 549 -28.47 -32.76 27.06
N ASP B 550 -27.21 -32.63 26.61
CA ASP B 550 -26.56 -31.34 26.42
C ASP B 550 -27.09 -30.61 25.18
N GLN B 551 -27.65 -29.40 25.39
CA GLN B 551 -28.22 -28.58 24.34
C GLN B 551 -27.29 -27.42 23.91
N ASN B 552 -26.00 -27.75 23.66
CA ASN B 552 -24.95 -26.83 23.22
C ASN B 552 -23.79 -27.55 22.52
N ILE B 553 -23.39 -28.73 23.05
CA ILE B 553 -22.31 -29.56 22.49
C ILE B 553 -22.84 -30.87 21.92
N ASP B 554 -22.51 -31.16 20.65
CA ASP B 554 -22.93 -32.38 19.95
C ASP B 554 -21.71 -33.21 19.51
N HIS B 555 -21.93 -34.51 19.21
CA HIS B 555 -20.87 -35.43 18.78
C HIS B 555 -20.27 -35.07 17.42
N GLY B 556 -18.96 -34.83 17.43
CA GLY B 556 -18.19 -34.49 16.23
C GLY B 556 -17.03 -35.43 16.01
N PHE B 557 -16.71 -35.69 14.71
CA PHE B 557 -15.61 -36.58 14.32
C PHE B 557 -14.29 -35.83 14.27
N LEU B 558 -13.21 -36.49 14.70
CA LEU B 558 -11.87 -35.94 14.67
C LEU B 558 -11.29 -36.15 13.26
N TYR B 559 -11.52 -37.35 12.70
CA TYR B 559 -11.13 -37.75 11.35
C TYR B 559 -12.39 -37.68 10.46
N PRO B 560 -12.36 -36.94 9.33
CA PRO B 560 -13.55 -36.89 8.47
C PRO B 560 -13.76 -38.21 7.72
N PRO B 561 -14.98 -38.80 7.74
CA PRO B 561 -15.17 -40.10 7.07
C PRO B 561 -15.03 -40.04 5.54
N ALA B 562 -15.70 -39.05 4.91
CA ALA B 562 -15.66 -38.87 3.46
C ALA B 562 -14.47 -38.01 3.01
N ILE B 563 -13.26 -38.62 3.05
CA ILE B 563 -12.00 -37.98 2.65
C ILE B 563 -11.10 -38.96 1.88
N LYS B 564 -11.26 -40.28 2.14
CA LYS B 564 -10.49 -41.35 1.51
C LYS B 564 -11.36 -42.58 1.24
N GLY B 565 -11.22 -43.14 0.05
CA GLY B 565 -11.93 -44.34 -0.39
C GLY B 565 -13.41 -44.14 -0.68
N ASN B 566 -14.14 -45.26 -0.78
CA ASN B 566 -15.58 -45.30 -1.06
C ASN B 566 -16.44 -45.14 0.21
N ASN B 567 -17.75 -45.52 0.14
CA ASN B 567 -18.68 -45.43 1.26
C ASN B 567 -18.37 -46.47 2.36
N GLU B 568 -17.80 -47.63 1.96
CA GLU B 568 -17.42 -48.74 2.86
C GLU B 568 -16.33 -48.30 3.86
N SER B 569 -15.34 -47.51 3.39
CA SER B 569 -14.25 -47.00 4.22
C SER B 569 -14.71 -45.99 5.27
N GLN B 570 -15.85 -45.31 5.04
CA GLN B 570 -16.44 -44.33 5.96
C GLN B 570 -16.91 -44.97 7.27
N TYR B 571 -17.32 -46.27 7.22
CA TYR B 571 -17.79 -47.05 8.36
C TYR B 571 -16.78 -47.21 9.50
N ASP B 572 -15.47 -47.13 9.18
CA ASP B 572 -14.39 -47.23 10.17
C ASP B 572 -14.20 -45.93 10.97
N ALA B 573 -14.85 -44.83 10.53
CA ALA B 573 -14.79 -43.51 11.17
C ALA B 573 -16.04 -43.20 11.97
N LEU B 574 -17.22 -43.72 11.53
CA LEU B 574 -18.51 -43.53 12.18
C LEU B 574 -18.63 -44.40 13.45
N ILE B 575 -17.66 -44.26 14.37
CA ILE B 575 -17.59 -45.02 15.61
C ILE B 575 -17.30 -44.14 16.82
N THR B 576 -17.68 -44.63 18.02
CA THR B 576 -17.53 -44.00 19.33
C THR B 576 -16.09 -43.62 19.68
N SER B 577 -15.12 -44.38 19.12
CA SER B 577 -13.68 -44.17 19.32
C SER B 577 -13.20 -42.86 18.69
N ASN B 578 -13.81 -42.46 17.55
CA ASN B 578 -13.51 -41.22 16.82
C ASN B 578 -14.68 -40.25 17.02
N LEU B 579 -14.91 -39.87 18.28
CA LEU B 579 -15.98 -38.96 18.70
C LEU B 579 -15.50 -38.02 19.78
N VAL B 580 -15.45 -36.71 19.46
CA VAL B 580 -15.00 -35.64 20.36
C VAL B 580 -16.10 -34.57 20.57
N PRO B 581 -16.21 -33.94 21.77
CA PRO B 581 -17.28 -32.96 21.98
C PRO B 581 -17.07 -31.64 21.24
N MET B 582 -18.06 -31.26 20.38
CA MET B 582 -18.00 -30.05 19.57
C MET B 582 -19.29 -29.25 19.56
N TYR B 583 -19.19 -27.91 19.70
CA TYR B 583 -20.33 -27.00 19.70
C TYR B 583 -20.99 -26.93 18.33
N LYS B 584 -22.30 -26.62 18.29
CA LYS B 584 -23.09 -26.49 17.06
C LYS B 584 -22.49 -25.44 16.12
N GLU B 585 -21.96 -24.33 16.71
CA GLU B 585 -21.35 -23.22 15.98
C GLU B 585 -19.91 -23.54 15.57
N PHE B 586 -19.17 -24.31 16.42
CA PHE B 586 -17.79 -24.71 16.14
C PHE B 586 -17.72 -25.68 14.95
N LYS B 587 -18.75 -26.54 14.81
CA LYS B 587 -18.88 -27.53 13.73
C LYS B 587 -18.87 -26.88 12.35
N LYS B 588 -19.36 -25.61 12.24
CA LYS B 588 -19.37 -24.83 11.01
C LYS B 588 -17.93 -24.58 10.52
N MET B 589 -16.99 -24.35 11.47
CA MET B 589 -15.57 -24.13 11.19
C MET B 589 -14.86 -25.45 10.94
N TRP B 590 -15.12 -26.47 11.78
CA TRP B 590 -14.50 -27.80 11.72
C TRP B 590 -14.87 -28.59 10.46
N ASP B 591 -16.18 -28.68 10.12
CA ASP B 591 -16.66 -29.42 8.96
C ASP B 591 -16.29 -28.77 7.63
N TYR B 592 -16.37 -27.42 7.53
CA TYR B 592 -16.02 -26.67 6.31
C TYR B 592 -14.54 -26.77 5.99
N PHE B 593 -13.68 -26.85 7.02
CA PHE B 593 -12.23 -27.00 6.87
C PHE B 593 -11.89 -28.36 6.30
N HIS B 594 -12.56 -29.43 6.77
CA HIS B 594 -12.33 -30.81 6.32
C HIS B 594 -13.08 -31.18 5.03
N LYS B 595 -13.95 -30.28 4.53
CA LYS B 595 -14.73 -30.49 3.30
C LYS B 595 -14.25 -29.63 2.12
N VAL B 596 -13.77 -28.40 2.40
CA VAL B 596 -13.33 -27.47 1.35
C VAL B 596 -11.82 -27.16 1.43
N LEU B 597 -11.36 -26.64 2.58
CA LEU B 597 -9.98 -26.21 2.80
C LEU B 597 -8.91 -27.31 2.75
N LEU B 598 -9.14 -28.44 3.45
CA LEU B 598 -8.20 -29.58 3.51
C LEU B 598 -7.87 -30.13 2.13
N ILE B 599 -8.89 -30.26 1.27
CA ILE B 599 -8.76 -30.74 -0.12
C ILE B 599 -8.02 -29.68 -0.96
N LYS B 600 -8.35 -28.38 -0.76
CA LYS B 600 -7.72 -27.23 -1.44
C LYS B 600 -6.20 -27.20 -1.18
N TYR B 601 -5.79 -27.48 0.08
CA TYR B 601 -4.40 -27.54 0.50
C TYR B 601 -3.70 -28.76 -0.09
N ALA B 602 -4.37 -29.95 -0.03
CA ALA B 602 -3.88 -31.24 -0.55
C ALA B 602 -3.45 -31.21 -2.01
N ILE B 603 -4.00 -30.27 -2.81
CA ILE B 603 -3.65 -30.08 -4.21
C ILE B 603 -2.33 -29.28 -4.29
N GLU B 604 -2.24 -28.17 -3.52
CA GLU B 604 -1.09 -27.27 -3.45
C GLU B 604 0.22 -27.93 -2.99
N ARG B 605 0.13 -28.87 -2.03
CA ARG B 605 1.31 -29.55 -1.51
C ARG B 605 1.41 -31.04 -1.91
N ASN B 606 0.61 -31.48 -2.91
CA ASN B 606 0.60 -32.84 -3.48
C ASN B 606 0.47 -33.91 -2.39
N GLY B 607 -0.69 -33.90 -1.73
CA GLY B 607 -0.99 -34.78 -0.61
C GLY B 607 -0.64 -34.10 0.71
N VAL B 608 -1.38 -34.42 1.79
CA VAL B 608 -1.12 -33.81 3.11
C VAL B 608 -1.40 -34.78 4.27
N ASN B 609 -0.46 -34.86 5.23
CA ASN B 609 -0.59 -35.67 6.44
C ASN B 609 -1.19 -34.80 7.54
N VAL B 610 -2.35 -35.20 8.05
CA VAL B 610 -3.08 -34.47 9.09
C VAL B 610 -3.01 -35.22 10.42
N VAL B 611 -2.60 -34.51 11.49
CA VAL B 611 -2.55 -35.04 12.86
C VAL B 611 -3.39 -34.07 13.69
N SER B 612 -4.62 -34.49 14.05
CA SER B 612 -5.57 -33.67 14.78
C SER B 612 -5.98 -34.29 16.11
N GLY B 613 -6.34 -33.43 17.08
CA GLY B 613 -6.76 -33.86 18.41
C GLY B 613 -7.23 -32.73 19.31
N PRO B 614 -7.61 -33.04 20.57
CA PRO B 614 -8.08 -31.98 21.49
C PRO B 614 -6.98 -31.35 22.33
N ILE B 615 -7.26 -30.12 22.81
CA ILE B 615 -6.36 -29.35 23.68
C ILE B 615 -7.16 -28.93 24.93
N PHE B 616 -6.59 -29.18 26.12
CA PHE B 616 -7.21 -28.81 27.38
C PHE B 616 -6.27 -27.84 28.09
N ASP B 617 -6.70 -26.56 28.17
CA ASP B 617 -5.91 -25.48 28.77
C ASP B 617 -6.82 -24.42 29.43
N TYR B 618 -7.57 -24.85 30.47
CA TYR B 618 -8.48 -23.99 31.21
C TYR B 618 -7.77 -22.99 32.11
N ASN B 619 -6.56 -23.36 32.58
CA ASN B 619 -5.73 -22.49 33.43
C ASN B 619 -4.88 -21.54 32.57
N TYR B 620 -5.02 -21.62 31.23
CA TYR B 620 -4.37 -20.84 30.16
C TYR B 620 -2.85 -20.63 30.37
N ASP B 621 -2.16 -21.68 30.87
CA ASP B 621 -0.71 -21.64 31.13
C ASP B 621 0.13 -22.03 29.91
N GLY B 622 -0.53 -22.63 28.91
CA GLY B 622 0.12 -23.07 27.68
C GLY B 622 0.52 -24.53 27.71
N HIS B 623 0.31 -25.21 28.85
CA HIS B 623 0.60 -26.62 29.07
C HIS B 623 -0.68 -27.46 29.16
N PHE B 624 -0.55 -28.80 28.98
CA PHE B 624 -1.68 -29.73 29.06
C PHE B 624 -2.29 -29.77 30.46
N ASP B 625 -3.63 -29.85 30.54
CA ASP B 625 -4.37 -29.89 31.79
C ASP B 625 -4.41 -31.27 32.42
N ALA B 626 -4.34 -31.31 33.76
CA ALA B 626 -4.47 -32.54 34.55
C ALA B 626 -5.98 -32.77 34.74
N PRO B 627 -6.49 -34.00 35.02
CA PRO B 627 -7.95 -34.17 35.18
C PRO B 627 -8.64 -33.15 36.11
N ASP B 628 -7.95 -32.73 37.19
CA ASP B 628 -8.45 -31.74 38.15
C ASP B 628 -8.46 -30.31 37.56
N GLU B 629 -7.51 -30.01 36.65
CA GLU B 629 -7.37 -28.70 36.00
C GLU B 629 -8.51 -28.36 35.04
N ILE B 630 -9.20 -29.38 34.51
CA ILE B 630 -10.33 -29.22 33.58
C ILE B 630 -11.58 -28.77 34.37
N THR B 631 -12.18 -27.63 33.95
CA THR B 631 -13.35 -27.05 34.61
C THR B 631 -14.69 -27.38 33.94
N ASN B 632 -14.72 -27.48 32.60
CA ASN B 632 -15.94 -27.77 31.86
C ASN B 632 -15.97 -29.18 31.29
N TYR B 633 -17.08 -29.89 31.52
CA TYR B 633 -17.36 -31.25 31.07
C TYR B 633 -18.72 -31.28 30.34
N VAL B 634 -19.01 -32.35 29.59
CA VAL B 634 -20.28 -32.52 28.88
C VAL B 634 -21.36 -32.78 29.94
N ALA B 635 -22.53 -32.10 29.82
CA ALA B 635 -23.66 -32.15 30.77
C ALA B 635 -23.92 -33.53 31.39
N GLY B 636 -23.72 -33.58 32.71
CA GLY B 636 -23.92 -34.76 33.55
C GLY B 636 -23.06 -35.97 33.24
N THR B 637 -21.88 -35.75 32.62
CA THR B 637 -20.95 -36.83 32.25
C THR B 637 -19.51 -36.50 32.66
N ASP B 638 -18.65 -37.54 32.75
CA ASP B 638 -17.24 -37.42 33.10
C ASP B 638 -16.33 -37.09 31.89
N VAL B 639 -16.94 -37.00 30.68
CA VAL B 639 -16.27 -36.67 29.41
C VAL B 639 -15.88 -35.17 29.41
N PRO B 640 -14.59 -34.81 29.28
CA PRO B 640 -14.23 -33.38 29.30
C PRO B 640 -14.52 -32.63 28.00
N VAL B 641 -14.46 -31.29 28.06
CA VAL B 641 -14.68 -30.40 26.92
C VAL B 641 -13.34 -29.73 26.58
N PRO B 642 -12.85 -29.83 25.33
CA PRO B 642 -11.56 -29.20 25.00
C PRO B 642 -11.67 -27.68 24.86
N THR B 643 -10.60 -26.97 25.26
CA THR B 643 -10.51 -25.52 25.15
C THR B 643 -10.21 -25.14 23.71
N HIS B 644 -9.30 -25.91 23.08
CA HIS B 644 -8.85 -25.71 21.69
C HIS B 644 -8.77 -27.06 20.96
N TYR B 645 -8.66 -27.02 19.63
CA TYR B 645 -8.52 -28.18 18.76
C TYR B 645 -7.36 -27.93 17.81
N PHE B 646 -6.41 -28.88 17.73
CA PHE B 646 -5.25 -28.72 16.87
C PHE B 646 -5.35 -29.50 15.57
N VAL B 647 -4.74 -28.97 14.50
CA VAL B 647 -4.66 -29.57 13.17
C VAL B 647 -3.22 -29.33 12.69
N VAL B 648 -2.42 -30.40 12.58
CA VAL B 648 -1.04 -30.26 12.13
C VAL B 648 -0.89 -30.85 10.74
N LEU B 649 -0.78 -29.96 9.73
CA LEU B 649 -0.62 -30.33 8.32
C LEU B 649 0.86 -30.48 8.00
N THR B 650 1.26 -31.68 7.53
CA THR B 650 2.66 -31.97 7.20
C THR B 650 2.81 -32.53 5.79
N SER B 651 3.74 -31.94 5.02
CA SER B 651 4.09 -32.31 3.66
C SER B 651 5.61 -32.22 3.48
N CYS B 652 6.11 -31.91 2.26
CA CYS B 652 7.53 -31.78 1.99
C CYS B 652 7.88 -30.48 1.27
N LYS B 653 9.13 -29.99 1.46
CA LYS B 653 9.64 -28.75 0.85
C LYS B 653 9.59 -28.85 -0.68
N ASN B 654 9.92 -30.05 -1.22
CA ASN B 654 9.84 -30.33 -2.65
C ASN B 654 8.45 -30.92 -2.91
N LYS B 655 7.64 -30.22 -3.72
CA LYS B 655 6.26 -30.57 -4.05
C LYS B 655 6.12 -31.85 -4.91
N THR B 656 7.24 -32.38 -5.46
CA THR B 656 7.26 -33.60 -6.29
C THR B 656 6.91 -34.87 -5.50
N HIS B 657 7.21 -34.87 -4.17
CA HIS B 657 6.97 -36.01 -3.29
C HIS B 657 5.72 -35.85 -2.42
N THR B 658 5.14 -36.98 -2.01
CA THR B 658 3.95 -37.09 -1.15
C THR B 658 4.39 -37.26 0.32
N PRO B 659 3.57 -36.87 1.34
CA PRO B 659 3.99 -37.03 2.74
C PRO B 659 4.20 -38.48 3.20
N ASP B 660 3.50 -39.44 2.58
CA ASP B 660 3.58 -40.87 2.88
C ASP B 660 4.96 -41.47 2.56
N SER B 661 5.60 -40.96 1.49
CA SER B 661 6.93 -41.39 1.06
C SER B 661 7.76 -40.17 0.60
N CYS B 662 8.58 -39.64 1.52
CA CYS B 662 9.43 -38.47 1.29
C CYS B 662 10.71 -38.54 2.13
N PRO B 663 11.88 -38.39 1.54
CA PRO B 663 13.09 -38.50 2.34
C PRO B 663 13.69 -37.21 2.87
N GLY B 664 13.59 -36.15 2.08
CA GLY B 664 14.14 -34.84 2.42
C GLY B 664 13.39 -34.06 3.49
N TRP B 665 13.57 -32.72 3.46
CA TRP B 665 12.98 -31.77 4.40
C TRP B 665 11.45 -31.68 4.29
N LEU B 666 10.78 -31.49 5.43
CA LEU B 666 9.33 -31.38 5.53
C LEU B 666 8.83 -29.92 5.54
N ASP B 667 7.53 -29.73 5.29
CA ASP B 667 6.84 -28.44 5.33
C ASP B 667 5.64 -28.60 6.26
N VAL B 668 5.56 -27.75 7.29
CA VAL B 668 4.50 -27.86 8.29
C VAL B 668 3.58 -26.60 8.34
N LEU B 669 2.29 -26.82 8.64
CA LEU B 669 1.25 -25.78 8.77
C LEU B 669 0.32 -26.12 9.97
N PRO B 670 0.76 -25.92 11.23
CA PRO B 670 -0.08 -26.28 12.37
C PRO B 670 -1.12 -25.20 12.73
N PHE B 671 -2.19 -25.61 13.44
CA PHE B 671 -3.27 -24.74 13.89
C PHE B 671 -3.65 -25.06 15.34
N VAL B 672 -4.17 -24.06 16.08
CA VAL B 672 -4.68 -24.18 17.45
C VAL B 672 -6.00 -23.37 17.45
N VAL B 673 -7.05 -23.98 16.88
CA VAL B 673 -8.36 -23.36 16.74
C VAL B 673 -9.10 -23.37 18.08
N PRO B 674 -9.56 -22.20 18.59
CA PRO B 674 -10.27 -22.21 19.88
C PRO B 674 -11.67 -22.80 19.78
N HIS B 675 -11.97 -23.73 20.68
CA HIS B 675 -13.26 -24.41 20.77
C HIS B 675 -14.21 -23.53 21.59
N ARG B 676 -14.86 -22.57 20.91
CA ARG B 676 -15.77 -21.59 21.52
C ARG B 676 -17.25 -21.85 21.15
N PRO B 677 -18.21 -21.64 22.10
CA PRO B 677 -19.63 -21.88 21.77
C PRO B 677 -20.23 -20.93 20.73
N THR B 678 -19.61 -19.76 20.54
CA THR B 678 -20.05 -18.73 19.59
C THR B 678 -18.91 -18.32 18.67
N ASN B 679 -19.23 -18.06 17.38
CA ASN B 679 -18.27 -17.63 16.36
C ASN B 679 -18.13 -16.09 16.35
N VAL B 680 -18.26 -15.45 17.55
CA VAL B 680 -18.17 -14.01 17.76
C VAL B 680 -16.75 -13.46 17.43
N GLU B 681 -15.76 -14.36 17.30
CA GLU B 681 -14.39 -14.03 16.93
C GLU B 681 -14.31 -13.80 15.42
N SER B 682 -14.97 -14.70 14.64
CA SER B 682 -15.02 -14.69 13.16
C SER B 682 -15.98 -13.64 12.60
N CYS B 683 -17.18 -13.51 13.22
CA CYS B 683 -18.28 -12.59 12.87
C CYS B 683 -18.88 -12.85 11.46
N PRO B 684 -19.84 -13.79 11.34
CA PRO B 684 -20.45 -14.04 10.02
C PRO B 684 -21.65 -13.11 9.75
N GLU B 685 -21.38 -11.99 9.05
CA GLU B 685 -22.41 -11.00 8.70
C GLU B 685 -23.17 -11.48 7.45
N ASN B 686 -24.13 -12.42 7.67
CA ASN B 686 -25.00 -13.07 6.66
C ASN B 686 -24.22 -13.96 5.66
N LYS B 687 -22.91 -13.70 5.49
CA LYS B 687 -21.97 -14.38 4.59
C LYS B 687 -21.76 -15.86 4.92
N ALA B 688 -21.34 -16.64 3.91
CA ALA B 688 -21.05 -18.07 3.99
C ALA B 688 -19.68 -18.32 4.63
N GLU B 689 -19.37 -19.59 4.92
CA GLU B 689 -18.13 -20.06 5.56
C GLU B 689 -16.83 -19.78 4.79
N ASP B 690 -16.90 -19.48 3.48
CA ASP B 690 -15.70 -19.24 2.66
C ASP B 690 -15.01 -17.89 2.93
N LEU B 691 -15.65 -17.00 3.71
CA LEU B 691 -15.13 -15.67 4.02
C LEU B 691 -14.60 -15.48 5.45
N TRP B 692 -14.81 -16.45 6.37
CA TRP B 692 -14.35 -16.31 7.75
C TRP B 692 -13.63 -17.54 8.34
N VAL B 693 -13.98 -18.77 7.90
CA VAL B 693 -13.35 -20.02 8.40
C VAL B 693 -11.83 -20.03 8.15
N GLU B 694 -11.41 -19.75 6.89
CA GLU B 694 -9.99 -19.68 6.49
C GLU B 694 -9.25 -18.60 7.29
N GLU B 695 -9.89 -17.42 7.46
CA GLU B 695 -9.37 -16.26 8.19
C GLU B 695 -9.09 -16.58 9.65
N ARG B 696 -9.98 -17.34 10.31
CA ARG B 696 -9.82 -17.71 11.73
C ARG B 696 -8.74 -18.76 11.95
N PHE B 697 -8.63 -19.75 11.04
CA PHE B 697 -7.61 -20.78 11.11
C PHE B 697 -6.22 -20.15 10.92
N LYS B 698 -6.09 -19.23 9.93
CA LYS B 698 -4.87 -18.48 9.63
C LYS B 698 -4.42 -17.57 10.77
N ALA B 699 -5.38 -17.03 11.53
CA ALA B 699 -5.11 -16.16 12.69
C ALA B 699 -4.64 -16.99 13.89
N HIS B 700 -5.01 -18.28 13.93
CA HIS B 700 -4.67 -19.21 15.02
C HIS B 700 -3.58 -20.23 14.65
N ILE B 701 -2.73 -19.91 13.67
CA ILE B 701 -1.60 -20.76 13.26
C ILE B 701 -0.54 -20.69 14.37
N ALA B 702 -0.08 -21.86 14.86
CA ALA B 702 0.94 -21.93 15.91
C ALA B 702 2.11 -22.82 15.50
N ARG B 703 3.15 -22.92 16.34
CA ARG B 703 4.32 -23.77 16.09
C ARG B 703 3.94 -25.23 16.38
N VAL B 704 4.84 -26.17 16.05
CA VAL B 704 4.64 -27.59 16.36
C VAL B 704 4.98 -27.77 17.85
N ARG B 705 5.83 -26.88 18.41
CA ARG B 705 6.20 -26.89 19.82
C ARG B 705 4.98 -26.45 20.65
N ASP B 706 4.18 -25.49 20.12
CA ASP B 706 2.98 -24.98 20.78
C ASP B 706 1.92 -26.07 20.96
N VAL B 707 1.67 -26.89 19.91
CA VAL B 707 0.71 -28.01 19.97
C VAL B 707 1.21 -29.11 20.90
N GLU B 708 2.54 -29.34 20.92
CA GLU B 708 3.26 -30.32 21.75
C GLU B 708 3.09 -30.05 23.24
N LEU B 709 3.28 -28.78 23.65
CA LEU B 709 3.17 -28.35 25.05
C LEU B 709 1.74 -28.45 25.57
N LEU B 710 0.75 -28.12 24.73
CA LEU B 710 -0.67 -28.15 25.05
C LEU B 710 -1.26 -29.57 25.09
N THR B 711 -0.59 -30.56 24.48
CA THR B 711 -1.09 -31.95 24.42
C THR B 711 -0.23 -32.98 25.16
N GLY B 712 1.05 -32.68 25.34
CA GLY B 712 2.01 -33.59 25.97
C GLY B 712 2.33 -34.74 25.03
N LEU B 713 2.37 -34.45 23.72
CA LEU B 713 2.61 -35.42 22.66
C LEU B 713 3.69 -34.91 21.70
N ASP B 714 4.92 -35.46 21.81
CA ASP B 714 6.03 -35.08 20.94
C ASP B 714 5.87 -35.73 19.58
N PHE B 715 5.93 -34.93 18.50
CA PHE B 715 5.77 -35.39 17.12
C PHE B 715 7.11 -35.63 16.43
N TYR B 716 7.08 -36.36 15.28
CA TYR B 716 8.23 -36.69 14.43
C TYR B 716 9.43 -37.30 15.20
N GLN B 717 9.34 -38.59 15.51
CA GLN B 717 10.40 -39.31 16.23
C GLN B 717 11.00 -40.42 15.35
N GLU B 718 10.28 -40.83 14.29
CA GLU B 718 10.71 -41.84 13.34
C GLU B 718 11.21 -41.23 12.01
N LYS B 719 11.36 -39.89 11.98
CA LYS B 719 11.86 -39.18 10.81
C LYS B 719 13.39 -39.23 10.80
N THR B 720 13.96 -39.75 9.69
CA THR B 720 15.41 -39.89 9.52
C THR B 720 16.01 -38.50 9.20
N GLN B 721 16.29 -37.74 10.26
CA GLN B 721 16.87 -36.39 10.27
C GLN B 721 17.42 -36.10 11.68
N PRO B 722 18.50 -35.30 11.83
CA PRO B 722 19.02 -35.02 13.19
C PRO B 722 18.02 -34.24 14.04
N VAL B 723 18.03 -34.47 15.37
CA VAL B 723 17.15 -33.84 16.36
C VAL B 723 17.18 -32.30 16.26
N SER B 724 18.36 -31.71 15.96
CA SER B 724 18.56 -30.28 15.78
C SER B 724 17.78 -29.76 14.56
N GLU B 725 17.75 -30.55 13.46
CA GLU B 725 17.05 -30.22 12.22
C GLU B 725 15.53 -30.33 12.38
N ILE B 726 15.05 -31.32 13.16
CA ILE B 726 13.62 -31.53 13.43
C ILE B 726 13.07 -30.37 14.28
N LEU B 727 13.88 -29.87 15.25
CA LEU B 727 13.53 -28.75 16.13
C LEU B 727 13.33 -27.43 15.37
N GLN B 728 13.96 -27.29 14.19
CA GLN B 728 13.83 -26.13 13.31
C GLN B 728 12.42 -26.11 12.71
N LEU B 729 11.86 -27.30 12.41
CA LEU B 729 10.51 -27.47 11.90
C LEU B 729 9.49 -27.28 13.04
N LYS B 730 9.86 -27.73 14.26
CA LYS B 730 9.03 -27.63 15.47
C LYS B 730 8.88 -26.20 15.99
N THR B 731 9.86 -25.32 15.69
CA THR B 731 9.87 -23.91 16.05
C THR B 731 9.35 -23.03 14.89
N TYR B 732 9.25 -23.61 13.67
CA TYR B 732 8.79 -22.93 12.46
C TYR B 732 7.34 -22.43 12.58
N LEU B 733 7.13 -21.15 12.24
CA LEU B 733 5.83 -20.47 12.26
C LEU B 733 5.56 -19.91 10.85
N PRO B 734 4.58 -20.47 10.11
CA PRO B 734 4.32 -19.97 8.74
C PRO B 734 3.65 -18.60 8.72
N THR B 735 4.17 -17.68 7.87
CA THR B 735 3.68 -16.32 7.73
C THR B 735 3.25 -16.03 6.28
N PHE B 736 2.01 -15.55 6.10
CA PHE B 736 1.42 -15.23 4.80
C PHE B 736 1.37 -13.72 4.56
C1 NAG C . 11.11 0.39 -37.92
C2 NAG C . 11.18 -0.05 -39.38
C3 NAG C . 10.13 -1.15 -39.55
C4 NAG C . 10.43 -2.33 -38.63
C5 NAG C . 10.65 -1.87 -37.19
C6 NAG C . 11.26 -2.93 -36.30
C7 NAG C . 11.86 1.75 -40.93
C8 NAG C . 11.36 2.76 -41.93
N2 NAG C . 10.90 1.06 -40.29
O3 NAG C . 10.13 -1.57 -40.92
O4 NAG C . 9.32 -3.22 -38.62
O5 NAG C . 11.54 -0.73 -37.14
O6 NAG C . 11.46 -2.47 -34.98
O7 NAG C . 13.05 1.59 -40.72
C1 NAG C . 9.35 -4.37 -39.48
C2 NAG C . 8.61 -5.50 -38.75
C3 NAG C . 8.39 -6.69 -39.68
C4 NAG C . 7.72 -6.24 -40.97
C5 NAG C . 8.55 -5.15 -41.64
C6 NAG C . 7.92 -4.58 -42.89
C7 NAG C . 8.87 -6.27 -36.41
C8 NAG C . 9.86 -6.58 -35.32
N2 NAG C . 9.41 -5.90 -37.59
O3 NAG C . 7.59 -7.67 -39.03
O4 NAG C . 7.56 -7.35 -41.85
O5 NAG C . 8.72 -4.05 -40.73
O6 NAG C . 8.74 -3.59 -43.48
O7 NAG C . 7.67 -6.35 -36.23
C1 NAG D . 28.68 16.07 -33.24
C2 NAG D . 29.76 17.09 -33.58
C3 NAG D . 29.50 17.57 -35.01
C4 NAG D . 29.48 16.39 -35.99
C5 NAG D . 28.50 15.31 -35.51
C6 NAG D . 28.56 14.03 -36.31
C7 NAG D . 30.50 18.31 -31.55
C8 NAG D . 30.33 19.57 -30.74
N2 NAG D . 29.73 18.21 -32.65
O3 NAG D . 30.51 18.49 -35.38
O4 NAG D . 29.05 16.85 -37.27
O5 NAG D . 28.78 14.96 -34.15
O6 NAG D . 29.73 13.28 -36.08
O7 NAG D . 31.29 17.43 -31.23
C1 NAG D . 30.00 16.92 -38.33
C2 NAG D . 29.23 16.87 -39.66
C3 NAG D . 30.24 16.99 -40.81
C4 NAG D . 31.06 18.27 -40.68
C5 NAG D . 31.71 18.33 -39.30
C6 NAG D . 32.39 19.65 -39.02
C7 NAG D . 27.14 15.56 -39.57
C8 NAG D . 26.52 14.21 -39.80
N2 NAG D . 28.47 15.63 -39.77
O3 NAG D . 29.53 17.00 -42.05
O4 NAG D . 32.06 18.29 -41.68
O5 NAG D . 30.73 18.15 -38.27
O6 NAG D . 32.99 19.68 -37.74
O7 NAG D . 26.46 16.52 -39.22
C1 NAG E . 0.10 24.45 -29.13
C2 NAG E . -1.30 24.25 -29.71
C3 NAG E . -1.13 23.94 -31.20
C4 NAG E . -0.39 25.07 -31.93
C5 NAG E . 0.89 25.45 -31.19
C6 NAG E . 1.50 26.76 -31.66
C7 NAG E . -2.80 23.32 -27.98
C8 NAG E . -3.37 22.06 -27.41
N2 NAG E . -1.98 23.16 -29.03
O3 NAG E . -2.40 23.73 -31.80
O4 NAG E . -0.05 24.60 -33.23
O5 NAG E . 0.65 25.61 -29.78
O6 NAG E . 0.77 27.89 -31.20
O7 NAG E . -3.06 24.42 -27.52
C1 NAG E . -0.48 25.32 -34.38
C2 NAG E . 0.35 24.86 -35.58
C3 NAG E . -0.13 25.59 -36.83
C4 NAG E . -1.62 25.36 -37.05
C5 NAG E . -2.41 25.74 -35.80
C6 NAG E . -3.88 25.40 -35.88
C7 NAG E . 2.61 24.15 -34.89
C8 NAG E . 4.06 24.54 -34.85
N2 NAG E . 1.76 25.08 -35.36
O3 NAG E . 0.60 25.12 -37.96
O4 NAG E . -2.06 26.14 -38.16
O5 NAG E . -1.87 25.06 -34.65
O6 NAG E . -4.10 23.99 -35.85
O7 NAG E . 2.23 23.05 -34.51
C1 NAG F . -1.42 3.51 38.97
C2 NAG F . -2.03 3.78 40.35
C3 NAG F . -3.53 3.94 40.13
C4 NAG F . -3.82 5.11 39.19
C5 NAG F . -2.99 4.99 37.91
C6 NAG F . -3.00 6.26 37.07
C7 NAG F . -0.79 2.70 42.21
C8 NAG F . -0.77 1.53 43.16
N2 NAG F . -1.76 2.67 41.27
O3 NAG F . -4.16 4.15 41.39
O4 NAG F . -5.20 5.08 38.80
O5 NAG F . -1.61 4.71 38.22
O6 NAG F . -2.22 6.11 35.89
O7 NAG F . 0.02 3.61 42.29
C1 NAG F . -6.14 5.90 39.50
C2 NAG F . -7.20 6.35 38.49
C3 NAG F . -8.35 7.05 39.20
C4 NAG F . -8.89 6.17 40.33
C5 NAG F . -7.77 5.81 41.30
C6 NAG F . -8.20 4.87 42.40
C7 NAG F . -6.86 7.32 36.24
C8 NAG F . -6.06 8.29 35.42
N2 NAG F . -6.56 7.26 37.54
O3 NAG F . -9.39 7.35 38.28
O4 NAG F . -9.94 6.86 41.01
O5 NAG F . -6.71 5.15 40.58
O6 NAG F . -7.13 4.59 43.28
O7 NAG F . -7.75 6.62 35.74
C1 NAG G . 8.16 -21.16 30.30
C2 NAG G . 6.92 -22.04 30.48
C3 NAG G . 6.42 -21.81 31.91
C4 NAG G . 7.49 -22.13 32.94
C5 NAG G . 8.81 -21.42 32.60
C6 NAG G . 9.99 -21.91 33.42
C7 NAG G . 5.62 -22.39 28.40
C8 NAG G . 4.48 -21.87 27.57
N2 NAG G . 5.90 -21.68 29.51
O3 NAG G . 5.25 -22.60 32.14
O4 NAG G . 7.03 -21.65 34.21
O5 NAG G . 9.15 -21.62 31.22
O6 NAG G . 10.34 -23.25 33.08
O7 NAG G . 6.25 -23.38 28.09
C1 NAG G . 6.95 -22.55 35.31
C2 NAG G . 6.79 -21.70 36.58
C3 NAG G . 6.62 -22.64 37.78
C4 NAG G . 5.47 -23.62 37.55
C5 NAG G . 5.67 -24.38 36.24
C6 NAG G . 4.51 -25.27 35.86
C7 NAG G . 8.03 -19.58 36.28
C8 NAG G . 9.29 -18.84 36.61
N2 NAG G . 7.94 -20.83 36.77
O3 NAG G . 6.37 -21.87 38.95
O4 NAG G . 5.42 -24.55 38.64
O5 NAG G . 5.85 -23.44 35.16
O6 NAG G . 3.39 -24.53 35.40
O7 NAG G . 7.12 -19.07 35.62
PA ZAN H . 14.49 7.68 -20.62
PB ZAN H . 15.14 4.84 -20.12
PG ZAN H . 12.60 3.42 -20.54
O1A ZAN H . 13.22 8.31 -21.30
O1B ZAN H . 15.63 5.24 -18.81
O1G ZAN H . 12.24 4.45 -21.56
O2A ZAN H . 14.48 7.98 -19.20
O2B ZAN H . 16.36 4.34 -21.00
O2G ZAN H . 11.71 3.48 -19.29
N3A ZAN H . 14.43 6.07 -20.92
O3B ZAN H . 14.10 3.62 -20.02
O3G ZAN H . 12.56 1.99 -21.08
O5' ZAN H . 15.76 8.25 -21.35
C5' ZAN H . 16.94 8.65 -20.62
C4' ZAN H . 18.16 8.20 -21.38
O4' ZAN H . 18.20 8.85 -22.66
C3' ZAN H . 19.50 8.56 -20.74
O3' ZAN H . 19.88 7.63 -19.73
C2' ZAN H . 20.45 8.58 -21.94
O2' ZAN H . 21.04 7.31 -22.22
C1' ZAN H . 19.54 9.06 -23.08
N9 ZAN H . 19.70 10.46 -23.45
C8 ZAN H . 19.56 11.56 -22.64
N7 ZAN H . 19.78 12.70 -23.24
C5 ZAN H . 20.10 12.34 -24.54
C6 ZAN H . 20.43 13.09 -25.68
N6 ZAN H . 20.55 14.42 -25.68
N1 ZAN H . 20.67 12.41 -26.84
C2 ZAN H . 20.57 11.08 -26.83
N3 ZAN H . 20.28 10.26 -25.81
C4 ZAN H . 20.05 10.95 -24.68
ZN ZN I . 13.91 10.70 -17.89
ZN ZN J . 14.42 6.64 -17.45
CA CA K . -10.85 21.13 -33.32
C1 NAG L . 13.48 29.24 -38.35
C2 NAG L . 12.29 29.82 -37.59
C3 NAG L . 11.80 31.07 -38.31
C4 NAG L . 12.92 32.08 -38.50
C5 NAG L . 14.11 31.42 -39.21
C6 NAG L . 15.33 32.31 -39.28
C7 NAG L . 11.01 28.09 -36.39
C8 NAG L . 9.90 27.07 -36.51
N2 NAG L . 11.22 28.83 -37.49
O3 NAG L . 10.74 31.67 -37.56
O4 NAG L . 12.45 33.19 -39.25
O5 NAG L . 14.50 30.23 -38.50
O6 NAG L . 15.16 33.39 -40.18
O7 NAG L . 11.66 28.21 -35.36
PA ZAN M . 10.46 2.02 23.85
PB ZAN M . 8.40 4.14 23.75
PG ZAN M . 5.75 3.28 22.88
O1A ZAN M . 10.65 2.23 22.30
O1B ZAN M . 8.09 5.36 24.48
O1G ZAN M . 4.68 3.31 23.98
O2A ZAN M . 9.74 0.78 24.06
O2B ZAN M . 8.82 4.54 22.28
O2G ZAN M . 5.74 4.64 22.17
N3A ZAN M . 9.64 3.31 24.42
O3B ZAN M . 7.15 3.16 23.63
O3G ZAN M . 5.56 2.13 21.93
O5' ZAN M . 11.91 2.09 24.45
C5' ZAN M . 12.22 1.99 25.86
C4' ZAN M . 12.40 3.35 26.47
O4' ZAN M . 12.90 3.23 27.81
C3' ZAN M . 13.36 4.31 25.77
O3' ZAN M . 12.90 5.66 25.82
C2' ZAN M . 14.68 4.09 26.50
O2' ZAN M . 15.48 5.26 26.52
C1' ZAN M . 14.23 3.71 27.91
N9 ZAN M . 15.04 2.68 28.57
C8 ZAN M . 15.83 1.74 27.95
N7 ZAN M . 16.46 0.95 28.78
C5 ZAN M . 16.05 1.39 30.03
C6 ZAN M . 16.37 0.97 31.34
N6 ZAN M . 17.22 -0.02 31.61
N1 ZAN M . 15.79 1.62 32.37
C2 ZAN M . 14.95 2.63 32.10
N3 ZAN M . 14.59 3.13 30.92
C4 ZAN M . 15.18 2.45 29.91
ZN ZN N . 12.05 -0.18 21.62
ZN ZN O . 10.09 2.74 20.52
CA CA P . -2.69 -26.03 31.28
C1 NAG Q . -29.43 -45.07 27.52
C2 NAG Q . -30.56 -46.08 27.31
C3 NAG Q . -31.16 -46.40 28.68
C4 NAG Q . -30.06 -46.91 29.64
C5 NAG Q . -28.93 -45.89 29.74
C6 NAG Q . -27.74 -46.40 30.53
C7 NAG Q . -31.67 -45.84 25.12
C8 NAG Q . -32.81 -45.20 24.37
N2 NAG Q . -31.58 -45.55 26.43
O3 NAG Q . -32.17 -47.38 28.56
O4 NAG Q . -30.63 -47.14 30.92
O5 NAG Q . -28.44 -45.57 28.43
O6 NAG Q . -28.03 -46.50 31.92
O7 NAG Q . -30.87 -46.58 24.56
C1 NAG R . -22.53 -48.40 0.00
C2 NAG R . -22.57 -48.57 -1.51
C3 NAG R . -23.26 -49.89 -1.82
C4 NAG R . -22.57 -51.05 -1.10
C5 NAG R . -22.50 -50.77 0.41
C6 NAG R . -21.70 -51.80 1.17
C7 NAG R . -22.69 -46.47 -2.83
C8 NAG R . -23.59 -45.39 -3.34
N2 NAG R . -23.29 -47.46 -2.14
O3 NAG R . -23.24 -50.13 -3.23
O4 NAG R . -23.28 -52.26 -1.34
O5 NAG R . -21.88 -49.50 0.64
O6 NAG R . -22.39 -53.03 1.30
O7 NAG R . -21.48 -46.45 -3.04
#